data_7W62
#
_entry.id   7W62
#
_cell.length_a   96.210
_cell.length_b   168.300
_cell.length_c   170.249
_cell.angle_alpha   90.000
_cell.angle_beta   90.000
_cell.angle_gamma   90.000
#
_symmetry.space_group_name_H-M   'P 21 21 21'
#
loop_
_entity.id
_entity.type
_entity.pdbx_description
1 polymer lectin
2 branched alpha-D-mannopyranose-(1-2)-alpha-D-mannopyranose-(1-2)-alpha-D-mannopyranose-(1-2)-alpha-D-mannopyranose
3 branched alpha-D-mannopyranose-(1-2)-alpha-D-mannopyranose-(1-2)-alpha-D-mannopyranose
4 non-polymer 1,2-ETHANEDIOL
5 water water
#
_entity_poly.entity_id   1
_entity_poly.type   'polypeptide(L)'
_entity_poly.pdbx_seq_one_letter_code
;MAQNDNYIYSTEVGGVGGTPFTFMQESGTITSIKFNWSDQYKLLHHIEVKFINNANIYATGDPKGNHEVILEIDDDETII
GSVIGYKKGNDGRCTGVKLTTSKGKSIMAGYFEESLITTYTGKLAGIKGGAGSDIDRLGLIFLKK
;
_entity_poly.pdbx_strand_id   B,G,A,D,E,F,C,H,I,J,K,L,M,N
#
loop_
_chem_comp.id
_chem_comp.type
_chem_comp.name
_chem_comp.formula
EDO non-polymer 1,2-ETHANEDIOL 'C2 H6 O2'
MAN D-saccharide, alpha linking alpha-D-mannopyranose 'C6 H12 O6'
#
# COMPACT_ATOMS: atom_id res chain seq x y z
N ASP A 5 -33.03 30.22 18.11
CA ASP A 5 -33.64 30.34 16.78
C ASP A 5 -34.45 29.07 16.48
N ASN A 6 -34.73 28.84 15.20
CA ASN A 6 -35.28 27.58 14.63
C ASN A 6 -34.11 26.75 14.03
N TYR A 7 -32.89 27.11 14.36
CA TYR A 7 -31.65 26.80 13.60
C TYR A 7 -30.56 26.26 14.53
N ILE A 8 -29.76 25.33 14.01
CA ILE A 8 -28.52 24.81 14.63
C ILE A 8 -27.34 25.34 13.81
N TYR A 9 -26.42 26.05 14.46
CA TYR A 9 -25.24 26.66 13.84
C TYR A 9 -24.05 25.75 14.10
N SER A 10 -23.56 25.10 13.05
CA SER A 10 -22.34 24.29 13.11
C SER A 10 -21.16 25.24 13.25
N THR A 11 -20.06 24.79 13.88
CA THR A 11 -18.82 25.57 14.03
C THR A 11 -18.32 26.02 12.66
N GLU A 12 -17.99 27.31 12.54
CA GLU A 12 -17.30 27.86 11.38
C GLU A 12 -15.85 27.45 11.48
N VAL A 13 -15.33 26.72 10.51
CA VAL A 13 -13.92 26.23 10.59
C VAL A 13 -13.12 26.96 9.52
N GLY A 14 -11.85 27.21 9.80
CA GLY A 14 -10.91 27.94 8.94
C GLY A 14 -10.38 29.17 9.66
N GLY A 15 -10.04 30.23 8.92
CA GLY A 15 -9.41 31.42 9.47
C GLY A 15 -10.38 32.59 9.64
N VAL A 16 -9.86 33.74 10.09
CA VAL A 16 -10.67 34.94 10.46
C VAL A 16 -10.77 35.89 9.26
N GLY A 17 -10.11 35.58 8.14
CA GLY A 17 -9.99 36.49 6.98
C GLY A 17 -11.24 36.56 6.13
N GLY A 18 -11.15 37.33 5.04
CA GLY A 18 -12.21 37.49 4.02
C GLY A 18 -13.38 38.31 4.52
N THR A 19 -14.42 38.43 3.71
CA THR A 19 -15.65 39.19 3.99
C THR A 19 -16.70 38.23 4.53
N PRO A 20 -17.30 38.49 5.70
CA PRO A 20 -18.38 37.68 6.22
C PRO A 20 -19.55 37.52 5.25
N PHE A 21 -20.18 36.36 5.27
CA PHE A 21 -21.44 36.06 4.53
C PHE A 21 -22.33 35.23 5.45
N THR A 22 -23.64 35.44 5.32
CA THR A 22 -24.69 34.55 5.88
C THR A 22 -25.72 34.38 4.78
N PHE A 23 -25.93 33.15 4.31
CA PHE A 23 -26.96 32.78 3.33
C PHE A 23 -28.00 31.93 4.04
N MET A 24 -29.14 32.55 4.35
CA MET A 24 -30.36 31.92 4.94
C MET A 24 -31.58 32.66 4.38
N GLN A 25 -32.70 31.96 4.26
CA GLN A 25 -34.00 32.52 3.79
C GLN A 25 -35.09 31.94 4.69
N GLU A 26 -35.87 32.82 5.32
CA GLU A 26 -37.02 32.44 6.21
C GLU A 26 -37.90 31.41 5.47
N SER A 27 -38.27 30.34 6.19
CA SER A 27 -39.12 29.19 5.73
C SER A 27 -38.49 28.47 4.53
N GLY A 28 -37.21 28.71 4.23
CA GLY A 28 -36.51 28.19 3.04
C GLY A 28 -35.38 27.24 3.43
N THR A 29 -35.07 26.27 2.59
CA THR A 29 -33.91 25.37 2.77
C THR A 29 -33.11 25.36 1.46
N ILE A 30 -31.85 24.92 1.53
CA ILE A 30 -30.95 24.89 0.35
C ILE A 30 -31.43 23.76 -0.58
N THR A 31 -31.68 24.11 -1.84
CA THR A 31 -32.10 23.15 -2.89
C THR A 31 -30.87 22.78 -3.76
N SER A 32 -29.84 23.62 -3.75
CA SER A 32 -28.65 23.42 -4.58
C SER A 32 -27.45 24.10 -3.95
N ILE A 33 -26.28 23.44 -3.96
CA ILE A 33 -25.04 24.02 -3.42
C ILE A 33 -23.89 23.60 -4.35
N LYS A 34 -23.02 24.56 -4.66
CA LYS A 34 -21.89 24.35 -5.60
C LYS A 34 -20.62 24.79 -4.90
N PHE A 35 -19.60 23.96 -4.94
CA PHE A 35 -18.27 24.23 -4.36
C PHE A 35 -17.25 24.24 -5.49
N ASN A 36 -16.46 25.31 -5.56
CA ASN A 36 -15.35 25.47 -6.52
C ASN A 36 -14.05 25.32 -5.75
N TRP A 37 -13.08 24.58 -6.27
CA TRP A 37 -11.76 24.41 -5.63
C TRP A 37 -10.66 24.27 -6.69
N SER A 38 -9.40 24.41 -6.26
CA SER A 38 -8.22 24.31 -7.17
C SER A 38 -7.30 23.19 -6.71
N ASP A 39 -6.63 22.55 -7.66
CA ASP A 39 -5.46 21.69 -7.40
C ASP A 39 -4.25 22.58 -7.08
N GLN A 40 -4.18 23.76 -7.64
CA GLN A 40 -3.02 24.67 -7.46
C GLN A 40 -2.86 25.02 -5.96
N TYR A 41 -3.95 25.44 -5.32
CA TYR A 41 -3.92 25.91 -3.92
C TYR A 41 -4.50 24.88 -2.95
N LYS A 42 -5.14 23.83 -3.44
CA LYS A 42 -5.76 22.79 -2.58
C LYS A 42 -6.69 23.46 -1.56
N LEU A 43 -7.44 24.47 -1.99
CA LEU A 43 -8.42 25.24 -1.18
C LEU A 43 -9.77 25.28 -1.89
N LEU A 44 -10.89 25.44 -1.15
CA LEU A 44 -12.15 25.95 -1.73
C LEU A 44 -11.98 27.45 -1.99
N HIS A 45 -12.50 27.92 -3.14
CA HIS A 45 -12.41 29.34 -3.55
C HIS A 45 -13.78 30.01 -3.56
N HIS A 46 -14.84 29.27 -3.84
CA HIS A 46 -16.16 29.85 -4.18
C HIS A 46 -17.27 28.87 -3.85
N ILE A 47 -18.36 29.38 -3.33
CA ILE A 47 -19.60 28.61 -3.01
C ILE A 47 -20.79 29.38 -3.56
N GLU A 48 -21.72 28.67 -4.19
CA GLU A 48 -23.04 29.21 -4.60
C GLU A 48 -24.13 28.33 -3.98
N VAL A 49 -25.21 28.97 -3.57
CA VAL A 49 -26.36 28.31 -2.93
C VAL A 49 -27.63 28.82 -3.63
N LYS A 50 -28.61 27.96 -3.85
CA LYS A 50 -30.00 28.34 -4.18
C LYS A 50 -30.91 27.77 -3.10
N PHE A 51 -32.00 28.48 -2.81
CA PHE A 51 -33.06 28.09 -1.84
C PHE A 51 -34.33 27.73 -2.61
N ILE A 52 -35.17 26.86 -2.05
CA ILE A 52 -36.50 26.49 -2.61
C ILE A 52 -37.29 27.79 -2.84
N ASN A 53 -38.06 27.88 -3.93
CA ASN A 53 -38.98 29.01 -4.25
C ASN A 53 -38.20 30.33 -4.38
N ASN A 54 -36.99 30.29 -4.93
CA ASN A 54 -36.12 31.50 -5.04
C ASN A 54 -35.12 31.25 -6.17
N ALA A 55 -35.22 32.02 -7.25
CA ALA A 55 -34.42 31.84 -8.47
C ALA A 55 -33.05 32.49 -8.29
N ASN A 56 -32.85 33.28 -7.22
CA ASN A 56 -31.56 34.00 -6.98
C ASN A 56 -30.45 33.01 -6.63
N ILE A 57 -29.25 33.23 -7.17
CA ILE A 57 -28.01 32.51 -6.79
C ILE A 57 -27.26 33.38 -5.78
N TYR A 58 -27.00 32.85 -4.59
CA TYR A 58 -26.19 33.48 -3.52
C TYR A 58 -24.78 32.92 -3.59
N ALA A 59 -23.81 33.78 -3.90
CA ALA A 59 -22.43 33.40 -4.21
C ALA A 59 -21.46 34.15 -3.31
N THR A 60 -20.35 33.53 -2.95
CA THR A 60 -19.28 34.17 -2.18
C THR A 60 -17.95 33.56 -2.65
N GLY A 61 -16.89 34.35 -2.58
CA GLY A 61 -15.54 33.92 -2.97
C GLY A 61 -15.28 34.26 -4.43
N ASP A 62 -14.23 33.68 -5.00
CA ASP A 62 -13.75 33.95 -6.37
C ASP A 62 -13.72 32.61 -7.10
N PRO A 63 -14.52 32.41 -8.17
CA PRO A 63 -14.64 31.09 -8.82
C PRO A 63 -13.46 30.75 -9.72
N LYS A 64 -12.24 30.74 -9.19
CA LYS A 64 -11.01 30.63 -9.97
C LYS A 64 -10.48 29.20 -9.98
N GLY A 65 -11.08 28.29 -9.21
CA GLY A 65 -10.64 26.88 -9.18
C GLY A 65 -10.91 26.16 -10.51
N ASN A 66 -10.20 25.07 -10.77
CA ASN A 66 -10.32 24.24 -11.99
C ASN A 66 -11.37 23.13 -11.79
N HIS A 67 -12.00 23.01 -10.61
CA HIS A 67 -13.04 21.98 -10.36
C HIS A 67 -14.26 22.61 -9.70
N GLU A 68 -15.44 22.07 -9.98
CA GLU A 68 -16.64 22.39 -9.19
C GLU A 68 -17.47 21.11 -9.02
N VAL A 69 -18.24 21.04 -7.95
CA VAL A 69 -19.26 19.98 -7.73
C VAL A 69 -20.55 20.67 -7.31
N ILE A 70 -21.66 20.11 -7.78
CA ILE A 70 -23.01 20.58 -7.42
C ILE A 70 -23.71 19.42 -6.74
N LEU A 71 -24.38 19.70 -5.62
CA LEU A 71 -25.35 18.78 -5.02
C LEU A 71 -26.73 19.41 -5.14
N GLU A 72 -27.67 18.71 -5.76
CA GLU A 72 -29.10 19.11 -5.73
C GLU A 72 -29.77 18.27 -4.64
N ILE A 73 -30.63 18.91 -3.86
CA ILE A 73 -31.24 18.33 -2.63
C ILE A 73 -32.75 18.36 -2.82
N ASP A 74 -33.40 17.20 -2.83
CA ASP A 74 -34.89 17.07 -2.92
C ASP A 74 -35.45 17.75 -1.66
N ASP A 75 -36.70 18.17 -1.70
CA ASP A 75 -37.36 18.93 -0.59
C ASP A 75 -37.34 18.11 0.71
N ASP A 76 -37.51 16.78 0.63
CA ASP A 76 -37.59 15.90 1.84
C ASP A 76 -36.19 15.35 2.19
N GLU A 77 -35.11 15.77 1.50
CA GLU A 77 -33.76 15.17 1.62
C GLU A 77 -32.93 15.91 2.67
N THR A 78 -32.38 15.17 3.64
CA THR A 78 -31.56 15.74 4.75
C THR A 78 -30.10 15.33 4.55
N ILE A 79 -29.19 16.02 5.23
CA ILE A 79 -27.75 15.64 5.33
C ILE A 79 -27.59 14.68 6.51
N ILE A 80 -27.08 13.47 6.28
CA ILE A 80 -26.89 12.44 7.35
C ILE A 80 -25.39 12.32 7.68
N GLY A 81 -24.51 12.90 6.88
CA GLY A 81 -23.06 12.89 7.14
C GLY A 81 -22.42 14.09 6.51
N SER A 82 -21.54 14.77 7.22
CA SER A 82 -20.95 16.05 6.78
C SER A 82 -19.56 16.21 7.36
N VAL A 83 -18.56 16.35 6.51
CA VAL A 83 -17.15 16.59 6.91
C VAL A 83 -16.64 17.80 6.15
N ILE A 84 -16.06 18.77 6.86
CA ILE A 84 -15.36 19.92 6.25
C ILE A 84 -13.89 19.79 6.58
N GLY A 85 -13.05 19.78 5.54
CA GLY A 85 -11.59 19.87 5.64
C GLY A 85 -11.17 21.33 5.71
N TYR A 86 -10.21 21.65 6.57
CA TYR A 86 -9.71 23.04 6.75
C TYR A 86 -8.28 23.05 7.23
N LYS A 87 -7.64 24.21 7.03
CA LYS A 87 -6.39 24.60 7.69
C LYS A 87 -6.78 25.46 8.89
N LYS A 88 -6.29 25.09 10.07
CA LYS A 88 -6.64 25.73 11.36
C LYS A 88 -5.81 26.99 11.55
N GLY A 89 -6.20 27.79 12.55
CA GLY A 89 -5.48 29.04 12.93
C GLY A 89 -6.12 30.26 12.29
N ASN A 90 -5.67 31.44 12.71
CA ASN A 90 -6.22 32.76 12.28
C ASN A 90 -6.10 32.90 10.77
N ASP A 91 -4.99 32.42 10.18
CA ASP A 91 -4.76 32.49 8.72
C ASP A 91 -5.28 31.20 8.05
N GLY A 92 -6.25 30.52 8.65
CA GLY A 92 -6.82 29.27 8.11
C GLY A 92 -7.68 29.47 6.86
N ARG A 93 -8.12 28.36 6.28
CA ARG A 93 -8.92 28.28 5.02
C ARG A 93 -9.77 27.01 5.06
N CYS A 94 -10.89 26.94 4.36
CA CYS A 94 -11.56 25.65 4.05
C CYS A 94 -10.94 25.01 2.82
N THR A 95 -10.62 23.73 2.91
CA THR A 95 -9.89 22.96 1.89
C THR A 95 -10.83 21.98 1.19
N GLY A 96 -11.92 21.54 1.85
CA GLY A 96 -12.76 20.45 1.32
C GLY A 96 -14.09 20.32 2.03
N VAL A 97 -15.05 19.71 1.36
CA VAL A 97 -16.37 19.35 1.96
C VAL A 97 -16.82 18.01 1.38
N LYS A 98 -17.32 17.14 2.24
CA LYS A 98 -17.95 15.86 1.88
C LYS A 98 -19.35 15.89 2.51
N LEU A 99 -20.41 15.68 1.73
CA LEU A 99 -21.80 15.58 2.23
C LEU A 99 -22.39 14.25 1.78
N THR A 100 -23.15 13.58 2.65
CA THR A 100 -23.94 12.38 2.33
C THR A 100 -25.39 12.65 2.75
N THR A 101 -26.37 12.31 1.90
CA THR A 101 -27.79 12.63 2.14
C THR A 101 -28.59 11.39 2.58
N SER A 102 -29.80 11.63 3.07
CA SER A 102 -30.80 10.59 3.44
C SER A 102 -31.20 9.77 2.22
N LYS A 103 -30.89 10.19 0.99
CA LYS A 103 -31.25 9.40 -0.23
C LYS A 103 -30.00 8.74 -0.80
N GLY A 104 -28.90 8.68 -0.04
CA GLY A 104 -27.67 7.99 -0.49
C GLY A 104 -26.89 8.76 -1.53
N LYS A 105 -27.19 10.04 -1.74
CA LYS A 105 -26.39 10.92 -2.63
C LYS A 105 -25.16 11.39 -1.85
N SER A 106 -24.05 11.61 -2.53
CA SER A 106 -22.88 12.24 -1.87
C SER A 106 -22.10 13.13 -2.84
N ILE A 107 -21.39 14.11 -2.30
CA ILE A 107 -20.38 14.90 -3.04
C ILE A 107 -19.11 14.94 -2.22
N MET A 108 -18.01 15.10 -2.92
CA MET A 108 -16.69 15.31 -2.31
C MET A 108 -16.01 16.43 -3.10
N ALA A 109 -15.66 17.51 -2.44
CA ALA A 109 -14.97 18.66 -3.07
C ALA A 109 -13.67 18.90 -2.34
N GLY A 110 -12.57 19.06 -3.07
CA GLY A 110 -11.32 19.59 -2.51
C GLY A 110 -10.54 18.58 -1.75
N TYR A 111 -9.90 19.02 -0.66
CA TYR A 111 -8.78 18.30 -0.01
C TYR A 111 -9.05 18.23 1.49
N PHE A 112 -8.49 17.20 2.12
CA PHE A 112 -8.70 16.83 3.54
C PHE A 112 -7.36 16.42 4.13
N GLU A 113 -6.33 17.24 3.96
CA GLU A 113 -4.94 16.89 4.32
C GLU A 113 -4.59 17.42 5.70
N GLU A 114 -5.37 18.32 6.31
CA GLU A 114 -4.93 18.88 7.61
C GLU A 114 -5.95 18.60 8.72
N SER A 115 -6.98 19.42 8.85
CA SER A 115 -7.95 19.32 9.96
C SER A 115 -9.33 19.01 9.42
N LEU A 116 -10.21 18.44 10.22
CA LEU A 116 -11.56 17.97 9.80
C LEU A 116 -12.54 18.31 10.90
N ILE A 117 -13.76 18.65 10.53
CA ILE A 117 -14.94 18.65 11.44
C ILE A 117 -15.97 17.69 10.90
N THR A 118 -16.52 16.85 11.76
CA THR A 118 -17.76 16.09 11.49
C THR A 118 -18.88 16.85 12.16
N THR A 119 -19.78 17.42 11.36
CA THR A 119 -20.72 18.46 11.82
C THR A 119 -22.02 17.81 12.32
N TYR A 120 -22.85 18.64 12.93
CA TYR A 120 -24.28 18.34 13.12
C TYR A 120 -24.85 17.93 11.76
N THR A 121 -25.95 17.21 11.80
CA THR A 121 -26.69 16.71 10.63
C THR A 121 -28.12 17.23 10.71
N GLY A 122 -28.90 17.02 9.65
CA GLY A 122 -30.30 17.45 9.55
C GLY A 122 -30.56 18.10 8.21
N LYS A 123 -31.64 18.88 8.14
CA LYS A 123 -32.08 19.58 6.92
C LYS A 123 -31.21 20.83 6.75
N LEU A 124 -30.44 20.91 5.66
CA LEU A 124 -29.49 22.03 5.42
C LEU A 124 -30.28 23.30 5.08
N ALA A 125 -30.21 24.32 5.93
CA ALA A 125 -31.01 25.56 5.83
C ALA A 125 -30.14 26.69 5.29
N GLY A 126 -28.85 26.70 5.55
CA GLY A 126 -27.99 27.80 5.11
C GLY A 126 -26.53 27.58 5.38
N ILE A 127 -25.71 28.56 5.03
CA ILE A 127 -24.25 28.57 5.30
C ILE A 127 -23.85 29.96 5.77
N LYS A 128 -22.73 30.03 6.46
CA LYS A 128 -22.19 31.25 7.08
C LYS A 128 -20.68 31.12 7.02
N GLY A 129 -19.95 32.22 6.92
CA GLY A 129 -18.48 32.17 7.02
C GLY A 129 -17.85 33.45 6.54
N GLY A 130 -16.66 33.31 5.97
CA GLY A 130 -15.91 34.42 5.36
C GLY A 130 -15.20 33.96 4.10
N ALA A 131 -15.10 34.85 3.11
CA ALA A 131 -14.54 34.54 1.79
C ALA A 131 -13.93 35.79 1.16
N GLY A 132 -12.82 35.61 0.46
CA GLY A 132 -12.18 36.62 -0.41
C GLY A 132 -11.83 35.98 -1.74
N SER A 133 -10.55 35.77 -1.99
CA SER A 133 -10.02 34.90 -3.06
C SER A 133 -10.35 33.43 -2.78
N ASP A 134 -10.43 33.09 -1.50
CA ASP A 134 -10.78 31.70 -1.13
C ASP A 134 -11.86 31.69 -0.06
N ILE A 135 -12.30 30.50 0.29
CA ILE A 135 -13.23 30.34 1.44
C ILE A 135 -12.36 30.31 2.71
N ASP A 136 -12.34 31.41 3.45
CA ASP A 136 -11.54 31.54 4.70
C ASP A 136 -12.13 30.60 5.75
N ARG A 137 -13.46 30.60 5.88
CA ARG A 137 -14.12 29.78 6.91
C ARG A 137 -15.56 29.51 6.48
N LEU A 138 -16.07 28.37 6.93
CA LEU A 138 -17.42 27.87 6.56
C LEU A 138 -18.05 27.18 7.77
N GLY A 139 -19.31 27.51 8.02
CA GLY A 139 -20.17 26.77 8.95
C GLY A 139 -21.50 26.48 8.29
N LEU A 140 -22.04 25.30 8.54
CA LEU A 140 -23.35 24.89 7.99
C LEU A 140 -24.42 25.31 9.00
N ILE A 141 -25.65 25.45 8.53
CA ILE A 141 -26.82 25.82 9.35
C ILE A 141 -27.94 24.84 9.03
N PHE A 142 -28.53 24.21 10.05
CA PHE A 142 -29.57 23.19 9.91
C PHE A 142 -30.86 23.67 10.59
N LEU A 143 -32.03 23.15 10.21
CA LEU A 143 -33.31 23.29 10.96
C LEU A 143 -33.25 22.44 12.23
N LYS A 144 -33.89 22.88 13.34
CA LYS A 144 -33.90 22.14 14.63
C LYS A 144 -34.76 20.87 14.54
N ASP B 5 -23.10 7.62 41.35
CA ASP B 5 -23.35 9.03 40.92
C ASP B 5 -24.44 9.04 39.83
N ASN B 6 -24.45 10.08 39.00
CA ASN B 6 -25.19 10.16 37.71
C ASN B 6 -24.25 9.78 36.55
N TYR B 7 -23.02 9.36 36.86
CA TYR B 7 -21.89 9.34 35.91
C TYR B 7 -21.18 7.98 35.94
N ILE B 8 -20.70 7.54 34.77
CA ILE B 8 -19.79 6.37 34.60
C ILE B 8 -18.43 6.93 34.19
N TYR B 9 -17.40 6.62 34.95
CA TYR B 9 -16.01 7.09 34.71
C TYR B 9 -15.27 5.96 33.99
N SER B 10 -14.94 6.17 32.73
CA SER B 10 -14.07 5.25 31.96
C SER B 10 -12.65 5.43 32.48
N THR B 11 -11.84 4.38 32.40
CA THR B 11 -10.43 4.37 32.85
C THR B 11 -9.67 5.51 32.16
N GLU B 12 -8.93 6.28 32.95
CA GLU B 12 -7.97 7.26 32.42
C GLU B 12 -6.77 6.49 31.93
N VAL B 13 -6.44 6.57 30.65
CA VAL B 13 -5.32 5.77 30.10
C VAL B 13 -4.17 6.73 29.75
N GLY B 14 -2.95 6.29 29.95
CA GLY B 14 -1.74 7.09 29.73
C GLY B 14 -0.91 7.17 31.00
N GLY B 15 -0.13 8.23 31.17
CA GLY B 15 0.83 8.38 32.28
C GLY B 15 0.32 9.28 33.39
N VAL B 16 1.16 9.50 34.39
CA VAL B 16 0.79 10.23 35.65
C VAL B 16 1.17 11.71 35.51
N GLY B 17 1.79 12.12 34.40
CA GLY B 17 2.33 13.47 34.21
C GLY B 17 1.27 14.53 33.93
N GLY B 18 1.72 15.76 33.72
CA GLY B 18 0.88 16.91 33.36
C GLY B 18 0.00 17.40 34.50
N THR B 19 -0.82 18.40 34.22
CA THR B 19 -1.72 19.07 35.16
C THR B 19 -3.11 18.45 35.04
N PRO B 20 -3.71 18.02 36.15
CA PRO B 20 -5.06 17.45 36.13
C PRO B 20 -6.10 18.39 35.53
N PHE B 21 -7.10 17.81 34.88
CA PHE B 21 -8.33 18.51 34.43
C PHE B 21 -9.53 17.58 34.64
N THR B 22 -10.66 18.17 34.98
CA THR B 22 -11.99 17.54 34.96
C THR B 22 -12.95 18.54 34.34
N PHE B 23 -13.50 18.22 33.18
CA PHE B 23 -14.48 19.05 32.46
C PHE B 23 -15.80 18.31 32.46
N MET B 24 -16.72 18.77 33.31
CA MET B 24 -18.11 18.27 33.46
C MET B 24 -19.00 19.44 33.85
N GLN B 25 -20.29 19.42 33.47
CA GLN B 25 -21.28 20.47 33.79
C GLN B 25 -22.58 19.79 34.18
N GLU B 26 -23.10 20.10 35.36
CA GLU B 26 -24.41 19.64 35.88
C GLU B 26 -25.48 19.83 34.79
N SER B 27 -26.29 18.78 34.56
CA SER B 27 -27.43 18.72 33.59
C SER B 27 -26.94 18.96 32.16
N GLY B 28 -25.62 18.90 31.91
CA GLY B 28 -24.98 19.21 30.62
C GLY B 28 -24.32 18.00 30.01
N THR B 29 -24.24 17.95 28.68
CA THR B 29 -23.47 16.91 27.95
C THR B 29 -22.57 17.62 26.95
N ILE B 30 -21.56 16.92 26.45
CA ILE B 30 -20.61 17.49 25.47
C ILE B 30 -21.34 17.64 24.14
N THR B 31 -21.30 18.85 23.59
CA THR B 31 -21.91 19.18 22.27
C THR B 31 -20.80 19.22 21.21
N SER B 32 -19.55 19.38 21.63
CA SER B 32 -18.42 19.49 20.71
C SER B 32 -17.13 19.06 21.40
N ILE B 33 -16.27 18.31 20.70
CA ILE B 33 -14.96 17.89 21.24
C ILE B 33 -13.94 17.99 20.10
N LYS B 34 -12.78 18.56 20.41
CA LYS B 34 -11.70 18.79 19.44
C LYS B 34 -10.42 18.15 19.98
N PHE B 35 -9.74 17.38 19.14
CA PHE B 35 -8.45 16.74 19.47
C PHE B 35 -7.39 17.31 18.53
N ASN B 36 -6.28 17.77 19.09
CA ASN B 36 -5.09 18.26 18.35
C ASN B 36 -3.99 17.22 18.52
N TRP B 37 -3.29 16.87 17.46
CA TRP B 37 -2.17 15.89 17.52
C TRP B 37 -1.09 16.23 16.50
N SER B 38 0.08 15.62 16.63
CA SER B 38 1.25 15.85 15.76
C SER B 38 1.66 14.55 15.08
N ASP B 39 2.14 14.65 13.84
CA ASP B 39 2.89 13.56 13.18
C ASP B 39 4.30 13.48 13.78
N GLN B 40 4.86 14.62 14.23
CA GLN B 40 6.23 14.64 14.76
C GLN B 40 6.33 13.72 15.99
N TYR B 41 5.43 13.85 16.96
CA TYR B 41 5.49 13.12 18.25
C TYR B 41 4.51 11.92 18.26
N LYS B 42 3.58 11.84 17.31
CA LYS B 42 2.58 10.74 17.26
C LYS B 42 1.82 10.71 18.60
N LEU B 43 1.49 11.87 19.17
CA LEU B 43 0.76 12.04 20.46
C LEU B 43 -0.42 13.00 20.25
N LEU B 44 -1.46 12.91 21.08
CA LEU B 44 -2.41 14.03 21.29
C LEU B 44 -1.71 15.09 22.12
N HIS B 45 -1.91 16.37 21.81
CA HIS B 45 -1.31 17.51 22.54
C HIS B 45 -2.36 18.35 23.27
N HIS B 46 -3.58 18.42 22.75
CA HIS B 46 -4.57 19.42 23.20
C HIS B 46 -5.98 18.91 22.94
N ILE B 47 -6.89 19.17 23.88
CA ILE B 47 -8.33 18.82 23.77
C ILE B 47 -9.14 20.03 24.18
N GLU B 48 -10.22 20.32 23.46
CA GLU B 48 -11.22 21.34 23.82
C GLU B 48 -12.59 20.66 23.81
N VAL B 49 -13.42 21.07 24.74
CA VAL B 49 -14.80 20.57 24.91
C VAL B 49 -15.74 21.77 25.06
N LYS B 50 -16.92 21.69 24.45
CA LYS B 50 -18.05 22.60 24.75
C LYS B 50 -19.21 21.76 25.23
N PHE B 51 -20.02 22.32 26.13
CA PHE B 51 -21.24 21.71 26.69
C PHE B 51 -22.47 22.44 26.15
N ILE B 52 -23.62 21.76 26.07
CA ILE B 52 -24.93 22.38 25.69
C ILE B 52 -25.19 23.56 26.63
N ASN B 53 -25.76 24.65 26.10
CA ASN B 53 -26.21 25.85 26.88
C ASN B 53 -25.01 26.50 27.58
N ASN B 54 -23.83 26.51 26.96
CA ASN B 54 -22.59 27.06 27.57
C ASN B 54 -21.63 27.42 26.45
N ALA B 55 -21.36 28.72 26.29
CA ALA B 55 -20.55 29.26 25.18
C ALA B 55 -19.06 29.07 25.47
N ASN B 56 -18.69 28.68 26.71
CA ASN B 56 -17.27 28.58 27.13
C ASN B 56 -16.63 27.37 26.45
N ILE B 57 -15.40 27.53 26.01
CA ILE B 57 -14.50 26.44 25.56
C ILE B 57 -13.62 26.03 26.74
N TYR B 58 -13.69 24.76 27.15
CA TYR B 58 -12.82 24.16 28.18
C TYR B 58 -11.70 23.43 27.44
N ALA B 59 -10.46 23.92 27.62
CA ALA B 59 -9.28 23.49 26.86
C ALA B 59 -8.19 23.02 27.85
N THR B 60 -7.39 22.06 27.42
CA THR B 60 -6.24 21.55 28.21
C THR B 60 -5.16 21.11 27.23
N GLY B 61 -3.92 21.26 27.63
CA GLY B 61 -2.75 20.86 26.82
C GLY B 61 -2.23 22.04 26.04
N ASP B 62 -1.40 21.77 25.05
CA ASP B 62 -0.69 22.80 24.24
C ASP B 62 -1.06 22.52 22.79
N PRO B 63 -1.77 23.43 22.08
CA PRO B 63 -2.25 23.15 20.72
C PRO B 63 -1.17 23.26 19.65
N LYS B 64 -0.09 22.48 19.77
CA LYS B 64 1.13 22.62 18.94
C LYS B 64 1.12 21.57 17.81
N GLY B 65 0.15 20.65 17.78
CA GLY B 65 0.07 19.64 16.72
C GLY B 65 -0.28 20.26 15.37
N ASN B 66 0.03 19.57 14.27
CA ASN B 66 -0.23 20.00 12.88
C ASN B 66 -1.61 19.52 12.42
N HIS B 67 -2.38 18.79 13.23
CA HIS B 67 -3.73 18.30 12.85
C HIS B 67 -4.72 18.58 13.97
N GLU B 68 -5.98 18.84 13.66
CA GLU B 68 -7.08 18.79 14.65
C GLU B 68 -8.31 18.16 14.00
N VAL B 69 -9.16 17.53 14.80
CA VAL B 69 -10.49 17.04 14.35
C VAL B 69 -11.51 17.47 15.37
N ILE B 70 -12.69 17.82 14.90
CA ILE B 70 -13.84 18.24 15.73
C ILE B 70 -14.96 17.25 15.47
N LEU B 71 -15.59 16.78 16.52
CA LEU B 71 -16.88 16.07 16.44
C LEU B 71 -17.94 16.93 17.09
N GLU B 72 -18.99 17.26 16.37
CA GLU B 72 -20.21 17.88 16.94
C GLU B 72 -21.23 16.77 17.19
N ILE B 73 -21.89 16.82 18.35
CA ILE B 73 -22.78 15.75 18.85
C ILE B 73 -24.17 16.35 19.05
N ASP B 74 -25.18 15.84 18.33
CA ASP B 74 -26.59 16.26 18.48
C ASP B 74 -26.99 15.92 19.92
N ASP B 75 -28.04 16.57 20.45
CA ASP B 75 -28.49 16.39 21.85
C ASP B 75 -28.87 14.92 22.12
N ASP B 76 -29.47 14.23 21.15
CA ASP B 76 -29.96 12.84 21.35
C ASP B 76 -28.88 11.83 20.89
N GLU B 77 -27.68 12.27 20.52
CA GLU B 77 -26.64 11.43 19.88
C GLU B 77 -25.71 10.85 20.96
N THR B 78 -25.52 9.53 20.96
CA THR B 78 -24.69 8.82 21.95
C THR B 78 -23.42 8.31 21.26
N ILE B 79 -22.41 7.97 22.05
CA ILE B 79 -21.19 7.26 21.58
C ILE B 79 -21.47 5.75 21.67
N ILE B 80 -21.37 5.03 20.54
CA ILE B 80 -21.63 3.56 20.49
C ILE B 80 -20.32 2.80 20.35
N GLY B 81 -19.22 3.49 20.08
CA GLY B 81 -17.90 2.86 19.90
C GLY B 81 -16.85 3.89 20.24
N SER B 82 -15.87 3.51 21.02
CA SER B 82 -14.83 4.45 21.54
C SER B 82 -13.56 3.68 21.79
N VAL B 83 -12.48 4.06 21.10
CA VAL B 83 -11.14 3.46 21.27
C VAL B 83 -10.15 4.59 21.53
N ILE B 84 -9.38 4.46 22.61
CA ILE B 84 -8.27 5.40 22.92
C ILE B 84 -6.97 4.62 22.79
N GLY B 85 -6.07 5.12 21.95
CA GLY B 85 -4.67 4.68 21.85
C GLY B 85 -3.83 5.40 22.86
N TYR B 86 -2.93 4.68 23.52
CA TYR B 86 -2.02 5.27 24.54
C TYR B 86 -0.73 4.47 24.65
N LYS B 87 0.27 5.14 25.23
CA LYS B 87 1.49 4.50 25.77
C LYS B 87 1.24 4.31 27.26
N LYS B 88 1.44 3.09 27.75
CA LYS B 88 1.19 2.71 29.16
C LYS B 88 2.40 3.06 30.01
N GLY B 89 2.22 2.99 31.33
CA GLY B 89 3.26 3.25 32.35
C GLY B 89 3.19 4.66 32.88
N ASN B 90 4.00 4.97 33.90
CA ASN B 90 4.03 6.30 34.57
C ASN B 90 4.34 7.40 33.57
N ASP B 91 5.24 7.12 32.62
CA ASP B 91 5.65 8.11 31.60
C ASP B 91 4.77 7.95 30.35
N GLY B 92 3.55 7.41 30.49
CA GLY B 92 2.62 7.24 29.36
C GLY B 92 2.03 8.54 28.80
N ARG B 93 1.29 8.41 27.71
CA ARG B 93 0.66 9.50 26.92
C ARG B 93 -0.57 8.95 26.22
N CYS B 94 -1.57 9.78 25.90
CA CYS B 94 -2.59 9.41 24.90
C CYS B 94 -2.08 9.74 23.50
N THR B 95 -2.22 8.77 22.59
CA THR B 95 -1.67 8.85 21.21
C THR B 95 -2.81 9.02 20.22
N GLY B 96 -4.04 8.60 20.54
CA GLY B 96 -5.11 8.57 19.54
C GLY B 96 -6.48 8.36 20.16
N VAL B 97 -7.51 8.77 19.44
CA VAL B 97 -8.91 8.51 19.82
C VAL B 97 -9.71 8.27 18.52
N LYS B 98 -10.57 7.25 18.57
CA LYS B 98 -11.59 6.98 17.53
C LYS B 98 -12.94 6.97 18.24
N LEU B 99 -13.91 7.74 17.77
CA LEU B 99 -15.30 7.73 18.30
C LEU B 99 -16.27 7.44 17.17
N THR B 100 -17.29 6.63 17.42
CA THR B 100 -18.43 6.36 16.50
C THR B 100 -19.72 6.66 17.26
N THR B 101 -20.67 7.36 16.63
CA THR B 101 -21.93 7.77 17.29
C THR B 101 -23.12 6.93 16.83
N SER B 102 -24.23 7.05 17.55
CA SER B 102 -25.54 6.42 17.23
C SER B 102 -26.07 6.94 15.89
N LYS B 103 -25.53 8.02 15.32
CA LYS B 103 -26.01 8.55 14.01
C LYS B 103 -24.99 8.22 12.92
N GLY B 104 -24.04 7.33 13.17
CA GLY B 104 -23.07 6.87 12.16
C GLY B 104 -21.98 7.91 11.88
N LYS B 105 -21.83 8.92 12.73
CA LYS B 105 -20.70 9.87 12.62
C LYS B 105 -19.47 9.25 13.27
N SER B 106 -18.29 9.55 12.75
CA SER B 106 -17.04 9.07 13.40
C SER B 106 -15.91 10.09 13.23
N ILE B 107 -14.96 10.05 14.15
CA ILE B 107 -13.68 10.80 14.02
C ILE B 107 -12.56 9.85 14.36
N MET B 108 -11.38 10.15 13.82
CA MET B 108 -10.14 9.45 14.13
C MET B 108 -9.05 10.50 14.31
N ALA B 109 -8.41 10.55 15.47
CA ALA B 109 -7.31 11.47 15.74
C ALA B 109 -6.09 10.66 16.16
N GLY B 110 -4.93 10.97 15.56
CA GLY B 110 -3.64 10.51 16.09
C GLY B 110 -3.37 9.05 15.76
N TYR B 111 -2.71 8.34 16.67
CA TYR B 111 -1.98 7.09 16.39
C TYR B 111 -2.37 6.01 17.40
N PHE B 112 -2.24 4.75 16.99
CA PHE B 112 -2.70 3.55 17.75
C PHE B 112 -1.62 2.47 17.67
N GLU B 113 -0.40 2.80 18.05
CA GLU B 113 0.78 1.94 17.85
C GLU B 113 1.07 1.08 19.09
N GLU B 114 0.53 1.37 20.26
CA GLU B 114 0.98 0.62 21.46
C GLU B 114 -0.19 -0.08 22.16
N SER B 115 -0.90 0.62 23.03
CA SER B 115 -1.98 0.06 23.87
C SER B 115 -3.30 0.70 23.46
N LEU B 116 -4.41 0.04 23.74
CA LEU B 116 -5.77 0.44 23.34
C LEU B 116 -6.72 0.17 24.49
N ILE B 117 -7.72 1.03 24.65
CA ILE B 117 -8.92 0.74 25.48
C ILE B 117 -10.14 0.86 24.57
N THR B 118 -11.05 -0.10 24.66
CA THR B 118 -12.42 0.01 24.15
C THR B 118 -13.30 0.35 25.34
N THR B 119 -13.86 1.55 25.37
CA THR B 119 -14.48 2.12 26.59
C THR B 119 -15.94 1.74 26.71
N TYR B 120 -16.51 2.20 27.82
CA TYR B 120 -17.96 2.16 27.99
C TYR B 120 -18.56 3.10 26.93
N THR B 121 -19.81 2.84 26.71
CA THR B 121 -20.57 3.61 25.71
C THR B 121 -21.69 4.38 26.40
N GLY B 122 -22.31 5.27 25.68
CA GLY B 122 -23.48 6.04 26.16
C GLY B 122 -23.32 7.50 25.81
N LYS B 123 -24.05 8.33 26.51
CA LYS B 123 -24.09 9.79 26.31
C LYS B 123 -22.84 10.42 26.92
N LEU B 124 -21.98 11.04 26.12
CA LEU B 124 -20.69 11.62 26.56
C LEU B 124 -20.96 12.88 27.38
N ALA B 125 -20.63 12.87 28.67
CA ALA B 125 -20.94 13.95 29.63
C ALA B 125 -19.68 14.77 29.91
N GLY B 126 -18.50 14.19 29.88
CA GLY B 126 -17.28 14.95 30.22
C GLY B 126 -16.01 14.19 29.95
N ILE B 127 -14.88 14.84 30.25
CA ILE B 127 -13.54 14.23 30.18
C ILE B 127 -12.73 14.59 31.43
N LYS B 128 -11.76 13.75 31.74
CA LYS B 128 -10.90 13.89 32.93
C LYS B 128 -9.51 13.39 32.50
N GLY B 129 -8.44 13.93 33.08
CA GLY B 129 -7.10 13.40 32.81
C GLY B 129 -6.03 14.35 33.27
N GLY B 130 -4.91 14.32 32.56
CA GLY B 130 -3.77 15.21 32.78
C GLY B 130 -3.14 15.59 31.47
N ALA B 131 -2.64 16.83 31.40
CA ALA B 131 -2.10 17.43 30.17
C ALA B 131 -1.04 18.46 30.53
N GLY B 132 0.03 18.53 29.74
CA GLY B 132 1.06 19.57 29.78
C GLY B 132 1.34 20.03 28.37
N SER B 133 2.51 19.66 27.83
CA SER B 133 2.80 19.78 26.38
C SER B 133 1.95 18.79 25.59
N ASP B 134 1.64 17.65 26.19
CA ASP B 134 0.92 16.51 25.59
C ASP B 134 -0.33 16.21 26.42
N ILE B 135 -1.21 15.35 25.91
CA ILE B 135 -2.24 14.71 26.75
C ILE B 135 -1.58 13.50 27.41
N ASP B 136 -1.28 13.61 28.70
CA ASP B 136 -0.63 12.55 29.48
C ASP B 136 -1.61 11.39 29.64
N ARG B 137 -2.85 11.70 29.97
CA ARG B 137 -3.87 10.66 30.23
C ARG B 137 -5.27 11.26 30.01
N LEU B 138 -6.18 10.40 29.58
CA LEU B 138 -7.56 10.79 29.22
C LEU B 138 -8.52 9.68 29.62
N GLY B 139 -9.61 10.07 30.28
CA GLY B 139 -10.76 9.22 30.55
C GLY B 139 -12.03 9.92 30.12
N LEU B 140 -12.94 9.15 29.53
CA LEU B 140 -14.25 9.67 29.11
C LEU B 140 -15.20 9.49 30.28
N ILE B 141 -16.23 10.31 30.32
CA ILE B 141 -17.28 10.28 31.38
C ILE B 141 -18.63 10.26 30.67
N PHE B 142 -19.49 9.31 31.03
CA PHE B 142 -20.82 9.08 30.40
C PHE B 142 -21.90 9.31 31.47
N LEU B 143 -23.12 9.55 31.00
CA LEU B 143 -24.32 9.64 31.86
C LEU B 143 -24.68 8.20 32.20
N LYS B 144 -25.03 7.94 33.44
CA LYS B 144 -25.45 6.59 33.90
C LYS B 144 -26.87 6.34 33.40
N ASP C 5 -45.08 -34.20 -14.70
CA ASP C 5 -45.11 -35.36 -13.74
C ASP C 5 -45.17 -34.80 -12.31
N ASN C 6 -44.59 -35.51 -11.33
CA ASN C 6 -44.24 -34.99 -9.98
C ASN C 6 -42.78 -34.55 -9.95
N TYR C 7 -42.11 -34.57 -11.09
CA TYR C 7 -40.64 -34.46 -11.21
C TYR C 7 -40.25 -33.42 -12.26
N ILE C 8 -39.13 -32.73 -12.01
CA ILE C 8 -38.45 -31.82 -12.98
C ILE C 8 -37.14 -32.48 -13.39
N TYR C 9 -36.95 -32.71 -14.67
CA TYR C 9 -35.74 -33.36 -15.24
C TYR C 9 -34.84 -32.25 -15.77
N SER C 10 -33.72 -32.02 -15.12
CA SER C 10 -32.67 -31.09 -15.60
C SER C 10 -31.99 -31.74 -16.80
N THR C 11 -31.47 -30.94 -17.72
CA THR C 11 -30.72 -31.39 -18.91
C THR C 11 -29.55 -32.28 -18.47
N GLU C 12 -29.42 -33.43 -19.11
CA GLU C 12 -28.23 -34.28 -19.01
C GLU C 12 -27.11 -33.63 -19.80
N VAL C 13 -26.00 -33.30 -19.15
CA VAL C 13 -24.89 -32.61 -19.86
C VAL C 13 -23.71 -33.58 -19.94
N GLY C 14 -22.93 -33.49 -21.01
CA GLY C 14 -21.79 -34.37 -21.31
C GLY C 14 -22.01 -35.10 -22.62
N GLY C 15 -21.43 -36.29 -22.78
CA GLY C 15 -21.43 -37.03 -24.05
C GLY C 15 -22.41 -38.20 -24.04
N VAL C 16 -22.43 -38.97 -25.12
CA VAL C 16 -23.46 -40.03 -25.39
C VAL C 16 -22.95 -41.38 -24.89
N GLY C 17 -21.72 -41.47 -24.41
CA GLY C 17 -21.05 -42.74 -24.06
C GLY C 17 -21.54 -43.36 -22.74
N GLY C 18 -20.91 -44.46 -22.37
CA GLY C 18 -21.14 -45.19 -21.12
C GLY C 18 -22.48 -45.92 -21.08
N THR C 19 -22.78 -46.53 -19.94
CA THR C 19 -24.01 -47.31 -19.67
C THR C 19 -25.05 -46.40 -19.02
N PRO C 20 -26.27 -46.32 -19.57
CA PRO C 20 -27.31 -45.46 -18.99
C PRO C 20 -27.65 -45.85 -17.55
N PHE C 21 -28.02 -44.87 -16.73
CA PHE C 21 -28.54 -45.08 -15.37
C PHE C 21 -29.67 -44.08 -15.10
N THR C 22 -30.66 -44.50 -14.34
CA THR C 22 -31.70 -43.64 -13.75
C THR C 22 -31.92 -44.10 -12.32
N PHE C 23 -31.59 -43.28 -11.34
CA PHE C 23 -31.72 -43.58 -9.89
C PHE C 23 -32.78 -42.64 -9.33
N MET C 24 -33.99 -43.16 -9.11
CA MET C 24 -35.13 -42.46 -8.46
C MET C 24 -35.94 -43.47 -7.67
N GLN C 25 -36.62 -43.02 -6.60
CA GLN C 25 -37.51 -43.85 -5.76
C GLN C 25 -38.78 -43.06 -5.52
N GLU C 26 -39.94 -43.55 -5.92
CA GLU C 26 -41.27 -42.96 -5.58
C GLU C 26 -41.34 -42.72 -4.06
N SER C 27 -41.81 -41.54 -3.65
CA SER C 27 -41.97 -41.09 -2.24
C SER C 27 -40.62 -41.06 -1.50
N GLY C 28 -39.50 -41.15 -2.22
CA GLY C 28 -38.12 -41.12 -1.72
C GLY C 28 -37.42 -39.84 -2.21
N THR C 29 -36.46 -39.30 -1.47
CA THR C 29 -35.55 -38.24 -1.96
C THR C 29 -34.13 -38.67 -1.61
N ILE C 30 -33.14 -38.06 -2.24
CA ILE C 30 -31.71 -38.38 -1.98
C ILE C 30 -31.35 -37.85 -0.60
N THR C 31 -30.80 -38.73 0.24
CA THR C 31 -30.33 -38.38 1.62
C THR C 31 -28.81 -38.21 1.59
N SER C 32 -28.15 -38.76 0.58
CA SER C 32 -26.68 -38.75 0.51
C SER C 32 -26.25 -38.90 -0.96
N ILE C 33 -25.23 -38.14 -1.37
CA ILE C 33 -24.67 -38.22 -2.74
C ILE C 33 -23.16 -38.06 -2.63
N LYS C 34 -22.44 -38.93 -3.33
CA LYS C 34 -20.96 -38.96 -3.29
C LYS C 34 -20.44 -38.84 -4.73
N PHE C 35 -19.50 -37.95 -4.95
CA PHE C 35 -18.83 -37.75 -6.25
C PHE C 35 -17.36 -38.10 -6.11
N ASN C 36 -16.87 -38.94 -7.02
CA ASN C 36 -15.44 -39.31 -7.11
C ASN C 36 -14.88 -38.65 -8.37
N TRP C 37 -13.69 -38.06 -8.28
CA TRP C 37 -13.02 -37.42 -9.45
C TRP C 37 -11.51 -37.54 -9.35
N SER C 38 -10.81 -37.29 -10.46
CA SER C 38 -9.34 -37.40 -10.55
C SER C 38 -8.74 -36.04 -10.94
N ASP C 39 -7.55 -35.75 -10.42
CA ASP C 39 -6.67 -34.67 -10.95
C ASP C 39 -6.05 -35.15 -12.26
N GLN C 40 -5.80 -36.45 -12.42
CA GLN C 40 -5.15 -37.00 -13.63
C GLN C 40 -5.97 -36.66 -14.88
N TYR C 41 -7.28 -36.94 -14.87
CA TYR C 41 -8.18 -36.79 -16.04
C TYR C 41 -9.02 -35.51 -15.93
N LYS C 42 -9.10 -34.88 -14.76
CA LYS C 42 -9.95 -33.68 -14.53
C LYS C 42 -11.39 -34.02 -14.92
N LEU C 43 -11.88 -35.23 -14.58
CA LEU C 43 -13.25 -35.73 -14.85
C LEU C 43 -13.88 -36.25 -13.56
N LEU C 44 -15.20 -36.27 -13.46
CA LEU C 44 -15.92 -37.17 -12.51
C LEU C 44 -15.83 -38.59 -13.05
N HIS C 45 -15.62 -39.57 -12.18
CA HIS C 45 -15.52 -41.01 -12.55
C HIS C 45 -16.68 -41.83 -11.99
N HIS C 46 -17.23 -41.45 -10.84
CA HIS C 46 -18.14 -42.34 -10.06
C HIS C 46 -19.07 -41.49 -9.20
N ILE C 47 -20.33 -41.92 -9.12
CA ILE C 47 -21.37 -41.29 -8.27
C ILE C 47 -22.08 -42.40 -7.51
N GLU C 48 -22.33 -42.17 -6.21
CA GLU C 48 -23.22 -43.04 -5.39
C GLU C 48 -24.30 -42.17 -4.77
N VAL C 49 -25.50 -42.72 -4.69
CA VAL C 49 -26.68 -42.05 -4.10
C VAL C 49 -27.30 -43.02 -3.11
N LYS C 50 -27.78 -42.51 -1.98
CA LYS C 50 -28.72 -43.23 -1.08
C LYS C 50 -30.00 -42.39 -1.00
N PHE C 51 -31.11 -43.10 -0.85
CA PHE C 51 -32.46 -42.52 -0.64
C PHE C 51 -32.87 -42.71 0.82
N ILE C 52 -33.73 -41.84 1.35
CA ILE C 52 -34.27 -41.93 2.74
C ILE C 52 -34.86 -43.34 2.93
N ASN C 53 -34.70 -43.90 4.12
CA ASN C 53 -35.31 -45.19 4.55
C ASN C 53 -34.84 -46.34 3.66
N ASN C 54 -33.60 -46.34 3.18
CA ASN C 54 -33.07 -47.36 2.23
C ASN C 54 -31.55 -47.37 2.36
N ALA C 55 -30.98 -48.45 2.87
CA ALA C 55 -29.53 -48.60 3.13
C ALA C 55 -28.81 -48.96 1.82
N ASN C 56 -29.52 -49.31 0.77
CA ASN C 56 -28.92 -49.71 -0.53
C ASN C 56 -28.29 -48.50 -1.23
N ILE C 57 -27.07 -48.73 -1.75
CA ILE C 57 -26.25 -47.72 -2.45
C ILE C 57 -26.45 -47.94 -3.94
N TYR C 58 -26.89 -46.91 -4.63
CA TYR C 58 -27.04 -46.86 -6.10
C TYR C 58 -25.77 -46.18 -6.63
N ALA C 59 -24.95 -46.91 -7.40
CA ALA C 59 -23.61 -46.48 -7.81
C ALA C 59 -23.51 -46.63 -9.33
N THR C 60 -22.73 -45.75 -9.95
CA THR C 60 -22.46 -45.81 -11.39
C THR C 60 -21.05 -45.26 -11.62
N GLY C 61 -20.36 -45.77 -12.63
CA GLY C 61 -19.00 -45.35 -12.97
C GLY C 61 -17.98 -46.23 -12.31
N ASP C 62 -16.72 -45.78 -12.31
CA ASP C 62 -15.56 -46.54 -11.79
C ASP C 62 -14.89 -45.64 -10.76
N PRO C 63 -14.84 -46.04 -9.46
CA PRO C 63 -14.33 -45.15 -8.40
C PRO C 63 -12.79 -45.06 -8.37
N LYS C 64 -12.18 -44.63 -9.47
CA LYS C 64 -10.72 -44.68 -9.66
C LYS C 64 -10.09 -43.31 -9.40
N GLY C 65 -10.89 -42.27 -9.14
CA GLY C 65 -10.35 -40.93 -8.82
C GLY C 65 -9.64 -40.90 -7.48
N ASN C 66 -8.78 -39.90 -7.28
CA ASN C 66 -7.99 -39.71 -6.02
C ASN C 66 -8.76 -38.82 -5.04
N HIS C 67 -9.96 -38.33 -5.37
CA HIS C 67 -10.77 -37.47 -4.45
C HIS C 67 -12.21 -37.95 -4.41
N GLU C 68 -12.87 -37.80 -3.27
CA GLU C 68 -14.36 -37.93 -3.22
C GLU C 68 -14.91 -36.85 -2.29
N VAL C 69 -16.16 -36.45 -2.50
CA VAL C 69 -16.91 -35.58 -1.56
C VAL C 69 -18.28 -36.20 -1.36
N ILE C 70 -18.78 -36.08 -0.14
CA ILE C 70 -20.14 -36.56 0.22
C ILE C 70 -20.93 -35.35 0.68
N LEU C 71 -22.16 -35.23 0.20
CA LEU C 71 -23.15 -34.30 0.77
C LEU C 71 -24.25 -35.12 1.41
N GLU C 72 -24.50 -34.92 2.69
CA GLU C 72 -25.68 -35.47 3.38
C GLU C 72 -26.73 -34.37 3.43
N ILE C 73 -27.98 -34.73 3.16
CA ILE C 73 -29.10 -33.79 2.95
C ILE C 73 -30.16 -34.11 4.00
N ASP C 74 -30.47 -33.16 4.89
CA ASP C 74 -31.55 -33.31 5.91
C ASP C 74 -32.86 -33.48 5.12
N ASP C 75 -33.89 -34.05 5.74
CA ASP C 75 -35.18 -34.36 5.07
C ASP C 75 -35.83 -33.09 4.52
N ASP C 76 -35.72 -31.96 5.24
CA ASP C 76 -36.37 -30.68 4.82
C ASP C 76 -35.41 -29.83 3.98
N GLU C 77 -34.22 -30.32 3.63
CA GLU C 77 -33.15 -29.53 2.98
C GLU C 77 -33.26 -29.63 1.45
N THR C 78 -33.30 -28.49 0.76
CA THR C 78 -33.43 -28.41 -0.72
C THR C 78 -32.10 -27.93 -1.31
N ILE C 79 -31.92 -28.12 -2.62
CA ILE C 79 -30.80 -27.53 -3.40
C ILE C 79 -31.26 -26.14 -3.89
N ILE C 80 -30.54 -25.08 -3.55
CA ILE C 80 -30.89 -23.68 -3.97
C ILE C 80 -29.91 -23.22 -5.05
N GLY C 81 -28.84 -23.95 -5.30
CA GLY C 81 -27.87 -23.60 -6.34
C GLY C 81 -27.15 -24.85 -6.79
N SER C 82 -27.00 -25.01 -8.09
CA SER C 82 -26.48 -26.26 -8.70
C SER C 82 -25.79 -25.93 -10.02
N VAL C 83 -24.51 -26.26 -10.12
CA VAL C 83 -23.70 -26.04 -11.33
C VAL C 83 -23.02 -27.37 -11.66
N ILE C 84 -23.16 -27.83 -12.89
CA ILE C 84 -22.38 -28.98 -13.41
C ILE C 84 -21.44 -28.46 -14.48
N GLY C 85 -20.16 -28.75 -14.31
CA GLY C 85 -19.09 -28.57 -15.32
C GLY C 85 -19.02 -29.77 -16.23
N TYR C 86 -18.88 -29.54 -17.53
CA TYR C 86 -18.80 -30.65 -18.52
C TYR C 86 -18.01 -30.23 -19.75
N LYS C 87 -17.56 -31.25 -20.49
CA LYS C 87 -17.07 -31.12 -21.88
C LYS C 87 -18.25 -31.47 -22.78
N LYS C 88 -18.57 -30.59 -23.72
CA LYS C 88 -19.74 -30.73 -24.62
C LYS C 88 -19.39 -31.66 -25.80
N GLY C 89 -20.41 -32.04 -26.56
CA GLY C 89 -20.31 -32.86 -27.77
C GLY C 89 -20.54 -34.35 -27.47
N ASN C 90 -20.59 -35.16 -28.52
CA ASN C 90 -20.86 -36.62 -28.44
C ASN C 90 -19.84 -37.31 -27.55
N ASP C 91 -18.57 -36.89 -27.62
CA ASP C 91 -17.48 -37.49 -26.82
C ASP C 91 -17.31 -36.71 -25.51
N GLY C 92 -18.35 -36.01 -25.04
CA GLY C 92 -18.31 -35.22 -23.80
C GLY C 92 -18.22 -36.06 -22.52
N ARG C 93 -18.06 -35.37 -21.39
CA ARG C 93 -17.88 -35.95 -20.04
C ARG C 93 -18.37 -34.92 -19.02
N CYS C 94 -18.80 -35.34 -17.82
CA CYS C 94 -18.95 -34.40 -16.67
C CYS C 94 -17.62 -34.25 -15.96
N THR C 95 -17.24 -33.00 -15.70
CA THR C 95 -15.92 -32.65 -15.12
C THR C 95 -16.08 -32.17 -13.68
N GLY C 96 -17.26 -31.69 -13.27
CA GLY C 96 -17.41 -31.06 -11.94
C GLY C 96 -18.86 -30.88 -11.55
N VAL C 97 -19.11 -30.78 -10.25
CA VAL C 97 -20.44 -30.44 -9.69
C VAL C 97 -20.23 -29.57 -8.46
N LYS C 98 -21.03 -28.51 -8.35
CA LYS C 98 -21.13 -27.65 -7.15
C LYS C 98 -22.61 -27.64 -6.76
N LEU C 99 -22.91 -27.97 -5.51
CA LEU C 99 -24.29 -27.90 -4.96
C LEU C 99 -24.28 -27.00 -3.71
N THR C 100 -25.29 -26.15 -3.55
CA THR C 100 -25.52 -25.31 -2.36
C THR C 100 -26.93 -25.60 -1.87
N THR C 101 -27.12 -25.78 -0.57
CA THR C 101 -28.44 -26.17 0.01
C THR C 101 -29.12 -24.98 0.72
N SER C 102 -30.40 -25.16 1.02
CA SER C 102 -31.22 -24.22 1.82
C SER C 102 -30.68 -24.06 3.24
N LYS C 103 -29.74 -24.89 3.70
CA LYS C 103 -29.16 -24.74 5.06
C LYS C 103 -27.73 -24.20 4.95
N GLY C 104 -27.32 -23.70 3.79
CA GLY C 104 -25.98 -23.08 3.62
C GLY C 104 -24.87 -24.10 3.50
N LYS C 105 -25.18 -25.38 3.33
CA LYS C 105 -24.16 -26.42 3.08
C LYS C 105 -23.76 -26.36 1.61
N SER C 106 -22.51 -26.68 1.30
CA SER C 106 -22.12 -26.81 -0.13
C SER C 106 -21.05 -27.90 -0.31
N ILE C 107 -20.99 -28.43 -1.52
CA ILE C 107 -19.86 -29.29 -1.97
C ILE C 107 -19.40 -28.78 -3.33
N MET C 108 -18.14 -29.05 -3.61
CA MET C 108 -17.50 -28.75 -4.88
C MET C 108 -16.65 -29.96 -5.24
N ALA C 109 -16.94 -30.59 -6.38
CA ALA C 109 -16.17 -31.74 -6.87
C ALA C 109 -15.64 -31.39 -8.26
N GLY C 110 -14.37 -31.67 -8.50
CA GLY C 110 -13.81 -31.71 -9.86
C GLY C 110 -13.57 -30.32 -10.44
N TYR C 111 -13.79 -30.16 -11.74
CA TYR C 111 -13.23 -29.06 -12.57
C TYR C 111 -14.34 -28.41 -13.40
N PHE C 112 -14.16 -27.14 -13.75
CA PHE C 112 -15.16 -26.29 -14.42
C PHE C 112 -14.52 -25.46 -15.52
N GLU C 113 -13.72 -26.08 -16.39
CA GLU C 113 -12.84 -25.34 -17.32
C GLU C 113 -13.49 -25.17 -18.70
N GLU C 114 -14.58 -25.85 -19.02
CA GLU C 114 -15.14 -25.74 -20.39
C GLU C 114 -16.57 -25.22 -20.38
N SER C 115 -17.57 -26.08 -20.18
CA SER C 115 -19.00 -25.72 -20.28
C SER C 115 -19.63 -25.87 -18.89
N LEU C 116 -20.73 -25.17 -18.65
CA LEU C 116 -21.43 -25.14 -17.35
C LEU C 116 -22.92 -25.17 -17.60
N ILE C 117 -23.66 -25.83 -16.72
CA ILE C 117 -25.13 -25.64 -16.59
C ILE C 117 -25.43 -25.16 -15.17
N THR C 118 -26.27 -24.15 -15.06
CA THR C 118 -26.92 -23.77 -13.80
C THR C 118 -28.32 -24.35 -13.87
N THR C 119 -28.61 -25.33 -13.03
CA THR C 119 -29.81 -26.19 -13.18
C THR C 119 -31.00 -25.59 -12.44
N TYR C 120 -32.10 -26.28 -12.63
CA TYR C 120 -33.30 -26.04 -11.80
C TYR C 120 -32.91 -26.42 -10.36
N THR C 121 -33.68 -25.88 -9.47
CA THR C 121 -33.47 -26.02 -8.02
C THR C 121 -34.69 -26.72 -7.42
N GLY C 122 -34.57 -27.11 -6.16
CA GLY C 122 -35.66 -27.76 -5.41
C GLY C 122 -35.12 -28.95 -4.65
N LYS C 123 -36.03 -29.85 -4.28
CA LYS C 123 -35.72 -31.05 -3.48
C LYS C 123 -35.13 -32.10 -4.42
N LEU C 124 -33.88 -32.52 -4.20
CA LEU C 124 -33.17 -33.48 -5.09
C LEU C 124 -33.78 -34.88 -4.92
N ALA C 125 -34.41 -35.40 -5.98
CA ALA C 125 -35.16 -36.68 -5.96
C ALA C 125 -34.32 -37.77 -6.62
N GLY C 126 -33.48 -37.45 -7.59
CA GLY C 126 -32.71 -38.49 -8.27
C GLY C 126 -31.69 -37.95 -9.25
N ILE C 127 -31.00 -38.87 -9.93
CA ILE C 127 -30.02 -38.54 -11.01
C ILE C 127 -30.22 -39.51 -12.18
N LYS C 128 -29.78 -39.09 -13.35
CA LYS C 128 -29.93 -39.83 -14.63
C LYS C 128 -28.68 -39.50 -15.46
N GLY C 129 -28.22 -40.42 -16.30
CA GLY C 129 -27.13 -40.11 -17.23
C GLY C 129 -26.52 -41.37 -17.81
N GLY C 130 -25.22 -41.31 -18.08
CA GLY C 130 -24.44 -42.46 -18.56
C GLY C 130 -23.04 -42.42 -17.97
N ALA C 131 -22.49 -43.60 -17.69
CA ALA C 131 -21.20 -43.76 -16.99
C ALA C 131 -20.52 -45.06 -17.42
N GLY C 132 -19.20 -45.02 -17.56
CA GLY C 132 -18.31 -46.18 -17.83
C GLY C 132 -17.12 -46.10 -16.92
N SER C 133 -15.93 -45.80 -17.45
CA SER C 133 -14.73 -45.39 -16.66
C SER C 133 -14.96 -44.01 -16.05
N ASP C 134 -15.74 -43.17 -16.73
CA ASP C 134 -16.00 -41.76 -16.35
C ASP C 134 -17.50 -41.57 -16.21
N ILE C 135 -17.93 -40.41 -15.69
CA ILE C 135 -19.33 -39.95 -15.85
C ILE C 135 -19.42 -39.27 -17.21
N ASP C 136 -20.04 -39.95 -18.17
CA ASP C 136 -20.18 -39.42 -19.55
C ASP C 136 -21.15 -38.24 -19.52
N ARG C 137 -22.26 -38.40 -18.80
CA ARG C 137 -23.30 -37.35 -18.76
C ARG C 137 -24.13 -37.51 -17.48
N LEU C 138 -24.63 -36.38 -16.98
CA LEU C 138 -25.37 -36.29 -15.70
C LEU C 138 -26.50 -35.26 -15.82
N GLY C 139 -27.69 -35.65 -15.38
CA GLY C 139 -28.83 -34.76 -15.18
C GLY C 139 -29.42 -34.97 -13.80
N LEU C 140 -29.80 -33.88 -13.13
CA LEU C 140 -30.40 -33.94 -11.79
C LEU C 140 -31.91 -34.02 -11.96
N ILE C 141 -32.59 -34.56 -10.95
CA ILE C 141 -34.07 -34.72 -10.96
C ILE C 141 -34.60 -34.17 -9.63
N PHE C 142 -35.58 -33.28 -9.69
CA PHE C 142 -36.15 -32.57 -8.51
C PHE C 142 -37.63 -32.92 -8.38
N LEU C 143 -38.21 -32.80 -7.19
CA LEU C 143 -39.69 -32.76 -6.95
C LEU C 143 -40.26 -31.43 -7.46
N LYS C 144 -41.49 -31.39 -7.99
CA LYS C 144 -42.15 -30.17 -8.54
C LYS C 144 -42.50 -29.16 -7.43
N ASP D 5 -48.58 -5.40 -26.93
CA ASP D 5 -48.77 -6.87 -26.76
C ASP D 5 -48.98 -7.18 -25.27
N ASN D 6 -48.64 -8.40 -24.85
CA ASN D 6 -48.48 -8.82 -23.43
C ASN D 6 -46.97 -8.76 -23.05
N TYR D 7 -46.16 -8.13 -23.88
CA TYR D 7 -44.70 -8.35 -23.99
C TYR D 7 -43.95 -7.02 -23.98
N ILE D 8 -42.75 -7.01 -23.39
CA ILE D 8 -41.76 -5.91 -23.45
C ILE D 8 -40.58 -6.39 -24.29
N TYR D 9 -40.26 -5.67 -25.34
CA TYR D 9 -39.18 -6.01 -26.31
C TYR D 9 -37.97 -5.15 -25.94
N SER D 10 -36.93 -5.79 -25.45
CA SER D 10 -35.62 -5.14 -25.19
C SER D 10 -34.96 -4.83 -26.51
N THR D 11 -34.15 -3.78 -26.57
CA THR D 11 -33.38 -3.39 -27.78
C THR D 11 -32.54 -4.58 -28.24
N GLU D 12 -32.62 -4.88 -29.54
CA GLU D 12 -31.71 -5.85 -30.17
C GLU D 12 -30.37 -5.17 -30.35
N VAL D 13 -29.31 -5.69 -29.75
CA VAL D 13 -27.99 -5.02 -29.85
C VAL D 13 -27.08 -5.89 -30.72
N GLY D 14 -26.20 -5.22 -31.48
CA GLY D 14 -25.30 -5.87 -32.43
C GLY D 14 -25.53 -5.31 -33.83
N GLY D 15 -25.26 -6.10 -34.86
CA GLY D 15 -25.29 -5.63 -36.26
C GLY D 15 -26.54 -6.08 -36.99
N VAL D 16 -26.63 -5.76 -38.30
CA VAL D 16 -27.84 -5.98 -39.13
C VAL D 16 -27.75 -7.32 -39.86
N GLY D 17 -26.64 -8.05 -39.71
CA GLY D 17 -26.35 -9.28 -40.49
C GLY D 17 -27.14 -10.49 -40.02
N GLY D 18 -26.87 -11.63 -40.66
CA GLY D 18 -27.46 -12.93 -40.33
C GLY D 18 -28.94 -13.03 -40.70
N THR D 19 -29.55 -14.16 -40.33
CA THR D 19 -30.97 -14.48 -40.61
C THR D 19 -31.79 -14.11 -39.37
N PRO D 20 -32.85 -13.30 -39.52
CA PRO D 20 -33.72 -12.97 -38.40
C PRO D 20 -34.31 -14.20 -37.73
N PHE D 21 -34.52 -14.13 -36.42
CA PHE D 21 -35.24 -15.17 -35.62
C PHE D 21 -36.09 -14.44 -34.60
N THR D 22 -37.25 -15.03 -34.30
CA THR D 22 -38.10 -14.69 -33.14
C THR D 22 -38.52 -16.02 -32.52
N PHE D 23 -38.12 -16.26 -31.26
CA PHE D 23 -38.52 -17.44 -30.46
C PHE D 23 -39.44 -16.94 -29.36
N MET D 24 -40.74 -17.18 -29.53
CA MET D 24 -41.81 -16.90 -28.54
C MET D 24 -42.88 -17.97 -28.70
N GLN D 25 -43.59 -18.29 -27.62
CA GLN D 25 -44.74 -19.25 -27.61
C GLN D 25 -45.83 -18.65 -26.74
N GLU D 26 -47.04 -18.50 -27.29
CA GLU D 26 -48.25 -18.01 -26.58
C GLU D 26 -48.39 -18.77 -25.24
N SER D 27 -48.66 -18.02 -24.16
CA SER D 27 -48.86 -18.50 -22.76
C SER D 27 -47.62 -19.24 -22.24
N GLY D 28 -46.47 -19.12 -22.92
CA GLY D 28 -45.21 -19.86 -22.62
C GLY D 28 -44.11 -18.90 -22.18
N THR D 29 -43.19 -19.38 -21.34
CA THR D 29 -41.97 -18.64 -20.96
C THR D 29 -40.78 -19.56 -21.18
N ILE D 30 -39.58 -18.99 -21.25
CA ILE D 30 -38.33 -19.76 -21.46
C ILE D 30 -38.04 -20.55 -20.17
N THR D 31 -37.85 -21.86 -20.32
CA THR D 31 -37.50 -22.77 -19.19
C THR D 31 -36.01 -23.07 -19.26
N SER D 32 -35.38 -22.88 -20.41
CA SER D 32 -33.95 -23.19 -20.60
C SER D 32 -33.37 -22.35 -21.74
N ILE D 33 -32.15 -21.85 -21.58
CA ILE D 33 -31.45 -21.07 -22.63
C ILE D 33 -29.97 -21.46 -22.59
N LYS D 34 -29.39 -21.69 -23.76
CA LYS D 34 -27.98 -22.11 -23.93
C LYS D 34 -27.29 -21.11 -24.85
N PHE D 35 -26.11 -20.64 -24.45
CA PHE D 35 -25.25 -19.73 -25.22
C PHE D 35 -23.96 -20.46 -25.53
N ASN D 36 -23.58 -20.50 -26.80
CA ASN D 36 -22.28 -21.05 -27.30
C ASN D 36 -21.41 -19.87 -27.71
N TRP D 37 -20.14 -19.87 -27.34
CA TRP D 37 -19.19 -18.79 -27.71
C TRP D 37 -17.78 -19.34 -27.90
N SER D 38 -16.90 -18.56 -28.52
CA SER D 38 -15.49 -18.95 -28.80
C SER D 38 -14.53 -17.98 -28.12
N ASP D 39 -13.37 -18.49 -27.69
CA ASP D 39 -12.21 -17.66 -27.33
C ASP D 39 -11.55 -17.14 -28.61
N GLN D 40 -11.63 -17.89 -29.70
CA GLN D 40 -10.96 -17.51 -30.97
C GLN D 40 -11.54 -16.18 -31.47
N TYR D 41 -12.87 -16.03 -31.54
CA TYR D 41 -13.54 -14.84 -32.12
C TYR D 41 -14.07 -13.91 -31.02
N LYS D 42 -14.13 -14.35 -29.76
CA LYS D 42 -14.66 -13.55 -28.63
C LYS D 42 -16.09 -13.10 -28.99
N LEU D 43 -16.89 -13.97 -29.60
CA LEU D 43 -18.31 -13.72 -30.02
C LEU D 43 -19.20 -14.84 -29.47
N LEU D 44 -20.49 -14.57 -29.29
CA LEU D 44 -21.53 -15.64 -29.26
C LEU D 44 -21.73 -16.16 -30.68
N HIS D 45 -21.88 -17.46 -30.84
CA HIS D 45 -22.09 -18.13 -32.16
C HIS D 45 -23.49 -18.74 -32.28
N HIS D 46 -24.07 -19.20 -31.17
CA HIS D 46 -25.27 -20.09 -31.21
C HIS D 46 -26.06 -19.94 -29.92
N ILE D 47 -27.38 -19.94 -30.04
CA ILE D 47 -28.33 -19.88 -28.90
C ILE D 47 -29.39 -20.97 -29.12
N GLU D 48 -29.74 -21.69 -28.06
CA GLU D 48 -30.89 -22.62 -28.04
C GLU D 48 -31.81 -22.23 -26.88
N VAL D 49 -33.10 -22.35 -27.09
CA VAL D 49 -34.15 -22.01 -26.11
C VAL D 49 -35.14 -23.18 -26.05
N LYS D 50 -35.62 -23.51 -24.86
CA LYS D 50 -36.83 -24.36 -24.66
C LYS D 50 -37.86 -23.54 -23.89
N PHE D 51 -39.13 -23.78 -24.16
CA PHE D 51 -40.30 -23.17 -23.48
C PHE D 51 -40.98 -24.22 -22.60
N ILE D 52 -41.67 -23.79 -21.53
CA ILE D 52 -42.47 -24.68 -20.65
C ILE D 52 -43.47 -25.43 -21.53
N ASN D 53 -43.73 -26.71 -21.22
CA ASN D 53 -44.77 -27.55 -21.89
C ASN D 53 -44.48 -27.69 -23.39
N ASN D 54 -43.21 -27.79 -23.78
CA ASN D 54 -42.80 -27.87 -25.21
C ASN D 54 -41.41 -28.52 -25.27
N ALA D 55 -41.34 -29.70 -25.84
CA ALA D 55 -40.11 -30.53 -25.89
C ALA D 55 -39.20 -30.05 -27.03
N ASN D 56 -39.69 -29.17 -27.91
CA ASN D 56 -38.89 -28.67 -29.07
C ASN D 56 -37.74 -27.77 -28.59
N ILE D 57 -36.57 -27.93 -29.19
CA ILE D 57 -35.41 -27.00 -29.04
C ILE D 57 -35.43 -26.01 -30.21
N TYR D 58 -35.51 -24.72 -29.92
CA TYR D 58 -35.42 -23.62 -30.90
C TYR D 58 -33.98 -23.09 -30.90
N ALA D 59 -33.30 -23.22 -32.02
CA ALA D 59 -31.84 -22.97 -32.17
C ALA D 59 -31.59 -21.98 -33.30
N THR D 60 -30.56 -21.15 -33.15
CA THR D 60 -30.13 -20.20 -34.20
C THR D 60 -28.61 -20.05 -34.10
N GLY D 61 -27.96 -19.82 -35.23
CA GLY D 61 -26.49 -19.63 -35.29
C GLY D 61 -25.79 -20.94 -35.59
N ASP D 62 -24.49 -20.98 -35.39
CA ASP D 62 -23.61 -22.12 -35.73
C ASP D 62 -22.88 -22.50 -34.44
N PRO D 63 -23.09 -23.72 -33.88
CA PRO D 63 -22.52 -24.08 -32.58
C PRO D 63 -21.03 -24.44 -32.65
N LYS D 64 -20.20 -23.53 -33.11
CA LYS D 64 -18.77 -23.81 -33.44
C LYS D 64 -17.86 -23.32 -32.29
N GLY D 65 -18.41 -22.65 -31.28
CA GLY D 65 -17.60 -22.17 -30.14
C GLY D 65 -17.08 -23.32 -29.29
N ASN D 66 -16.03 -23.07 -28.51
CA ASN D 66 -15.40 -24.07 -27.61
C ASN D 66 -16.03 -24.02 -26.21
N HIS D 67 -17.01 -23.15 -25.96
CA HIS D 67 -17.69 -23.06 -24.62
C HIS D 67 -19.20 -23.00 -24.82
N GLU D 68 -19.96 -23.56 -23.89
CA GLU D 68 -21.42 -23.28 -23.79
C GLU D 68 -21.80 -23.15 -22.31
N VAL D 69 -22.87 -22.42 -22.04
CA VAL D 69 -23.48 -22.34 -20.69
C VAL D 69 -24.98 -22.50 -20.90
N ILE D 70 -25.60 -23.19 -19.96
CA ILE D 70 -27.07 -23.39 -19.92
C ILE D 70 -27.56 -22.76 -18.63
N LEU D 71 -28.64 -22.01 -18.74
CA LEU D 71 -29.42 -21.57 -17.57
C LEU D 71 -30.79 -22.24 -17.65
N GLU D 72 -31.14 -22.98 -16.61
CA GLU D 72 -32.51 -23.50 -16.42
C GLU D 72 -33.22 -22.56 -15.47
N ILE D 73 -34.48 -22.26 -15.77
CA ILE D 73 -35.27 -21.20 -15.10
C ILE D 73 -36.52 -21.88 -14.52
N ASP D 74 -36.68 -21.86 -13.20
CA ASP D 74 -37.88 -22.40 -12.52
C ASP D 74 -39.09 -21.60 -13.01
N ASP D 75 -40.30 -22.14 -12.92
CA ASP D 75 -41.53 -21.45 -13.45
C ASP D 75 -41.73 -20.08 -12.78
N ASP D 76 -41.43 -19.94 -11.49
CA ASP D 76 -41.65 -18.68 -10.74
C ASP D 76 -40.37 -17.81 -10.76
N GLU D 77 -39.34 -18.18 -11.51
CA GLU D 77 -38.01 -17.49 -11.49
C GLU D 77 -37.97 -16.40 -12.58
N THR D 78 -37.63 -15.16 -12.20
CA THR D 78 -37.54 -14.00 -13.11
C THR D 78 -36.07 -13.60 -13.28
N ILE D 79 -35.77 -12.81 -14.31
CA ILE D 79 -34.45 -12.17 -14.51
C ILE D 79 -34.47 -10.82 -13.78
N ILE D 80 -33.56 -10.60 -12.83
CA ILE D 80 -33.49 -9.33 -12.04
C ILE D 80 -32.30 -8.49 -12.51
N GLY D 81 -31.40 -9.05 -13.31
CA GLY D 81 -30.26 -8.30 -13.86
C GLY D 81 -29.83 -8.94 -15.16
N SER D 82 -29.59 -8.12 -16.18
CA SER D 82 -29.26 -8.62 -17.53
C SER D 82 -28.33 -7.62 -18.22
N VAL D 83 -27.16 -8.09 -18.63
CA VAL D 83 -26.20 -7.28 -19.41
C VAL D 83 -25.84 -8.07 -20.67
N ILE D 84 -25.96 -7.41 -21.83
CA ILE D 84 -25.49 -8.00 -23.11
C ILE D 84 -24.31 -7.18 -23.59
N GLY D 85 -23.19 -7.86 -23.81
CA GLY D 85 -21.99 -7.30 -24.47
C GLY D 85 -22.14 -7.42 -25.98
N TYR D 86 -21.78 -6.37 -26.71
CA TYR D 86 -21.86 -6.37 -28.19
C TYR D 86 -20.81 -5.45 -28.80
N LYS D 87 -20.63 -5.64 -30.10
CA LYS D 87 -19.85 -4.76 -30.98
C LYS D 87 -20.92 -3.96 -31.73
N LYS D 88 -20.84 -2.64 -31.67
CA LYS D 88 -21.84 -1.71 -32.22
C LYS D 88 -21.58 -1.51 -33.72
N GLY D 89 -22.55 -0.90 -34.40
CA GLY D 89 -22.50 -0.60 -35.84
C GLY D 89 -23.20 -1.67 -36.66
N ASN D 90 -23.36 -1.39 -37.97
CA ASN D 90 -24.04 -2.28 -38.93
C ASN D 90 -23.39 -3.66 -38.97
N ASP D 91 -22.05 -3.70 -38.87
CA ASP D 91 -21.30 -4.98 -38.90
C ASP D 91 -21.10 -5.50 -37.47
N GLY D 92 -21.96 -5.13 -36.53
CA GLY D 92 -21.86 -5.55 -35.12
C GLY D 92 -22.17 -7.02 -34.88
N ARG D 93 -21.99 -7.45 -33.64
CA ARG D 93 -22.13 -8.86 -33.15
C ARG D 93 -22.50 -8.82 -31.67
N CYS D 94 -23.16 -9.84 -31.12
CA CYS D 94 -23.20 -10.05 -29.65
C CYS D 94 -21.98 -10.83 -29.22
N THR D 95 -21.33 -10.33 -28.17
CA THR D 95 -20.04 -10.87 -27.66
C THR D 95 -20.28 -11.59 -26.33
N GLY D 96 -21.34 -11.27 -25.57
CA GLY D 96 -21.48 -11.80 -24.22
C GLY D 96 -22.88 -11.57 -23.67
N VAL D 97 -23.24 -12.38 -22.69
CA VAL D 97 -24.50 -12.19 -21.91
C VAL D 97 -24.23 -12.60 -20.47
N LYS D 98 -24.71 -11.78 -19.55
CA LYS D 98 -24.68 -12.06 -18.09
C LYS D 98 -26.14 -11.94 -17.62
N LEU D 99 -26.67 -12.98 -16.98
CA LEU D 99 -28.05 -12.96 -16.42
C LEU D 99 -27.96 -13.30 -14.94
N THR D 100 -28.75 -12.60 -14.10
CA THR D 100 -28.92 -12.92 -12.67
C THR D 100 -30.43 -13.08 -12.43
N THR D 101 -30.83 -14.11 -11.68
CA THR D 101 -32.27 -14.44 -11.48
C THR D 101 -32.72 -14.05 -10.07
N SER D 102 -34.04 -14.05 -9.86
CA SER D 102 -34.70 -13.83 -8.55
C SER D 102 -34.32 -14.93 -7.55
N LYS D 103 -33.70 -16.04 -7.98
CA LYS D 103 -33.30 -17.11 -7.04
C LYS D 103 -31.79 -17.09 -6.82
N GLY D 104 -31.10 -16.02 -7.26
CA GLY D 104 -29.65 -15.88 -7.04
C GLY D 104 -28.82 -16.78 -7.95
N LYS D 105 -29.41 -17.33 -9.01
CA LYS D 105 -28.64 -18.03 -10.07
C LYS D 105 -28.04 -16.97 -10.99
N SER D 106 -26.88 -17.26 -11.57
CA SER D 106 -26.33 -16.40 -12.63
C SER D 106 -25.57 -17.24 -13.67
N ILE D 107 -25.48 -16.70 -14.88
CA ILE D 107 -24.58 -17.22 -15.94
C ILE D 107 -23.81 -16.05 -16.52
N MET D 108 -22.65 -16.35 -17.04
CA MET D 108 -21.80 -15.41 -17.77
C MET D 108 -21.29 -16.16 -19.01
N ALA D 109 -21.62 -15.67 -20.19
CA ALA D 109 -21.14 -16.27 -21.46
C ALA D 109 -20.37 -15.19 -22.22
N GLY D 110 -19.17 -15.54 -22.70
CA GLY D 110 -18.48 -14.72 -23.70
C GLY D 110 -17.81 -13.50 -23.09
N TYR D 111 -17.80 -12.39 -23.82
CA TYR D 111 -16.86 -11.26 -23.62
C TYR D 111 -17.65 -9.94 -23.59
N PHE D 112 -17.06 -8.96 -22.90
CA PHE D 112 -17.66 -7.65 -22.60
C PHE D 112 -16.58 -6.58 -22.79
N GLU D 113 -15.83 -6.65 -23.89
CA GLU D 113 -14.72 -5.72 -24.15
C GLU D 113 -15.18 -4.52 -24.98
N GLU D 114 -16.40 -4.52 -25.48
CA GLU D 114 -16.83 -3.39 -26.33
C GLU D 114 -18.01 -2.64 -25.70
N SER D 115 -19.19 -2.78 -26.26
CA SER D 115 -20.37 -2.02 -25.76
C SER D 115 -21.21 -2.89 -24.82
N LEU D 116 -22.14 -2.30 -24.08
CA LEU D 116 -22.98 -3.01 -23.08
C LEU D 116 -24.37 -2.42 -23.12
N ILE D 117 -25.39 -3.25 -22.92
CA ILE D 117 -26.77 -2.80 -22.58
C ILE D 117 -27.13 -3.44 -21.25
N THR D 118 -27.74 -2.65 -20.36
CA THR D 118 -28.44 -3.15 -19.18
C THR D 118 -29.92 -3.15 -19.53
N THR D 119 -30.53 -4.32 -19.65
CA THR D 119 -31.85 -4.46 -20.29
C THR D 119 -32.97 -4.31 -19.27
N TYR D 120 -34.20 -4.24 -19.77
CA TYR D 120 -35.40 -4.49 -18.97
C TYR D 120 -35.21 -5.83 -18.25
N THR D 121 -35.94 -6.00 -17.17
CA THR D 121 -35.95 -7.19 -16.32
C THR D 121 -37.39 -7.70 -16.24
N GLY D 122 -37.58 -8.89 -15.67
CA GLY D 122 -38.89 -9.54 -15.51
C GLY D 122 -38.81 -10.99 -15.93
N LYS D 123 -39.97 -11.57 -16.23
CA LYS D 123 -40.11 -12.99 -16.61
C LYS D 123 -39.71 -13.14 -18.08
N LEU D 124 -38.64 -13.90 -18.36
CA LEU D 124 -38.09 -14.05 -19.73
C LEU D 124 -39.07 -14.91 -20.56
N ALA D 125 -39.65 -14.31 -21.60
CA ALA D 125 -40.71 -14.94 -22.43
C ALA D 125 -40.10 -15.40 -23.76
N GLY D 126 -39.09 -14.72 -24.28
CA GLY D 126 -38.55 -15.08 -25.60
C GLY D 126 -37.29 -14.31 -25.95
N ILE D 127 -36.74 -14.58 -27.13
CA ILE D 127 -35.59 -13.84 -27.70
C ILE D 127 -35.87 -13.57 -29.19
N LYS D 128 -35.17 -12.56 -29.71
CA LYS D 128 -35.34 -12.06 -31.09
C LYS D 128 -33.96 -11.59 -31.53
N GLY D 129 -33.65 -11.67 -32.80
CA GLY D 129 -32.39 -11.10 -33.31
C GLY D 129 -32.06 -11.59 -34.69
N GLY D 130 -30.76 -11.70 -34.97
CA GLY D 130 -30.22 -12.25 -36.22
C GLY D 130 -28.99 -13.06 -35.95
N ALA D 131 -28.78 -14.13 -36.72
CA ALA D 131 -27.68 -15.09 -36.52
C ALA D 131 -27.30 -15.74 -37.85
N GLY D 132 -26.01 -15.97 -38.05
CA GLY D 132 -25.43 -16.73 -39.17
C GLY D 132 -24.38 -17.67 -38.64
N SER D 133 -23.11 -17.39 -38.90
CA SER D 133 -21.96 -18.04 -38.22
C SER D 133 -21.89 -17.57 -36.75
N ASP D 134 -22.33 -16.35 -36.51
CA ASP D 134 -22.27 -15.67 -35.19
C ASP D 134 -23.69 -15.25 -34.79
N ILE D 135 -23.87 -14.81 -33.54
CA ILE D 135 -25.08 -14.04 -33.14
C ILE D 135 -24.81 -12.59 -33.53
N ASP D 136 -25.46 -12.13 -34.59
CA ASP D 136 -25.29 -10.75 -35.12
C ASP D 136 -25.92 -9.78 -34.14
N ARG D 137 -27.12 -10.11 -33.64
CA ARG D 137 -27.84 -9.21 -32.73
C ARG D 137 -28.83 -10.03 -31.89
N LEU D 138 -29.08 -9.56 -30.69
CA LEU D 138 -29.93 -10.24 -29.68
C LEU D 138 -30.72 -9.22 -28.89
N GLY D 139 -32.02 -9.47 -28.75
CA GLY D 139 -32.90 -8.75 -27.84
C GLY D 139 -33.70 -9.74 -27.02
N LEU D 140 -33.88 -9.47 -25.76
CA LEU D 140 -34.67 -10.31 -24.84
C LEU D 140 -36.12 -9.82 -24.89
N ILE D 141 -37.06 -10.69 -24.55
CA ILE D 141 -38.51 -10.38 -24.53
C ILE D 141 -39.06 -10.84 -23.19
N PHE D 142 -39.76 -9.96 -22.48
CA PHE D 142 -40.30 -10.20 -21.11
C PHE D 142 -41.83 -10.11 -21.13
N LEU D 143 -42.51 -10.73 -20.17
CA LEU D 143 -43.96 -10.49 -19.89
C LEU D 143 -44.14 -9.11 -19.26
N LYS D 144 -45.27 -8.42 -19.51
CA LYS D 144 -45.59 -7.07 -18.95
C LYS D 144 -45.84 -7.12 -17.44
N ASN E 4 -43.31 22.35 -15.48
CA ASN E 4 -43.07 23.26 -14.33
C ASN E 4 -44.02 22.91 -13.18
N ASP E 5 -45.29 22.60 -13.48
CA ASP E 5 -46.16 22.02 -12.42
C ASP E 5 -46.06 20.49 -12.52
N ASN E 6 -45.37 19.98 -13.55
CA ASN E 6 -45.22 18.54 -13.79
C ASN E 6 -43.75 18.12 -13.84
N TYR E 7 -42.80 19.05 -13.91
CA TYR E 7 -41.40 18.63 -14.19
C TYR E 7 -40.41 19.32 -13.23
N ILE E 8 -39.33 18.60 -12.87
CA ILE E 8 -38.16 19.13 -12.13
C ILE E 8 -36.98 19.16 -13.09
N TYR E 9 -36.37 20.34 -13.25
CA TYR E 9 -35.25 20.57 -14.17
C TYR E 9 -33.96 20.51 -13.37
N SER E 10 -33.16 19.48 -13.60
CA SER E 10 -31.79 19.41 -13.04
C SER E 10 -30.94 20.42 -13.81
N THR E 11 -29.89 20.96 -13.20
CA THR E 11 -28.98 21.93 -13.86
C THR E 11 -28.37 21.31 -15.11
N GLU E 12 -28.39 22.06 -16.21
CA GLU E 12 -27.64 21.69 -17.44
C GLU E 12 -26.18 21.98 -17.17
N VAL E 13 -25.33 20.98 -17.26
CA VAL E 13 -23.88 21.18 -16.95
C VAL E 13 -23.11 21.02 -18.26
N GLY E 14 -22.01 21.73 -18.40
CA GLY E 14 -21.13 21.77 -19.57
C GLY E 14 -21.06 23.19 -20.13
N GLY E 15 -20.83 23.33 -21.43
CA GLY E 15 -20.64 24.64 -22.08
C GLY E 15 -21.89 25.14 -22.80
N VAL E 16 -21.77 26.28 -23.46
CA VAL E 16 -22.90 26.99 -24.13
C VAL E 16 -22.94 26.58 -25.62
N GLY E 17 -22.00 25.75 -26.09
CA GLY E 17 -21.85 25.42 -27.51
C GLY E 17 -22.87 24.42 -28.02
N GLY E 18 -22.72 24.06 -29.31
CA GLY E 18 -23.56 23.05 -29.98
C GLY E 18 -24.97 23.56 -30.24
N THR E 19 -25.82 22.69 -30.77
CA THR E 19 -27.22 22.98 -31.14
C THR E 19 -28.11 22.54 -29.99
N PRO E 20 -28.97 23.40 -29.43
CA PRO E 20 -29.87 23.02 -28.36
C PRO E 20 -30.79 21.86 -28.78
N PHE E 21 -31.13 21.00 -27.81
CA PHE E 21 -32.10 19.89 -27.97
C PHE E 21 -32.94 19.84 -26.69
N THR E 22 -34.19 19.44 -26.84
CA THR E 22 -35.06 19.04 -25.72
C THR E 22 -35.76 17.77 -26.18
N PHE E 23 -35.55 16.67 -25.46
CA PHE E 23 -36.25 15.38 -25.69
C PHE E 23 -37.21 15.18 -24.51
N MET E 24 -38.47 15.43 -24.79
CA MET E 24 -39.61 15.29 -23.86
C MET E 24 -40.84 14.94 -24.71
N GLN E 25 -41.73 14.11 -24.16
CA GLN E 25 -43.02 13.72 -24.80
C GLN E 25 -44.09 13.75 -23.71
N GLU E 26 -45.15 14.51 -23.94
CA GLU E 26 -46.31 14.66 -23.01
C GLU E 26 -46.78 13.26 -22.57
N SER E 27 -47.01 13.10 -21.26
CA SER E 27 -47.49 11.84 -20.59
C SER E 27 -46.51 10.68 -20.80
N GLY E 28 -45.28 10.96 -21.26
CA GLY E 28 -44.25 9.96 -21.60
C GLY E 28 -43.05 10.05 -20.68
N THR E 29 -42.35 8.95 -20.46
CA THR E 29 -41.07 8.93 -19.71
C THR E 29 -40.05 8.18 -20.55
N ILE E 30 -38.76 8.33 -20.25
CA ILE E 30 -37.69 7.67 -21.02
C ILE E 30 -37.71 6.18 -20.70
N THR E 31 -37.78 5.35 -21.74
CA THR E 31 -37.76 3.87 -21.62
C THR E 31 -36.36 3.36 -21.96
N SER E 32 -35.57 4.14 -22.67
CA SER E 32 -34.22 3.73 -23.12
C SER E 32 -33.34 4.96 -23.33
N ILE E 33 -32.08 4.88 -22.93
CA ILE E 33 -31.11 5.98 -23.15
C ILE E 33 -29.75 5.35 -23.46
N LYS E 34 -29.10 5.87 -24.49
CA LYS E 34 -27.80 5.37 -24.99
C LYS E 34 -26.81 6.53 -24.98
N PHE E 35 -25.63 6.30 -24.43
CA PHE E 35 -24.52 7.27 -24.41
C PHE E 35 -23.37 6.70 -25.21
N ASN E 36 -22.83 7.50 -26.14
CA ASN E 36 -21.61 7.20 -26.91
C ASN E 36 -20.50 8.10 -26.40
N TRP E 37 -19.30 7.57 -26.19
CA TRP E 37 -18.13 8.37 -25.74
C TRP E 37 -16.84 7.82 -26.33
N SER E 38 -15.76 8.60 -26.24
CA SER E 38 -14.42 8.22 -26.78
C SER E 38 -13.38 8.22 -25.66
N ASP E 39 -12.40 7.33 -25.76
CA ASP E 39 -11.14 7.39 -24.98
C ASP E 39 -10.27 8.49 -25.59
N GLN E 40 -10.34 8.77 -26.89
CA GLN E 40 -9.48 9.80 -27.52
C GLN E 40 -9.73 11.17 -26.87
N TYR E 41 -10.99 11.60 -26.76
CA TYR E 41 -11.36 12.95 -26.28
C TYR E 41 -11.84 12.91 -24.82
N LYS E 42 -12.12 11.73 -24.25
CA LYS E 42 -12.64 11.63 -22.86
C LYS E 42 -13.92 12.48 -22.75
N LEU E 43 -14.78 12.47 -23.77
CA LEU E 43 -16.07 13.24 -23.81
C LEU E 43 -17.21 12.30 -24.19
N LEU E 44 -18.45 12.65 -23.81
CA LEU E 44 -19.65 12.11 -24.49
C LEU E 44 -19.77 12.80 -25.85
N HIS E 45 -20.14 12.04 -26.88
CA HIS E 45 -20.31 12.57 -28.26
C HIS E 45 -21.76 12.53 -28.71
N HIS E 46 -22.55 11.56 -28.25
CA HIS E 46 -23.87 11.24 -28.84
C HIS E 46 -24.77 10.62 -27.78
N ILE E 47 -26.04 10.98 -27.81
CA ILE E 47 -27.10 10.46 -26.92
C ILE E 47 -28.30 10.09 -27.81
N GLU E 48 -28.91 8.93 -27.55
CA GLU E 48 -30.21 8.53 -28.12
C GLU E 48 -31.16 8.21 -26.97
N VAL E 49 -32.42 8.58 -27.14
CA VAL E 49 -33.49 8.39 -26.16
C VAL E 49 -34.69 7.78 -26.88
N LYS E 50 -35.38 6.84 -26.25
CA LYS E 50 -36.75 6.41 -26.64
C LYS E 50 -37.67 6.66 -25.46
N PHE E 51 -38.92 6.97 -25.75
CA PHE E 51 -40.03 7.17 -24.78
C PHE E 51 -41.00 6.00 -24.86
N ILE E 52 -41.72 5.72 -23.77
CA ILE E 52 -42.79 4.68 -23.73
C ILE E 52 -43.80 5.01 -24.83
N ASN E 53 -44.34 3.99 -25.51
CA ASN E 53 -45.43 4.12 -26.52
C ASN E 53 -45.00 5.00 -27.69
N ASN E 54 -43.73 4.92 -28.10
CA ASN E 54 -43.18 5.77 -29.19
C ASN E 54 -41.96 5.05 -29.77
N ALA E 55 -42.07 4.64 -31.04
CA ALA E 55 -41.06 3.84 -31.74
C ALA E 55 -39.91 4.75 -32.23
N ASN E 56 -40.09 6.07 -32.19
CA ASN E 56 -39.07 7.03 -32.71
C ASN E 56 -37.84 7.03 -31.79
N ILE E 57 -36.65 7.07 -32.40
CA ILE E 57 -35.36 7.31 -31.71
C ILE E 57 -35.03 8.79 -31.82
N TYR E 58 -34.86 9.48 -30.70
CA TYR E 58 -34.43 10.89 -30.61
C TYR E 58 -32.93 10.90 -30.32
N ALA E 59 -32.16 11.46 -31.25
CA ALA E 59 -30.68 11.41 -31.25
C ALA E 59 -30.12 12.83 -31.35
N THR E 60 -28.97 13.07 -30.71
CA THR E 60 -28.24 14.35 -30.80
C THR E 60 -26.76 14.01 -30.71
N GLY E 61 -25.92 14.81 -31.35
CA GLY E 61 -24.47 14.66 -31.34
C GLY E 61 -23.99 13.83 -32.50
N ASP E 62 -22.75 13.39 -32.45
CA ASP E 62 -22.06 12.64 -33.53
C ASP E 62 -21.58 11.32 -32.94
N PRO E 63 -22.09 10.15 -33.38
CA PRO E 63 -21.76 8.87 -32.75
C PRO E 63 -20.37 8.34 -33.14
N LYS E 64 -19.32 9.10 -32.85
CA LYS E 64 -17.95 8.83 -33.33
C LYS E 64 -17.11 8.15 -32.24
N GLY E 65 -17.62 8.02 -31.02
CA GLY E 65 -16.88 7.40 -29.92
C GLY E 65 -16.70 5.89 -30.13
N ASN E 66 -15.71 5.30 -29.47
CA ASN E 66 -15.38 3.85 -29.54
C ASN E 66 -16.18 3.05 -28.49
N HIS E 67 -17.01 3.68 -27.66
CA HIS E 67 -17.83 2.98 -26.64
C HIS E 67 -19.27 3.46 -26.69
N GLU E 68 -20.23 2.58 -26.40
CA GLU E 68 -21.62 3.02 -26.09
C GLU E 68 -22.16 2.16 -24.95
N VAL E 69 -23.10 2.68 -24.18
CA VAL E 69 -23.87 1.90 -23.17
C VAL E 69 -25.33 2.28 -23.34
N ILE E 70 -26.21 1.32 -23.11
CA ILE E 70 -27.68 1.53 -23.14
C ILE E 70 -28.21 1.15 -21.77
N LEU E 71 -29.10 1.97 -21.23
CA LEU E 71 -29.92 1.63 -20.06
C LEU E 71 -31.37 1.54 -20.51
N GLU E 72 -32.00 0.38 -20.28
CA GLU E 72 -33.46 0.25 -20.43
C GLU E 72 -34.09 0.43 -19.05
N ILE E 73 -35.20 1.13 -19.00
CA ILE E 73 -35.91 1.54 -17.75
C ILE E 73 -37.32 0.99 -17.81
N ASP E 74 -37.70 0.09 -16.89
CA ASP E 74 -39.08 -0.44 -16.76
C ASP E 74 -39.99 0.76 -16.46
N ASP E 75 -41.28 0.64 -16.72
CA ASP E 75 -42.28 1.73 -16.54
C ASP E 75 -42.29 2.21 -15.08
N ASP E 76 -42.14 1.33 -14.10
CA ASP E 76 -42.22 1.69 -12.66
C ASP E 76 -40.82 1.99 -12.10
N GLU E 77 -39.77 2.01 -12.94
CA GLU E 77 -38.36 2.10 -12.48
C GLU E 77 -37.92 3.58 -12.44
N THR E 78 -37.37 4.04 -11.31
CA THR E 78 -36.94 5.43 -11.10
C THR E 78 -35.41 5.46 -11.05
N ILE E 79 -34.84 6.66 -11.21
CA ILE E 79 -33.40 6.94 -10.96
C ILE E 79 -33.24 7.29 -9.48
N ILE E 80 -32.40 6.54 -8.73
CA ILE E 80 -32.16 6.79 -7.29
C ILE E 80 -30.76 7.39 -7.10
N GLY E 81 -29.94 7.40 -8.13
CA GLY E 81 -28.59 8.00 -8.06
C GLY E 81 -28.14 8.42 -9.44
N SER E 82 -27.61 9.63 -9.55
CA SER E 82 -27.29 10.23 -10.86
C SER E 82 -26.12 11.19 -10.70
N VAL E 83 -25.04 10.93 -11.43
CA VAL E 83 -23.85 11.82 -11.48
C VAL E 83 -23.55 12.12 -12.94
N ILE E 84 -23.39 13.39 -13.27
CA ILE E 84 -22.85 13.80 -14.60
C ILE E 84 -21.49 14.44 -14.39
N GLY E 85 -20.49 13.92 -15.08
CA GLY E 85 -19.15 14.51 -15.20
C GLY E 85 -19.12 15.50 -16.32
N TYR E 86 -18.47 16.65 -16.11
CA TYR E 86 -18.36 17.71 -17.14
C TYR E 86 -17.11 18.56 -16.95
N LYS E 87 -16.76 19.26 -18.02
CA LYS E 87 -15.81 20.40 -17.98
C LYS E 87 -16.66 21.66 -17.91
N LYS E 88 -16.37 22.51 -16.93
CA LYS E 88 -17.15 23.74 -16.66
C LYS E 88 -16.67 24.86 -17.56
N GLY E 89 -17.43 25.96 -17.59
CA GLY E 89 -17.13 27.17 -18.37
C GLY E 89 -17.90 27.18 -19.68
N ASN E 90 -17.90 28.32 -20.38
CA ASN E 90 -18.62 28.54 -21.66
C ASN E 90 -18.20 27.52 -22.71
N ASP E 91 -16.91 27.18 -22.73
CA ASP E 91 -16.40 26.18 -23.70
C ASP E 91 -16.38 24.77 -23.09
N GLY E 92 -17.26 24.52 -22.12
CA GLY E 92 -17.38 23.20 -21.42
C GLY E 92 -17.98 22.10 -22.28
N ARG E 93 -18.02 20.88 -21.72
CA ARG E 93 -18.48 19.62 -22.37
C ARG E 93 -18.99 18.66 -21.30
N CYS E 94 -19.89 17.73 -21.60
CA CYS E 94 -20.18 16.58 -20.73
C CYS E 94 -19.20 15.46 -21.03
N THR E 95 -18.61 14.90 -19.98
CA THR E 95 -17.53 13.90 -20.07
C THR E 95 -18.05 12.53 -19.65
N GLY E 96 -19.13 12.46 -18.83
CA GLY E 96 -19.54 11.16 -18.25
C GLY E 96 -20.91 11.23 -17.62
N VAL E 97 -21.55 10.08 -17.51
CA VAL E 97 -22.83 9.94 -16.77
C VAL E 97 -22.83 8.57 -16.06
N LYS E 98 -23.26 8.56 -14.81
CA LYS E 98 -23.49 7.34 -14.01
C LYS E 98 -24.95 7.41 -13.54
N LEU E 99 -25.74 6.37 -13.81
CA LEU E 99 -27.14 6.28 -13.32
C LEU E 99 -27.29 4.97 -12.54
N THR E 100 -28.02 5.01 -11.43
CA THR E 100 -28.45 3.83 -10.65
C THR E 100 -29.97 3.89 -10.50
N THR E 101 -30.65 2.76 -10.69
CA THR E 101 -32.14 2.72 -10.67
C THR E 101 -32.67 2.07 -9.40
N SER E 102 -33.97 2.23 -9.16
CA SER E 102 -34.73 1.60 -8.05
C SER E 102 -34.70 0.07 -8.17
N LYS E 103 -34.30 -0.50 -9.30
CA LYS E 103 -34.26 -1.98 -9.45
C LYS E 103 -32.80 -2.46 -9.43
N GLY E 104 -31.86 -1.62 -8.99
CA GLY E 104 -30.45 -2.02 -8.83
C GLY E 104 -29.70 -2.10 -10.15
N LYS E 105 -30.25 -1.58 -11.23
CA LYS E 105 -29.53 -1.47 -12.53
C LYS E 105 -28.62 -0.26 -12.47
N SER E 106 -27.49 -0.30 -13.12
CA SER E 106 -26.64 0.90 -13.26
C SER E 106 -25.92 0.92 -14.62
N ILE E 107 -25.57 2.12 -15.08
CA ILE E 107 -24.62 2.32 -16.20
C ILE E 107 -23.59 3.33 -15.78
N MET E 108 -22.44 3.24 -16.40
CA MET E 108 -21.35 4.24 -16.29
C MET E 108 -20.85 4.48 -17.70
N ALA E 109 -20.91 5.72 -18.17
CA ALA E 109 -20.37 6.11 -19.48
C ALA E 109 -19.33 7.20 -19.29
N GLY E 110 -18.19 7.09 -19.92
CA GLY E 110 -17.23 8.20 -20.08
C GLY E 110 -16.41 8.43 -18.83
N TYR E 111 -16.12 9.69 -18.55
CA TYR E 111 -15.02 10.12 -17.64
C TYR E 111 -15.55 11.15 -16.64
N PHE E 112 -14.89 11.22 -15.48
CA PHE E 112 -15.29 12.02 -14.32
C PHE E 112 -14.07 12.71 -13.71
N GLU E 113 -13.26 13.37 -14.53
CA GLU E 113 -11.92 13.87 -14.13
C GLU E 113 -11.99 15.34 -13.70
N GLU E 114 -13.07 16.09 -13.97
CA GLU E 114 -13.03 17.54 -13.65
C GLU E 114 -14.14 17.91 -12.67
N SER E 115 -15.34 18.18 -13.17
CA SER E 115 -16.48 18.68 -12.35
C SER E 115 -17.57 17.61 -12.34
N LEU E 116 -18.42 17.61 -11.32
CA LEU E 116 -19.48 16.60 -11.13
C LEU E 116 -20.72 17.31 -10.63
N ILE E 117 -21.89 16.83 -11.05
CA ILE E 117 -23.18 17.15 -10.39
C ILE E 117 -23.79 15.83 -9.91
N THR E 118 -24.25 15.82 -8.67
CA THR E 118 -25.17 14.80 -8.14
C THR E 118 -26.56 15.39 -8.20
N THR E 119 -27.41 14.85 -9.05
CA THR E 119 -28.64 15.52 -9.49
C THR E 119 -29.82 15.17 -8.59
N TYR E 120 -30.93 15.87 -8.79
CA TYR E 120 -32.26 15.39 -8.35
C TYR E 120 -32.44 13.94 -8.81
N THR E 121 -33.32 13.24 -8.12
CA THR E 121 -33.67 11.83 -8.43
C THR E 121 -35.18 11.76 -8.67
N GLY E 122 -35.64 10.62 -9.15
CA GLY E 122 -37.06 10.37 -9.46
C GLY E 122 -37.21 9.71 -10.80
N LYS E 123 -38.42 9.79 -11.36
CA LYS E 123 -38.78 9.18 -12.66
C LYS E 123 -38.22 10.06 -13.78
N LEU E 124 -37.28 9.53 -14.59
CA LEU E 124 -36.63 10.29 -15.65
C LEU E 124 -37.64 10.51 -16.80
N ALA E 125 -38.00 11.78 -17.05
CA ALA E 125 -39.01 12.16 -18.07
C ALA E 125 -38.32 12.61 -19.36
N GLY E 126 -37.13 13.21 -19.26
CA GLY E 126 -36.51 13.77 -20.47
C GLY E 126 -35.13 14.28 -20.22
N ILE E 127 -34.50 14.74 -21.29
CA ILE E 127 -33.18 15.40 -21.25
C ILE E 127 -33.23 16.65 -22.12
N LYS E 128 -32.30 17.55 -21.85
CA LYS E 128 -32.20 18.84 -22.55
C LYS E 128 -30.71 19.15 -22.58
N GLY E 129 -30.26 19.92 -23.57
CA GLY E 129 -28.87 20.39 -23.57
C GLY E 129 -28.48 20.94 -24.91
N GLY E 130 -27.20 20.78 -25.23
CA GLY E 130 -26.62 21.18 -26.52
C GLY E 130 -25.61 20.18 -26.98
N ALA E 131 -25.52 19.97 -28.29
CA ALA E 131 -24.65 18.95 -28.90
C ALA E 131 -24.24 19.38 -30.31
N GLY E 132 -23.00 19.08 -30.68
CA GLY E 132 -22.48 19.16 -32.06
C GLY E 132 -21.70 17.92 -32.38
N SER E 133 -20.37 18.01 -32.45
CA SER E 133 -19.44 16.85 -32.48
C SER E 133 -19.46 16.13 -31.13
N ASP E 134 -19.70 16.89 -30.06
CA ASP E 134 -19.68 16.41 -28.66
C ASP E 134 -21.02 16.72 -28.00
N ILE E 135 -21.26 16.19 -26.81
CA ILE E 135 -22.33 16.70 -25.91
C ILE E 135 -21.76 17.90 -25.16
N ASP E 136 -22.16 19.09 -25.55
CA ASP E 136 -21.68 20.37 -24.93
C ASP E 136 -22.25 20.46 -23.51
N ARG E 137 -23.52 20.13 -23.35
CA ARG E 137 -24.18 20.29 -22.04
C ARG E 137 -25.38 19.36 -21.97
N LEU E 138 -25.70 18.93 -20.74
CA LEU E 138 -26.77 17.96 -20.46
C LEU E 138 -27.46 18.32 -19.15
N GLY E 139 -28.79 18.34 -19.18
CA GLY E 139 -29.64 18.43 -17.96
C GLY E 139 -30.70 17.36 -18.01
N LEU E 140 -30.94 16.75 -16.85
CA LEU E 140 -31.97 15.70 -16.73
C LEU E 140 -33.27 16.39 -16.35
N ILE E 141 -34.38 15.74 -16.68
CA ILE E 141 -35.74 16.24 -16.37
C ILE E 141 -36.52 15.08 -15.71
N PHE E 142 -37.10 15.33 -14.54
CA PHE E 142 -37.84 14.32 -13.73
C PHE E 142 -39.31 14.74 -13.62
N LEU E 143 -40.21 13.78 -13.40
CA LEU E 143 -41.62 14.06 -12.96
C LEU E 143 -41.63 14.59 -11.52
N LYS E 144 -42.45 15.58 -11.21
CA LYS E 144 -42.63 16.09 -9.82
C LYS E 144 -43.28 15.03 -8.93
N ASP F 5 -33.58 -44.99 16.09
CA ASP F 5 -33.31 -44.45 17.42
C ASP F 5 -33.98 -43.08 17.57
N ASN F 6 -33.48 -42.24 18.49
CA ASN F 6 -33.78 -40.79 18.57
C ASN F 6 -32.65 -39.99 17.90
N TYR F 7 -31.86 -40.64 17.07
CA TYR F 7 -30.52 -40.20 16.61
C TYR F 7 -30.40 -40.30 15.09
N ILE F 8 -29.63 -39.39 14.51
CA ILE F 8 -29.20 -39.40 13.08
C ILE F 8 -27.70 -39.69 13.07
N TYR F 9 -27.32 -40.75 12.37
CA TYR F 9 -25.91 -41.20 12.27
C TYR F 9 -25.34 -40.69 10.96
N SER F 10 -24.42 -39.74 11.04
CA SER F 10 -23.66 -39.25 9.87
C SER F 10 -22.69 -40.34 9.46
N THR F 11 -22.34 -40.40 8.17
CA THR F 11 -21.37 -41.37 7.63
C THR F 11 -20.05 -41.28 8.39
N GLU F 12 -19.53 -42.43 8.81
CA GLU F 12 -18.16 -42.54 9.36
C GLU F 12 -17.21 -42.48 8.18
N VAL F 13 -16.33 -41.50 8.13
CA VAL F 13 -15.42 -41.35 6.96
C VAL F 13 -14.01 -41.66 7.43
N GLY F 14 -13.21 -42.24 6.53
CA GLY F 14 -11.82 -42.66 6.80
C GLY F 14 -11.68 -44.15 6.54
N GLY F 15 -10.76 -44.81 7.24
CA GLY F 15 -10.42 -46.23 7.01
C GLY F 15 -11.06 -47.15 8.02
N VAL F 16 -10.77 -48.45 7.91
CA VAL F 16 -11.39 -49.54 8.71
C VAL F 16 -10.52 -49.84 9.94
N GLY F 17 -9.36 -49.20 10.08
CA GLY F 17 -8.37 -49.50 11.13
C GLY F 17 -8.74 -48.99 12.52
N GLY F 18 -7.84 -49.20 13.48
CA GLY F 18 -7.95 -48.72 14.87
C GLY F 18 -9.00 -49.47 15.67
N THR F 19 -9.21 -49.05 16.91
CA THR F 19 -10.18 -49.65 17.85
C THR F 19 -11.48 -48.86 17.79
N PRO F 20 -12.63 -49.52 17.55
CA PRO F 20 -13.92 -48.83 17.53
C PRO F 20 -14.21 -48.08 18.82
N PHE F 21 -14.91 -46.95 18.71
CA PHE F 21 -15.44 -46.16 19.85
C PHE F 21 -16.84 -45.69 19.48
N THR F 22 -17.71 -45.60 20.48
CA THR F 22 -19.01 -44.89 20.41
C THR F 22 -19.11 -44.10 21.71
N PHE F 23 -19.18 -42.77 21.61
CA PHE F 23 -19.38 -41.84 22.74
C PHE F 23 -20.77 -41.23 22.57
N MET F 24 -21.72 -41.72 23.36
CA MET F 24 -23.11 -41.22 23.48
C MET F 24 -23.56 -41.44 24.92
N GLN F 25 -24.46 -40.59 25.42
CA GLN F 25 -25.02 -40.67 26.80
C GLN F 25 -26.52 -40.36 26.69
N GLU F 26 -27.35 -41.29 27.17
CA GLU F 26 -28.84 -41.14 27.22
C GLU F 26 -29.19 -39.76 27.82
N SER F 27 -30.13 -39.05 27.17
CA SER F 27 -30.66 -37.71 27.54
C SER F 27 -29.55 -36.65 27.55
N GLY F 28 -28.37 -36.95 27.00
CA GLY F 28 -27.17 -36.08 27.05
C GLY F 28 -26.76 -35.60 25.67
N THR F 29 -26.15 -34.42 25.59
CA THR F 29 -25.56 -33.89 24.34
C THR F 29 -24.12 -33.47 24.65
N ILE F 30 -23.30 -33.33 23.61
CA ILE F 30 -21.87 -32.93 23.76
C ILE F 30 -21.83 -31.45 24.17
N THR F 31 -21.15 -31.17 25.28
CA THR F 31 -20.95 -29.80 25.81
C THR F 31 -19.56 -29.31 25.44
N SER F 32 -18.64 -30.23 25.12
CA SER F 32 -17.25 -29.88 24.78
C SER F 32 -16.64 -30.95 23.89
N ILE F 33 -15.86 -30.55 22.89
CA ILE F 33 -15.14 -31.50 22.00
C ILE F 33 -13.77 -30.91 21.69
N LYS F 34 -12.74 -31.74 21.76
CA LYS F 34 -11.33 -31.36 21.55
C LYS F 34 -10.75 -32.25 20.46
N PHE F 35 -10.10 -31.64 19.47
CA PHE F 35 -9.40 -32.35 18.37
C PHE F 35 -7.92 -32.05 18.47
N ASN F 36 -7.10 -33.10 18.44
CA ASN F 36 -5.62 -33.02 18.41
C ASN F 36 -5.16 -33.44 17.02
N TRP F 37 -4.24 -32.70 16.41
CA TRP F 37 -3.69 -33.05 15.08
C TRP F 37 -2.23 -32.64 14.97
N SER F 38 -1.54 -33.17 13.95
CA SER F 38 -0.10 -32.88 13.70
C SER F 38 0.09 -32.23 12.34
N ASP F 39 1.06 -31.34 12.22
CA ASP F 39 1.60 -30.87 10.93
C ASP F 39 2.47 -32.00 10.33
N GLN F 40 3.11 -32.81 11.16
CA GLN F 40 4.02 -33.87 10.66
C GLN F 40 3.25 -34.86 9.78
N TYR F 41 2.10 -35.37 10.24
CA TYR F 41 1.32 -36.42 9.54
C TYR F 41 0.11 -35.83 8.83
N LYS F 42 -0.27 -34.57 9.11
CA LYS F 42 -1.47 -33.93 8.50
C LYS F 42 -2.70 -34.82 8.79
N LEU F 43 -2.80 -35.39 9.99
CA LEU F 43 -3.92 -36.26 10.45
C LEU F 43 -4.47 -35.75 11.77
N LEU F 44 -5.73 -36.05 12.09
CA LEU F 44 -6.22 -36.04 13.48
C LEU F 44 -5.65 -37.27 14.19
N HIS F 45 -5.23 -37.10 15.45
CA HIS F 45 -4.66 -38.20 16.26
C HIS F 45 -5.56 -38.56 17.44
N HIS F 46 -6.31 -37.60 17.99
CA HIS F 46 -6.96 -37.77 19.31
C HIS F 46 -8.19 -36.86 19.39
N ILE F 47 -9.26 -37.38 19.99
CA ILE F 47 -10.51 -36.62 20.23
C ILE F 47 -10.92 -36.86 21.68
N GLU F 48 -11.37 -35.81 22.37
CA GLU F 48 -12.01 -35.89 23.71
C GLU F 48 -13.36 -35.22 23.63
N VAL F 49 -14.32 -35.77 24.34
CA VAL F 49 -15.72 -35.29 24.39
C VAL F 49 -16.15 -35.23 25.86
N LYS F 50 -16.90 -34.20 26.25
CA LYS F 50 -17.67 -34.18 27.52
C LYS F 50 -19.14 -34.00 27.17
N PHE F 51 -20.02 -34.58 27.99
CA PHE F 51 -21.50 -34.48 27.89
C PHE F 51 -22.03 -33.62 29.03
N ILE F 52 -23.17 -32.96 28.84
CA ILE F 52 -23.86 -32.15 29.89
C ILE F 52 -24.09 -33.07 31.09
N ASN F 53 -23.94 -32.55 32.32
CA ASN F 53 -24.25 -33.25 33.60
C ASN F 53 -23.38 -34.49 33.76
N ASN F 54 -22.12 -34.46 33.31
CA ASN F 54 -21.19 -35.62 33.36
C ASN F 54 -19.77 -35.08 33.33
N ALA F 55 -19.02 -35.27 34.42
CA ALA F 55 -17.67 -34.72 34.61
C ALA F 55 -16.65 -35.60 33.88
N ASN F 56 -17.04 -36.79 33.41
CA ASN F 56 -16.10 -37.72 32.74
C ASN F 56 -15.67 -37.17 31.37
N ILE F 57 -14.39 -37.32 31.06
CA ILE F 57 -13.81 -37.06 29.72
C ILE F 57 -13.71 -38.39 28.97
N TYR F 58 -14.37 -38.48 27.81
CA TYR F 58 -14.32 -39.65 26.89
C TYR F 58 -13.30 -39.33 25.80
N ALA F 59 -12.23 -40.12 25.75
CA ALA F 59 -11.05 -39.87 24.88
C ALA F 59 -10.77 -41.08 24.01
N THR F 60 -10.27 -40.86 22.81
CA THR F 60 -9.85 -41.93 21.90
C THR F 60 -8.66 -41.42 21.09
N GLY F 61 -7.76 -42.32 20.70
CA GLY F 61 -6.58 -41.98 19.90
C GLY F 61 -5.39 -41.70 20.79
N ASP F 62 -4.34 -41.11 20.22
CA ASP F 62 -3.05 -40.84 20.89
C ASP F 62 -2.79 -39.34 20.76
N PRO F 63 -2.75 -38.56 21.87
CA PRO F 63 -2.64 -37.11 21.79
C PRO F 63 -1.22 -36.62 21.47
N LYS F 64 -0.67 -37.04 20.34
CA LYS F 64 0.75 -36.82 19.99
C LYS F 64 0.90 -35.64 19.02
N GLY F 65 -0.21 -35.06 18.55
CA GLY F 65 -0.15 -33.89 17.64
C GLY F 65 0.38 -32.65 18.35
N ASN F 66 0.89 -31.69 17.57
CA ASN F 66 1.44 -30.40 18.07
C ASN F 66 0.35 -29.33 18.16
N HIS F 67 -0.91 -29.62 17.80
CA HIS F 67 -2.03 -28.64 17.89
C HIS F 67 -3.24 -29.29 18.54
N GLU F 68 -4.04 -28.52 19.27
CA GLU F 68 -5.41 -28.95 19.67
C GLU F 68 -6.34 -27.74 19.55
N VAL F 69 -7.62 -28.00 19.35
CA VAL F 69 -8.70 -26.97 19.42
C VAL F 69 -9.83 -27.56 20.25
N ILE F 70 -10.48 -26.71 21.02
CA ILE F 70 -11.65 -27.06 21.85
C ILE F 70 -12.80 -26.21 21.41
N LEU F 71 -13.96 -26.82 21.21
CA LEU F 71 -15.23 -26.09 21.05
C LEU F 71 -16.09 -26.39 22.26
N GLU F 72 -16.53 -25.36 22.98
CA GLU F 72 -17.57 -25.49 24.02
C GLU F 72 -18.91 -25.10 23.38
N ILE F 73 -19.95 -25.87 23.70
CA ILE F 73 -21.29 -25.76 23.07
C ILE F 73 -22.30 -25.46 24.17
N ASP F 74 -22.98 -24.31 24.12
CA ASP F 74 -24.06 -23.94 25.06
C ASP F 74 -25.17 -24.98 24.90
N ASP F 75 -26.04 -25.14 25.90
CA ASP F 75 -27.10 -26.18 25.90
C ASP F 75 -28.05 -25.98 24.70
N ASP F 76 -28.36 -24.74 24.30
CA ASP F 76 -29.31 -24.47 23.21
C ASP F 76 -28.56 -24.33 21.86
N GLU F 77 -27.26 -24.60 21.81
CA GLU F 77 -26.41 -24.33 20.61
C GLU F 77 -26.34 -25.58 19.72
N THR F 78 -26.65 -25.43 18.43
CA THR F 78 -26.65 -26.55 17.44
C THR F 78 -25.48 -26.34 16.47
N ILE F 79 -25.12 -27.40 15.76
CA ILE F 79 -24.15 -27.35 14.63
C ILE F 79 -24.93 -27.04 13.36
N ILE F 80 -24.61 -25.95 12.66
CA ILE F 80 -25.31 -25.52 11.41
C ILE F 80 -24.42 -25.81 10.20
N GLY F 81 -23.15 -26.14 10.41
CA GLY F 81 -22.20 -26.42 9.31
C GLY F 81 -21.14 -27.36 9.83
N SER F 82 -20.83 -28.40 9.06
CA SER F 82 -19.93 -29.48 9.53
C SER F 82 -19.23 -30.11 8.34
N VAL F 83 -17.91 -30.04 8.30
CA VAL F 83 -17.08 -30.63 7.23
C VAL F 83 -16.01 -31.50 7.89
N ILE F 84 -15.90 -32.75 7.47
CA ILE F 84 -14.78 -33.63 7.90
C ILE F 84 -13.92 -33.92 6.67
N GLY F 85 -12.63 -33.62 6.77
CA GLY F 85 -11.60 -34.00 5.82
C GLY F 85 -11.07 -35.39 6.13
N TYR F 86 -10.87 -36.21 5.11
CA TYR F 86 -10.36 -37.59 5.29
C TYR F 86 -9.60 -38.08 4.06
N LYS F 87 -8.80 -39.12 4.28
CA LYS F 87 -8.23 -39.97 3.21
C LYS F 87 -9.15 -41.18 3.09
N LYS F 88 -9.62 -41.46 1.88
CA LYS F 88 -10.61 -42.54 1.61
C LYS F 88 -9.88 -43.89 1.47
N GLY F 89 -10.67 -44.97 1.46
CA GLY F 89 -10.18 -46.34 1.30
C GLY F 89 -9.98 -47.04 2.64
N ASN F 90 -9.70 -48.35 2.61
CA ASN F 90 -9.55 -49.21 3.81
C ASN F 90 -8.47 -48.66 4.74
N ASP F 91 -7.38 -48.16 4.18
CA ASP F 91 -6.24 -47.61 4.96
C ASP F 91 -6.45 -46.09 5.15
N GLY F 92 -7.69 -45.60 5.10
CA GLY F 92 -8.00 -44.17 5.28
C GLY F 92 -7.80 -43.66 6.70
N ARG F 93 -7.96 -42.35 6.87
CA ARG F 93 -7.74 -41.59 8.14
C ARG F 93 -8.63 -40.35 8.10
N CYS F 94 -9.02 -39.79 9.25
CA CYS F 94 -9.55 -38.41 9.31
C CYS F 94 -8.40 -37.43 9.42
N THR F 95 -8.44 -36.38 8.59
CA THR F 95 -7.37 -35.38 8.44
C THR F 95 -7.80 -34.05 9.05
N GLY F 96 -9.11 -33.77 9.15
CA GLY F 96 -9.57 -32.43 9.54
C GLY F 96 -11.04 -32.40 9.91
N VAL F 97 -11.43 -31.41 10.70
CA VAL F 97 -12.85 -31.12 11.01
C VAL F 97 -13.03 -29.61 11.10
N LYS F 98 -14.11 -29.12 10.52
CA LYS F 98 -14.58 -27.73 10.64
C LYS F 98 -16.03 -27.80 11.17
N LEU F 99 -16.33 -27.10 12.28
CA LEU F 99 -17.71 -26.98 12.81
C LEU F 99 -18.08 -25.52 12.92
N THR F 100 -19.31 -25.16 12.56
CA THR F 100 -19.90 -23.82 12.75
C THR F 100 -21.21 -24.00 13.53
N THR F 101 -21.45 -23.16 14.54
CA THR F 101 -22.63 -23.30 15.42
C THR F 101 -23.71 -22.25 15.12
N SER F 102 -24.90 -22.46 15.66
CA SER F 102 -26.05 -21.52 15.62
C SER F 102 -25.70 -20.21 16.34
N LYS F 103 -24.61 -20.12 17.10
CA LYS F 103 -24.22 -18.85 17.77
C LYS F 103 -23.02 -18.22 17.06
N GLY F 104 -22.68 -18.67 15.87
CA GLY F 104 -21.60 -18.09 15.05
C GLY F 104 -20.21 -18.47 15.55
N LYS F 105 -20.11 -19.46 16.43
CA LYS F 105 -18.80 -19.99 16.89
C LYS F 105 -18.30 -20.96 15.81
N SER F 106 -16.99 -21.07 15.64
CA SER F 106 -16.45 -22.10 14.73
C SER F 106 -15.09 -22.59 15.22
N ILE F 107 -14.72 -23.81 14.80
CA ILE F 107 -13.36 -24.37 14.97
C ILE F 107 -12.95 -24.97 13.64
N MET F 108 -11.66 -25.02 13.44
CA MET F 108 -11.02 -25.66 12.27
C MET F 108 -9.83 -26.44 12.80
N ALA F 109 -9.80 -27.75 12.61
CA ALA F 109 -8.68 -28.60 13.05
C ALA F 109 -8.14 -29.33 11.81
N GLY F 110 -6.82 -29.32 11.64
CA GLY F 110 -6.15 -30.23 10.71
C GLY F 110 -6.29 -29.82 9.26
N TYR F 111 -6.41 -30.77 8.36
CA TYR F 111 -6.14 -30.62 6.90
C TYR F 111 -7.32 -31.17 6.09
N PHE F 112 -7.49 -30.63 4.88
CA PHE F 112 -8.62 -30.90 3.98
C PHE F 112 -8.13 -31.07 2.55
N GLU F 113 -7.10 -31.90 2.34
CA GLU F 113 -6.38 -31.95 1.05
C GLU F 113 -6.89 -33.08 0.17
N GLU F 114 -7.70 -34.02 0.67
CA GLU F 114 -8.11 -35.15 -0.19
C GLU F 114 -9.65 -35.21 -0.34
N SER F 115 -10.34 -35.82 0.60
CA SER F 115 -11.80 -36.06 0.49
C SER F 115 -12.51 -35.27 1.60
N LEU F 116 -13.78 -34.97 1.40
CA LEU F 116 -14.59 -34.15 2.34
C LEU F 116 -15.98 -34.76 2.44
N ILE F 117 -16.58 -34.67 3.62
CA ILE F 117 -18.05 -34.83 3.80
C ILE F 117 -18.60 -33.53 4.39
N THR F 118 -19.70 -33.06 3.85
CA THR F 118 -20.57 -32.04 4.48
C THR F 118 -21.71 -32.81 5.10
N THR F 119 -21.78 -32.83 6.43
CA THR F 119 -22.63 -33.78 7.18
C THR F 119 -24.02 -33.21 7.41
N TYR F 120 -24.82 -34.05 8.05
CA TYR F 120 -26.09 -33.61 8.62
C TYR F 120 -25.77 -32.61 9.73
N THR F 121 -26.75 -31.78 9.99
CA THR F 121 -26.64 -30.71 10.99
C THR F 121 -27.67 -30.97 12.09
N GLY F 122 -27.59 -30.21 13.17
CA GLY F 122 -28.50 -30.30 14.32
C GLY F 122 -27.72 -30.29 15.61
N LYS F 123 -28.36 -30.77 16.68
CA LYS F 123 -27.79 -30.82 18.04
C LYS F 123 -26.84 -32.01 18.13
N LEU F 124 -25.54 -31.75 18.36
CA LEU F 124 -24.50 -32.81 18.38
C LEU F 124 -24.67 -33.65 19.66
N ALA F 125 -25.00 -34.93 19.49
CA ALA F 125 -25.31 -35.86 20.62
C ALA F 125 -24.12 -36.77 20.89
N GLY F 126 -23.32 -37.11 19.89
CA GLY F 126 -22.21 -38.06 20.11
C GLY F 126 -21.30 -38.19 18.90
N ILE F 127 -20.28 -39.03 19.03
CA ILE F 127 -19.37 -39.40 17.92
C ILE F 127 -19.11 -40.90 17.97
N LYS F 128 -18.68 -41.44 16.83
CA LYS F 128 -18.47 -42.89 16.63
C LYS F 128 -17.30 -42.99 15.64
N GLY F 129 -16.51 -44.04 15.72
CA GLY F 129 -15.47 -44.29 14.70
C GLY F 129 -14.48 -45.31 15.15
N GLY F 130 -13.24 -45.15 14.69
CA GLY F 130 -12.10 -45.99 15.07
C GLY F 130 -10.86 -45.14 15.21
N ALA F 131 -9.98 -45.51 16.15
CA ALA F 131 -8.77 -44.74 16.50
C ALA F 131 -7.69 -45.68 17.05
N GLY F 132 -6.44 -45.42 16.69
CA GLY F 132 -5.25 -46.01 17.30
C GLY F 132 -4.23 -44.94 17.61
N SER F 133 -3.15 -44.88 16.84
CA SER F 133 -2.20 -43.72 16.81
C SER F 133 -2.89 -42.50 16.20
N ASP F 134 -3.83 -42.73 15.28
CA ASP F 134 -4.54 -41.69 14.51
C ASP F 134 -6.04 -41.88 14.71
N ILE F 135 -6.83 -40.92 14.26
CA ILE F 135 -8.30 -41.13 14.06
C ILE F 135 -8.46 -41.80 12.68
N ASP F 136 -8.75 -43.09 12.68
CA ASP F 136 -8.94 -43.87 11.43
C ASP F 136 -10.22 -43.41 10.74
N ARG F 137 -11.29 -43.23 11.50
CA ARG F 137 -12.58 -42.85 10.93
C ARG F 137 -13.43 -42.18 12.02
N LEU F 138 -14.30 -41.28 11.58
CA LEU F 138 -15.15 -40.46 12.46
C LEU F 138 -16.51 -40.25 11.80
N GLY F 139 -17.56 -40.43 12.59
CA GLY F 139 -18.93 -40.06 12.24
C GLY F 139 -19.57 -39.30 13.37
N LEU F 140 -20.34 -38.28 13.05
CA LEU F 140 -21.04 -37.45 14.05
C LEU F 140 -22.42 -38.08 14.27
N ILE F 141 -23.01 -37.81 15.42
CA ILE F 141 -24.36 -38.29 15.80
C ILE F 141 -25.16 -37.09 16.29
N PHE F 142 -26.35 -36.88 15.75
CA PHE F 142 -27.23 -35.73 16.06
C PHE F 142 -28.55 -36.25 16.66
N LEU F 143 -29.27 -35.43 17.43
CA LEU F 143 -30.69 -35.70 17.82
C LEU F 143 -31.60 -35.54 16.61
N LYS F 144 -32.71 -36.30 16.53
CA LYS F 144 -33.72 -36.20 15.42
C LYS F 144 -34.52 -34.89 15.54
N ASN G 4 -21.99 -23.07 40.06
CA ASN G 4 -22.44 -24.32 39.40
C ASN G 4 -23.94 -24.30 39.03
N ASP G 5 -24.84 -23.79 39.87
CA ASP G 5 -26.22 -23.56 39.38
C ASP G 5 -26.36 -22.09 39.00
N ASN G 6 -25.30 -21.31 39.18
CA ASN G 6 -25.32 -19.86 38.90
C ASN G 6 -24.25 -19.52 37.88
N TYR G 7 -23.30 -20.42 37.68
CA TYR G 7 -22.11 -20.10 36.86
C TYR G 7 -21.83 -21.21 35.85
N ILE G 8 -21.30 -20.84 34.69
CA ILE G 8 -20.75 -21.74 33.65
C ILE G 8 -19.23 -21.55 33.63
N TYR G 9 -18.49 -22.64 33.84
CA TYR G 9 -17.02 -22.62 33.92
C TYR G 9 -16.49 -23.09 32.58
N SER G 10 -15.85 -22.20 31.86
CA SER G 10 -15.11 -22.55 30.62
C SER G 10 -13.84 -23.33 31.05
N THR G 11 -13.34 -24.22 30.20
CA THR G 11 -12.08 -24.96 30.46
C THR G 11 -10.93 -23.98 30.68
N GLU G 12 -10.16 -24.21 31.73
CA GLU G 12 -8.89 -23.50 31.97
C GLU G 12 -7.87 -24.06 30.99
N VAL G 13 -7.32 -23.23 30.12
CA VAL G 13 -6.38 -23.74 29.08
C VAL G 13 -4.99 -23.19 29.41
N GLY G 14 -3.97 -23.97 29.11
CA GLY G 14 -2.55 -23.64 29.38
C GLY G 14 -1.94 -24.71 30.26
N GLY G 15 -0.95 -24.35 31.07
CA GLY G 15 -0.18 -25.30 31.89
C GLY G 15 -0.61 -25.30 33.35
N VAL G 16 0.07 -26.11 34.16
CA VAL G 16 -0.29 -26.35 35.59
C VAL G 16 0.49 -25.40 36.49
N GLY G 17 1.38 -24.57 35.93
CA GLY G 17 2.32 -23.73 36.71
C GLY G 17 1.66 -22.50 37.32
N GLY G 18 2.49 -21.69 37.97
CA GLY G 18 2.10 -20.41 38.58
C GLY G 18 1.25 -20.59 39.82
N THR G 19 0.77 -19.49 40.37
CA THR G 19 -0.07 -19.44 41.59
C THR G 19 -1.53 -19.37 41.16
N PRO G 20 -2.41 -20.28 41.62
CA PRO G 20 -3.83 -20.23 41.31
C PRO G 20 -4.47 -18.89 41.71
N PHE G 21 -5.44 -18.43 40.93
CA PHE G 21 -6.28 -17.24 41.22
C PHE G 21 -7.71 -17.58 40.83
N THR G 22 -8.66 -17.01 41.56
CA THR G 22 -10.09 -16.94 41.16
C THR G 22 -10.52 -15.50 41.44
N PHE G 23 -10.93 -14.80 40.38
CA PHE G 23 -11.45 -13.43 40.45
C PHE G 23 -12.95 -13.50 40.21
N MET G 24 -13.69 -13.46 41.30
CA MET G 24 -15.17 -13.54 41.28
C MET G 24 -15.75 -12.86 42.52
N GLN G 25 -16.83 -12.12 42.35
CA GLN G 25 -17.50 -11.38 43.45
C GLN G 25 -19.02 -11.59 43.37
N GLU G 26 -19.65 -11.97 44.50
CA GLU G 26 -21.08 -12.22 44.71
C GLU G 26 -21.90 -11.06 44.12
N SER G 27 -22.95 -11.41 43.37
CA SER G 27 -23.92 -10.50 42.70
C SER G 27 -23.23 -9.58 41.68
N GLY G 28 -21.97 -9.85 41.33
CA GLY G 28 -21.10 -8.94 40.53
C GLY G 28 -20.73 -9.54 39.20
N THR G 29 -20.49 -8.69 38.20
CA THR G 29 -19.94 -9.11 36.89
C THR G 29 -18.73 -8.24 36.60
N ILE G 30 -17.90 -8.67 35.65
CA ILE G 30 -16.68 -7.90 35.27
C ILE G 30 -17.12 -6.64 34.52
N THR G 31 -16.66 -5.49 34.95
CA THR G 31 -16.94 -4.17 34.32
C THR G 31 -15.72 -3.75 33.49
N SER G 32 -14.56 -4.31 33.78
CA SER G 32 -13.31 -3.98 33.07
C SER G 32 -12.32 -5.14 33.15
N ILE G 33 -11.61 -5.43 32.07
CA ILE G 33 -10.55 -6.47 32.05
C ILE G 33 -9.39 -5.94 31.18
N LYS G 34 -8.18 -6.10 31.67
CA LYS G 34 -6.94 -5.65 31.02
C LYS G 34 -6.02 -6.85 30.84
N PHE G 35 -5.51 -7.03 29.64
CA PHE G 35 -4.53 -8.08 29.31
C PHE G 35 -3.22 -7.41 28.90
N ASN G 36 -2.14 -7.82 29.54
CA ASN G 36 -0.76 -7.41 29.20
C ASN G 36 -0.06 -8.58 28.51
N TRP G 37 0.64 -8.32 27.41
CA TRP G 37 1.39 -9.37 26.67
C TRP G 37 2.66 -8.80 26.07
N SER G 38 3.58 -9.68 25.65
CA SER G 38 4.89 -9.30 25.06
C SER G 38 5.02 -9.85 23.66
N ASP G 39 5.68 -9.10 22.78
CA ASP G 39 6.20 -9.63 21.48
C ASP G 39 7.44 -10.48 21.79
N GLN G 40 8.20 -10.18 22.83
CA GLN G 40 9.42 -10.92 23.18
C GLN G 40 9.10 -12.41 23.42
N TYR G 41 8.12 -12.72 24.26
CA TYR G 41 7.77 -14.10 24.67
C TYR G 41 6.53 -14.61 23.94
N LYS G 42 5.77 -13.75 23.26
CA LYS G 42 4.51 -14.13 22.57
C LYS G 42 3.58 -14.82 23.60
N LEU G 43 3.52 -14.31 24.84
CA LEU G 43 2.65 -14.82 25.95
C LEU G 43 1.83 -13.69 26.54
N LEU G 44 0.69 -13.98 27.15
CA LEU G 44 0.06 -13.09 28.16
C LEU G 44 0.89 -13.17 29.44
N HIS G 45 1.13 -12.03 30.10
CA HIS G 45 1.92 -11.96 31.35
C HIS G 45 1.07 -11.56 32.55
N HIS G 46 0.01 -10.76 32.35
CA HIS G 46 -0.68 -10.07 33.46
C HIS G 46 -2.12 -9.78 33.05
N ILE G 47 -3.02 -9.93 34.01
CA ILE G 47 -4.48 -9.65 33.85
C ILE G 47 -4.92 -8.82 35.06
N GLU G 48 -5.70 -7.78 34.83
CA GLU G 48 -6.40 -7.00 35.88
C GLU G 48 -7.90 -6.99 35.55
N VAL G 49 -8.71 -7.07 36.59
CA VAL G 49 -10.18 -7.15 36.50
C VAL G 49 -10.75 -6.16 37.50
N LYS G 50 -11.80 -5.43 37.14
CA LYS G 50 -12.67 -4.71 38.09
C LYS G 50 -14.09 -5.27 37.95
N PHE G 51 -14.84 -5.28 39.04
CA PHE G 51 -16.26 -5.72 39.11
C PHE G 51 -17.15 -4.50 39.35
N ILE G 52 -18.42 -4.57 38.93
CA ILE G 52 -19.43 -3.49 39.20
C ILE G 52 -19.49 -3.25 40.70
N ASN G 53 -19.62 -2.00 41.14
CA ASN G 53 -19.84 -1.61 42.57
C ASN G 53 -18.66 -2.05 43.44
N ASN G 54 -17.44 -1.98 42.92
CA ASN G 54 -16.22 -2.42 43.64
C ASN G 54 -15.02 -1.69 43.04
N ALA G 55 -14.39 -0.83 43.84
CA ALA G 55 -13.28 0.06 43.40
C ALA G 55 -11.97 -0.74 43.38
N ASN G 56 -11.93 -1.95 43.94
CA ASN G 56 -10.69 -2.75 44.01
C ASN G 56 -10.29 -3.23 42.60
N ILE G 57 -8.99 -3.20 42.30
CA ILE G 57 -8.39 -3.84 41.10
C ILE G 57 -7.83 -5.20 41.53
N TYR G 58 -8.30 -6.28 40.90
CA TYR G 58 -7.81 -7.66 41.08
C TYR G 58 -6.81 -7.96 39.96
N ALA G 59 -5.57 -8.21 40.34
CA ALA G 59 -4.43 -8.36 39.39
C ALA G 59 -3.71 -9.69 39.64
N THR G 60 -3.20 -10.31 38.59
CA THR G 60 -2.39 -11.54 38.68
C THR G 60 -1.34 -11.49 37.58
N GLY G 61 -0.18 -12.09 37.83
CA GLY G 61 0.91 -12.15 36.83
C GLY G 61 1.87 -11.00 37.03
N ASP G 62 2.74 -10.76 36.06
CA ASP G 62 3.82 -9.75 36.10
C ASP G 62 3.63 -8.86 34.89
N PRO G 63 3.33 -7.55 35.06
CA PRO G 63 3.01 -6.67 33.94
C PRO G 63 4.24 -6.22 33.13
N LYS G 64 4.99 -7.18 32.58
CA LYS G 64 6.30 -6.92 31.94
C LYS G 64 6.16 -6.87 30.42
N GLY G 65 4.98 -7.12 29.88
CA GLY G 65 4.76 -7.03 28.42
C GLY G 65 4.83 -5.60 27.91
N ASN G 66 5.06 -5.43 26.61
CA ASN G 66 5.17 -4.12 25.92
C ASN G 66 3.79 -3.68 25.40
N HIS G 67 2.72 -4.48 25.56
CA HIS G 67 1.37 -4.12 25.07
C HIS G 67 0.34 -4.37 26.20
N GLU G 68 -0.71 -3.57 26.26
CA GLU G 68 -1.91 -3.91 27.04
C GLU G 68 -3.16 -3.52 26.24
N VAL G 69 -4.28 -4.19 26.50
CA VAL G 69 -5.59 -3.81 25.97
C VAL G 69 -6.57 -3.86 27.13
N ILE G 70 -7.49 -2.93 27.13
CA ILE G 70 -8.57 -2.85 28.15
C ILE G 70 -9.88 -2.97 27.41
N LEU G 71 -10.76 -3.83 27.92
CA LEU G 71 -12.17 -3.87 27.50
C LEU G 71 -13.01 -3.41 28.69
N GLU G 72 -13.80 -2.36 28.50
CA GLU G 72 -14.83 -1.94 29.46
C GLU G 72 -16.16 -2.52 28.96
N ILE G 73 -16.95 -3.05 29.88
CA ILE G 73 -18.20 -3.81 29.59
C ILE G 73 -19.36 -3.09 30.26
N ASP G 74 -20.32 -2.60 29.48
CA ASP G 74 -21.56 -1.95 30.00
C ASP G 74 -22.30 -3.01 30.82
N ASP G 75 -23.18 -2.60 31.74
CA ASP G 75 -23.91 -3.54 32.63
C ASP G 75 -24.74 -4.55 31.82
N ASP G 76 -25.33 -4.14 30.69
CA ASP G 76 -26.21 -5.02 29.87
C ASP G 76 -25.40 -5.72 28.76
N GLU G 77 -24.07 -5.57 28.73
CA GLU G 77 -23.21 -6.06 27.61
C GLU G 77 -22.71 -7.49 27.90
N THR G 78 -22.91 -8.41 26.97
CA THR G 78 -22.48 -9.84 27.09
C THR G 78 -21.34 -10.11 26.12
N ILE G 79 -20.62 -11.21 26.34
CA ILE G 79 -19.59 -11.74 25.39
C ILE G 79 -20.31 -12.69 24.43
N ILE G 80 -20.24 -12.43 23.11
CA ILE G 80 -20.90 -13.26 22.06
C ILE G 80 -19.85 -14.09 21.32
N GLY G 81 -18.56 -13.82 21.51
CA GLY G 81 -17.49 -14.58 20.88
C GLY G 81 -16.24 -14.50 21.73
N SER G 82 -15.58 -15.64 21.94
CA SER G 82 -14.43 -15.71 22.86
C SER G 82 -13.48 -16.81 22.40
N VAL G 83 -12.24 -16.44 22.13
CA VAL G 83 -11.16 -17.39 21.73
C VAL G 83 -9.96 -17.12 22.64
N ILE G 84 -9.42 -18.18 23.25
CA ILE G 84 -8.15 -18.11 23.99
C ILE G 84 -7.12 -18.94 23.24
N GLY G 85 -6.00 -18.32 22.90
CA GLY G 85 -4.80 -19.00 22.37
C GLY G 85 -3.93 -19.46 23.49
N TYR G 86 -3.39 -20.68 23.38
CA TYR G 86 -2.51 -21.25 24.44
C TYR G 86 -1.52 -22.24 23.85
N LYS G 87 -0.48 -22.50 24.64
CA LYS G 87 0.42 -23.67 24.46
C LYS G 87 -0.10 -24.75 25.41
N LYS G 88 -0.33 -25.94 24.88
CA LYS G 88 -0.90 -27.09 25.63
C LYS G 88 0.22 -27.80 26.39
N GLY G 89 -0.18 -28.69 27.30
CA GLY G 89 0.72 -29.51 28.12
C GLY G 89 0.93 -28.90 29.49
N ASN G 90 1.59 -29.65 30.37
CA ASN G 90 1.83 -29.27 31.79
C ASN G 90 2.61 -27.96 31.84
N ASP G 91 3.56 -27.76 30.94
CA ASP G 91 4.40 -26.53 30.90
C ASP G 91 3.74 -25.51 29.95
N GLY G 92 2.43 -25.58 29.74
CA GLY G 92 1.71 -24.65 28.86
C GLY G 92 1.59 -23.22 29.41
N ARG G 93 1.02 -22.33 28.59
CA ARG G 93 0.87 -20.88 28.85
C ARG G 93 -0.33 -20.38 28.05
N CYS G 94 -0.99 -19.29 28.47
CA CYS G 94 -1.92 -18.55 27.58
C CYS G 94 -1.13 -17.55 26.76
N THR G 95 -1.40 -17.54 25.46
CA THR G 95 -0.65 -16.73 24.46
C THR G 95 -1.54 -15.58 23.95
N GLY G 96 -2.87 -15.70 24.03
CA GLY G 96 -3.76 -14.72 23.39
C GLY G 96 -5.19 -14.84 23.87
N VAL G 97 -5.93 -13.75 23.75
CA VAL G 97 -7.40 -13.72 23.99
C VAL G 97 -8.03 -12.76 23.00
N LYS G 98 -9.14 -13.18 22.41
CA LYS G 98 -10.00 -12.36 21.53
C LYS G 98 -11.40 -12.42 22.12
N LEU G 99 -12.01 -11.27 22.41
CA LEU G 99 -13.39 -11.17 22.91
C LEU G 99 -14.17 -10.26 21.98
N THR G 100 -15.42 -10.62 21.68
CA THR G 100 -16.39 -9.78 20.93
C THR G 100 -17.64 -9.68 21.78
N THR G 101 -18.23 -8.49 21.90
CA THR G 101 -19.41 -8.24 22.78
C THR G 101 -20.70 -8.08 21.97
N SER G 102 -21.84 -8.13 22.68
CA SER G 102 -23.18 -7.87 22.14
C SER G 102 -23.31 -6.43 21.62
N LYS G 103 -22.38 -5.53 21.93
CA LYS G 103 -22.45 -4.13 21.41
C LYS G 103 -21.42 -3.93 20.30
N GLY G 104 -20.83 -4.99 19.77
CA GLY G 104 -19.89 -4.91 18.63
C GLY G 104 -18.52 -4.40 19.05
N LYS G 105 -18.22 -4.39 20.35
CA LYS G 105 -16.87 -4.07 20.84
C LYS G 105 -16.02 -5.32 20.72
N SER G 106 -14.73 -5.18 20.49
CA SER G 106 -13.81 -6.33 20.53
C SER G 106 -12.42 -5.92 21.01
N ILE G 107 -11.70 -6.89 21.58
CA ILE G 107 -10.25 -6.76 21.87
C ILE G 107 -9.57 -8.01 21.33
N MET G 108 -8.32 -7.83 21.00
CA MET G 108 -7.41 -8.91 20.59
C MET G 108 -6.10 -8.67 21.33
N ALA G 109 -5.68 -9.60 22.15
CA ALA G 109 -4.39 -9.53 22.87
C ALA G 109 -3.55 -10.74 22.47
N GLY G 110 -2.30 -10.50 22.13
CA GLY G 110 -1.28 -11.56 22.05
C GLY G 110 -1.42 -12.41 20.77
N TYR G 111 -1.17 -13.72 20.88
CA TYR G 111 -0.82 -14.62 19.77
C TYR G 111 -1.68 -15.88 19.81
N PHE G 112 -1.89 -16.51 18.65
CA PHE G 112 -2.82 -17.64 18.44
C PHE G 112 -2.20 -18.72 17.56
N GLU G 113 -0.94 -19.09 17.80
CA GLU G 113 -0.15 -19.88 16.82
C GLU G 113 -0.18 -21.37 17.12
N GLU G 114 -0.66 -21.81 18.27
CA GLU G 114 -0.59 -23.25 18.62
C GLU G 114 -2.00 -23.82 18.83
N SER G 115 -2.57 -23.68 20.02
CA SER G 115 -3.86 -24.29 20.37
C SER G 115 -4.87 -23.18 20.64
N LEU G 116 -6.15 -23.47 20.47
CA LEU G 116 -7.25 -22.48 20.62
C LEU G 116 -8.41 -23.15 21.35
N ILE G 117 -9.12 -22.38 22.16
CA ILE G 117 -10.48 -22.75 22.63
C ILE G 117 -11.44 -21.67 22.17
N THR G 118 -12.57 -22.09 21.62
CA THR G 118 -13.77 -21.23 21.42
C THR G 118 -14.71 -21.56 22.56
N THR G 119 -14.92 -20.61 23.47
CA THR G 119 -15.52 -20.89 24.79
C THR G 119 -17.03 -20.71 24.73
N TYR G 120 -17.60 -20.95 25.89
CA TYR G 120 -18.99 -20.61 26.20
C TYR G 120 -19.07 -19.08 26.18
N THR G 121 -20.26 -18.60 25.89
CA THR G 121 -20.56 -17.17 25.76
C THR G 121 -21.60 -16.82 26.82
N GLY G 122 -21.86 -15.52 26.98
CA GLY G 122 -22.83 -14.99 27.96
C GLY G 122 -22.23 -13.83 28.71
N LYS G 123 -22.81 -13.51 29.87
CA LYS G 123 -22.40 -12.37 30.72
C LYS G 123 -21.14 -12.80 31.49
N LEU G 124 -20.01 -12.11 31.28
CA LEU G 124 -18.71 -12.47 31.90
C LEU G 124 -18.76 -12.13 33.39
N ALA G 125 -18.69 -13.15 34.27
CA ALA G 125 -18.79 -12.97 35.74
C ALA G 125 -17.39 -12.98 36.36
N GLY G 126 -16.45 -13.72 35.79
CA GLY G 126 -15.15 -13.85 36.47
C GLY G 126 -14.15 -14.61 35.62
N ILE G 127 -12.94 -14.73 36.16
CA ILE G 127 -11.84 -15.52 35.56
C ILE G 127 -11.16 -16.33 36.66
N LYS G 128 -10.46 -17.37 36.24
CA LYS G 128 -9.79 -18.33 37.13
C LYS G 128 -8.55 -18.77 36.35
N GLY G 129 -7.49 -19.17 37.04
CA GLY G 129 -6.35 -19.79 36.37
C GLY G 129 -5.15 -19.84 37.27
N GLY G 130 -3.98 -19.73 36.65
CA GLY G 130 -2.69 -19.68 37.34
C GLY G 130 -1.76 -18.71 36.64
N ALA G 131 -0.92 -18.02 37.43
CA ALA G 131 -0.04 -16.96 36.92
C ALA G 131 1.21 -16.84 37.81
N GLY G 132 2.35 -16.58 37.17
CA GLY G 132 3.62 -16.20 37.82
C GLY G 132 4.23 -15.03 37.09
N SER G 133 5.31 -15.27 36.34
CA SER G 133 5.87 -14.33 35.34
C SER G 133 4.90 -14.19 34.16
N ASP G 134 4.18 -15.27 33.86
CA ASP G 134 3.27 -15.38 32.69
C ASP G 134 1.87 -15.74 33.21
N ILE G 135 0.87 -15.70 32.32
CA ILE G 135 -0.43 -16.37 32.56
C ILE G 135 -0.24 -17.84 32.15
N ASP G 136 -0.12 -18.73 33.13
CA ASP G 136 0.07 -20.17 32.90
C ASP G 136 -1.20 -20.74 32.30
N ARG G 137 -2.36 -20.35 32.84
CA ARG G 137 -3.64 -20.91 32.39
C ARG G 137 -4.77 -19.93 32.75
N LEU G 138 -5.82 -19.97 31.92
CA LEU G 138 -6.97 -19.05 32.02
C LEU G 138 -8.26 -19.79 31.67
N GLY G 139 -9.27 -19.62 32.52
CA GLY G 139 -10.66 -20.05 32.26
C GLY G 139 -11.60 -18.89 32.53
N LEU G 140 -12.58 -18.70 31.68
CA LEU G 140 -13.60 -17.65 31.83
C LEU G 140 -14.76 -18.26 32.62
N ILE G 141 -15.54 -17.40 33.27
CA ILE G 141 -16.72 -17.80 34.07
C ILE G 141 -17.88 -16.89 33.68
N PHE G 142 -19.02 -17.47 33.33
CA PHE G 142 -20.23 -16.76 32.84
C PHE G 142 -21.40 -17.00 33.79
N LEU G 143 -22.39 -16.11 33.78
CA LEU G 143 -23.64 -16.31 34.53
C LEU G 143 -24.48 -17.34 33.78
N LYS G 144 -25.19 -18.18 34.50
CA LYS G 144 -26.09 -19.19 33.89
C LYS G 144 -27.43 -18.53 33.58
N ASP H 5 24.77 -13.85 -39.29
CA ASP H 5 24.63 -12.51 -39.89
C ASP H 5 25.60 -11.53 -39.19
N ASN H 6 25.31 -10.24 -39.27
CA ASN H 6 25.91 -9.16 -38.45
C ASN H 6 24.97 -8.82 -37.28
N TYR H 7 23.99 -9.69 -37.00
CA TYR H 7 22.75 -9.36 -36.26
C TYR H 7 22.48 -10.39 -35.17
N ILE H 8 21.92 -9.94 -34.05
CA ILE H 8 21.37 -10.76 -32.94
C ILE H 8 19.85 -10.62 -32.98
N TYR H 9 19.14 -11.73 -33.10
CA TYR H 9 17.67 -11.78 -33.18
C TYR H 9 17.14 -12.12 -31.79
N SER H 10 16.49 -11.18 -31.13
CA SER H 10 15.78 -11.41 -29.87
C SER H 10 14.55 -12.24 -30.16
N THR H 11 14.10 -13.03 -29.21
CA THR H 11 12.86 -13.86 -29.30
C THR H 11 11.68 -12.97 -29.66
N GLU H 12 10.91 -13.38 -30.67
CA GLU H 12 9.62 -12.77 -31.00
C GLU H 12 8.62 -13.24 -29.95
N VAL H 13 8.02 -12.33 -29.19
CA VAL H 13 7.08 -12.73 -28.11
C VAL H 13 5.68 -12.30 -28.53
N GLY H 14 4.68 -13.07 -28.13
CA GLY H 14 3.28 -12.88 -28.49
C GLY H 14 2.75 -14.10 -29.23
N GLY H 15 1.76 -13.91 -30.10
CA GLY H 15 1.07 -15.02 -30.78
C GLY H 15 1.51 -15.19 -32.22
N VAL H 16 0.87 -16.12 -32.93
CA VAL H 16 1.27 -16.56 -34.30
C VAL H 16 0.49 -15.77 -35.35
N GLY H 17 -0.46 -14.91 -34.94
CA GLY H 17 -1.40 -14.22 -35.85
C GLY H 17 -0.77 -13.07 -36.63
N GLY H 18 -1.59 -12.39 -37.41
CA GLY H 18 -1.25 -11.18 -38.18
C GLY H 18 -0.34 -11.48 -39.36
N THR H 19 0.09 -10.44 -40.04
CA THR H 19 0.96 -10.51 -41.24
C THR H 19 2.40 -10.28 -40.81
N PRO H 20 3.33 -11.19 -41.15
CA PRO H 20 4.74 -11.00 -40.84
C PRO H 20 5.30 -9.68 -41.36
N PHE H 21 6.24 -9.11 -40.62
CA PHE H 21 7.05 -7.94 -41.03
C PHE H 21 8.48 -8.16 -40.58
N THR H 22 9.42 -7.65 -41.36
CA THR H 22 10.84 -7.49 -40.99
C THR H 22 11.26 -6.10 -41.45
N PHE H 23 11.65 -5.24 -40.53
CA PHE H 23 12.19 -3.87 -40.80
C PHE H 23 13.66 -3.88 -40.42
N MET H 24 14.51 -3.94 -41.44
CA MET H 24 16.00 -3.85 -41.34
C MET H 24 16.49 -3.17 -42.62
N GLN H 25 17.61 -2.46 -42.54
CA GLN H 25 18.25 -1.77 -43.69
C GLN H 25 19.76 -1.99 -43.58
N GLU H 26 20.38 -2.54 -44.62
CA GLU H 26 21.84 -2.74 -44.72
C GLU H 26 22.58 -1.45 -44.31
N SER H 27 23.60 -1.59 -43.46
CA SER H 27 24.47 -0.51 -42.91
C SER H 27 23.66 0.52 -42.12
N GLY H 28 22.39 0.24 -41.79
CA GLY H 28 21.45 1.20 -41.16
C GLY H 28 21.04 0.75 -39.76
N THR H 29 20.76 1.69 -38.87
CA THR H 29 20.21 1.40 -37.51
C THR H 29 18.98 2.29 -37.31
N ILE H 30 18.15 1.93 -36.34
CA ILE H 30 16.89 2.66 -36.05
C ILE H 30 17.25 4.00 -35.42
N THR H 31 16.75 5.09 -36.00
CA THR H 31 16.96 6.47 -35.50
C THR H 31 15.70 6.92 -34.75
N SER H 32 14.57 6.28 -35.00
CA SER H 32 13.29 6.66 -34.36
C SER H 32 12.35 5.47 -34.34
N ILE H 33 11.62 5.29 -33.24
CA ILE H 33 10.63 4.18 -33.11
C ILE H 33 9.42 4.71 -32.35
N LYS H 34 8.23 4.39 -32.84
CA LYS H 34 6.95 4.88 -32.29
C LYS H 34 6.06 3.68 -32.00
N PHE H 35 5.49 3.62 -30.83
CA PHE H 35 4.55 2.55 -30.40
C PHE H 35 3.21 3.18 -30.11
N ASN H 36 2.14 2.62 -30.69
CA ASN H 36 0.74 3.03 -30.48
C ASN H 36 0.06 1.94 -29.67
N TRP H 37 -0.72 2.30 -28.65
CA TRP H 37 -1.47 1.32 -27.83
C TRP H 37 -2.79 1.91 -27.36
N SER H 38 -3.68 1.05 -26.86
CA SER H 38 -5.03 1.45 -26.38
C SER H 38 -5.20 1.09 -24.91
N ASP H 39 -5.96 1.90 -24.18
CA ASP H 39 -6.51 1.54 -22.85
C ASP H 39 -7.66 0.55 -23.05
N GLN H 40 -8.39 0.63 -24.15
CA GLN H 40 -9.56 -0.25 -24.39
C GLN H 40 -9.12 -1.72 -24.41
N TYR H 41 -8.09 -2.07 -25.18
CA TYR H 41 -7.63 -3.46 -25.38
C TYR H 41 -6.38 -3.77 -24.55
N LYS H 42 -5.70 -2.77 -24.00
CA LYS H 42 -4.42 -2.96 -23.24
C LYS H 42 -3.43 -3.72 -24.13
N LEU H 43 -3.37 -3.40 -25.43
CA LEU H 43 -2.43 -4.03 -26.43
C LEU H 43 -1.67 -2.94 -27.17
N LEU H 44 -0.49 -3.25 -27.71
CA LEU H 44 0.11 -2.45 -28.81
C LEU H 44 -0.68 -2.76 -30.08
N HIS H 45 -0.93 -1.72 -30.88
CA HIS H 45 -1.68 -1.84 -32.16
C HIS H 45 -0.79 -1.55 -33.36
N HIS H 46 0.22 -0.70 -33.21
CA HIS H 46 0.94 -0.13 -34.38
C HIS H 46 2.35 0.27 -33.96
N ILE H 47 3.30 0.05 -34.85
CA ILE H 47 4.72 0.44 -34.67
C ILE H 47 5.17 1.11 -35.95
N GLU H 48 5.93 2.20 -35.83
CA GLU H 48 6.63 2.86 -36.96
C GLU H 48 8.11 2.97 -36.59
N VAL H 49 8.96 2.80 -37.57
CA VAL H 49 10.43 2.86 -37.43
C VAL H 49 10.97 3.75 -38.55
N LYS H 50 11.99 4.56 -38.26
CA LYS H 50 12.84 5.21 -39.30
C LYS H 50 14.27 4.76 -39.05
N PHE H 51 15.04 4.65 -40.12
CA PHE H 51 16.48 4.30 -40.15
C PHE H 51 17.29 5.53 -40.52
N ILE H 52 18.54 5.61 -40.06
CA ILE H 52 19.50 6.69 -40.44
C ILE H 52 19.59 6.74 -41.98
N ASN H 53 19.69 7.94 -42.56
CA ASN H 53 19.91 8.17 -44.02
C ASN H 53 18.76 7.59 -44.85
N ASN H 54 17.52 7.65 -44.34
CA ASN H 54 16.34 7.06 -45.01
C ASN H 54 15.09 7.79 -44.50
N ALA H 55 14.43 8.53 -45.39
CA ALA H 55 13.27 9.39 -45.04
C ALA H 55 12.00 8.53 -44.97
N ASN H 56 12.04 7.26 -45.41
CA ASN H 56 10.84 6.38 -45.41
C ASN H 56 10.45 6.02 -43.98
N ILE H 57 9.14 6.02 -43.70
CA ILE H 57 8.57 5.48 -42.44
C ILE H 57 8.10 4.05 -42.69
N TYR H 58 8.62 3.09 -41.95
CA TYR H 58 8.21 1.66 -42.00
C TYR H 58 7.22 1.40 -40.86
N ALA H 59 5.99 1.06 -41.22
CA ALA H 59 4.83 0.99 -40.32
C ALA H 59 4.19 -0.40 -40.44
N THR H 60 3.64 -0.89 -39.33
CA THR H 60 2.91 -2.17 -39.30
C THR H 60 1.82 -2.03 -38.24
N GLY H 61 0.69 -2.71 -38.46
CA GLY H 61 -0.44 -2.70 -37.53
C GLY H 61 -1.43 -1.63 -37.91
N ASP H 62 -2.35 -1.32 -37.01
CA ASP H 62 -3.47 -0.37 -37.21
C ASP H 62 -3.35 0.69 -36.12
N PRO H 63 -3.11 1.99 -36.46
CA PRO H 63 -2.85 3.01 -35.43
C PRO H 63 -4.12 3.51 -34.74
N LYS H 64 -4.86 2.61 -34.11
CA LYS H 64 -6.22 2.91 -33.58
C LYS H 64 -6.15 3.19 -32.07
N GLY H 65 -4.99 3.02 -31.43
CA GLY H 65 -4.85 3.28 -30.00
C GLY H 65 -4.98 4.76 -29.68
N ASN H 66 -5.30 5.08 -28.42
CA ASN H 66 -5.45 6.47 -27.92
C ASN H 66 -4.12 7.01 -27.40
N HIS H 67 -3.02 6.24 -27.42
CA HIS H 67 -1.70 6.71 -26.92
C HIS H 67 -0.61 6.36 -27.93
N GLU H 68 0.42 7.18 -28.04
CA GLU H 68 1.68 6.80 -28.74
C GLU H 68 2.86 7.35 -27.94
N VAL H 69 4.02 6.70 -28.08
CA VAL H 69 5.31 7.22 -27.55
C VAL H 69 6.33 7.08 -28.67
N ILE H 70 7.24 8.04 -28.74
CA ILE H 70 8.34 8.06 -29.72
C ILE H 70 9.64 8.07 -28.92
N LEU H 71 10.61 7.26 -29.34
CA LEU H 71 12.01 7.37 -28.86
C LEU H 71 12.86 7.77 -30.05
N GLU H 72 13.60 8.86 -29.95
CA GLU H 72 14.65 9.21 -30.93
C GLU H 72 15.98 8.74 -30.37
N ILE H 73 16.82 8.16 -31.22
CA ILE H 73 18.07 7.48 -30.83
C ILE H 73 19.23 8.14 -31.58
N ASP H 74 20.18 8.73 -30.89
CA ASP H 74 21.41 9.34 -31.49
C ASP H 74 22.18 8.19 -32.19
N ASP H 75 23.03 8.51 -33.15
CA ASP H 75 23.77 7.50 -33.96
C ASP H 75 24.63 6.60 -33.04
N ASP H 76 25.23 7.15 -31.99
CA ASP H 76 26.14 6.40 -31.09
C ASP H 76 25.35 5.81 -29.89
N GLU H 77 24.02 5.93 -29.85
CA GLU H 77 23.20 5.58 -28.66
C GLU H 77 22.71 4.12 -28.77
N THR H 78 22.96 3.33 -27.72
CA THR H 78 22.60 1.88 -27.68
C THR H 78 21.45 1.69 -26.69
N ILE H 79 20.77 0.55 -26.78
CA ILE H 79 19.77 0.08 -25.77
C ILE H 79 20.53 -0.71 -24.69
N ILE H 80 20.44 -0.28 -23.42
CA ILE H 80 21.12 -0.97 -22.28
C ILE H 80 20.08 -1.74 -21.46
N GLY H 81 18.79 -1.51 -21.68
CA GLY H 81 17.72 -2.21 -20.95
C GLY H 81 16.50 -2.29 -21.83
N SER H 82 15.86 -3.46 -21.90
CA SER H 82 14.75 -3.69 -22.83
C SER H 82 13.81 -4.74 -22.26
N VAL H 83 12.54 -4.38 -22.06
CA VAL H 83 11.48 -5.31 -21.59
C VAL H 83 10.31 -5.20 -22.56
N ILE H 84 9.81 -6.32 -23.04
CA ILE H 84 8.54 -6.39 -23.80
C ILE H 84 7.53 -7.14 -22.96
N GLY H 85 6.38 -6.51 -22.73
CA GLY H 85 5.18 -7.14 -22.16
C GLY H 85 4.36 -7.81 -23.24
N TYR H 86 3.86 -9.01 -22.97
CA TYR H 86 3.04 -9.78 -23.94
C TYR H 86 2.07 -10.71 -23.24
N LYS H 87 1.06 -11.13 -23.99
CA LYS H 87 0.18 -12.27 -23.67
C LYS H 87 0.76 -13.47 -24.42
N LYS H 88 1.01 -14.56 -23.68
CA LYS H 88 1.66 -15.77 -24.21
C LYS H 88 0.62 -16.66 -24.92
N GLY H 89 1.13 -17.66 -25.65
CA GLY H 89 0.32 -18.64 -26.39
C GLY H 89 0.09 -18.25 -27.84
N ASN H 90 -0.52 -19.15 -28.59
CA ASN H 90 -0.73 -19.02 -30.06
C ASN H 90 -1.57 -17.78 -30.36
N ASP H 91 -2.56 -17.50 -29.52
CA ASP H 91 -3.45 -16.32 -29.68
C ASP H 91 -2.88 -15.13 -28.89
N GLY H 92 -1.57 -15.10 -28.65
CA GLY H 92 -0.90 -14.01 -27.90
C GLY H 92 -0.84 -12.69 -28.65
N ARG H 93 -0.35 -11.66 -27.96
CA ARG H 93 -0.25 -10.25 -28.43
C ARG H 93 0.91 -9.58 -27.69
N CYS H 94 1.54 -8.55 -28.26
CA CYS H 94 2.40 -7.62 -27.47
C CYS H 94 1.56 -6.55 -26.80
N THR H 95 1.79 -6.32 -25.52
CA THR H 95 0.99 -5.43 -24.66
C THR H 95 1.81 -4.18 -24.33
N GLY H 96 3.16 -4.23 -24.36
CA GLY H 96 3.97 -3.12 -23.83
C GLY H 96 5.43 -3.24 -24.19
N VAL H 97 6.14 -2.12 -24.20
CA VAL H 97 7.62 -2.08 -24.39
C VAL H 97 8.21 -0.99 -23.51
N LYS H 98 9.31 -1.30 -22.84
CA LYS H 98 10.09 -0.35 -22.03
C LYS H 98 11.52 -0.43 -22.56
N LEU H 99 12.11 0.71 -22.93
CA LEU H 99 13.52 0.77 -23.42
C LEU H 99 14.27 1.81 -22.60
N THR H 100 15.53 1.52 -22.24
CA THR H 100 16.46 2.46 -21.61
C THR H 100 17.73 2.52 -22.46
N THR H 101 18.27 3.69 -22.72
CA THR H 101 19.45 3.88 -23.61
C THR H 101 20.72 4.18 -22.83
N SER H 102 21.86 4.08 -23.51
CA SER H 102 23.21 4.45 -23.00
C SER H 102 23.27 5.94 -22.66
N LYS H 103 22.31 6.77 -23.08
CA LYS H 103 22.32 8.22 -22.71
C LYS H 103 21.27 8.51 -21.64
N GLY H 104 20.73 7.48 -20.99
CA GLY H 104 19.77 7.66 -19.88
C GLY H 104 18.38 8.04 -20.35
N LYS H 105 18.09 7.92 -21.64
CA LYS H 105 16.72 8.13 -22.17
C LYS H 105 15.91 6.88 -21.92
N SER H 106 14.61 7.00 -21.67
CA SER H 106 13.73 5.83 -21.58
C SER H 106 12.33 6.13 -22.12
N ILE H 107 11.64 5.08 -22.55
CA ILE H 107 10.21 5.13 -22.91
C ILE H 107 9.51 3.96 -22.25
N MET H 108 8.22 4.13 -22.00
CA MET H 108 7.32 3.08 -21.52
C MET H 108 6.03 3.18 -22.33
N ALA H 109 5.66 2.14 -23.03
CA ALA H 109 4.42 2.10 -23.84
C ALA H 109 3.60 0.92 -23.39
N GLY H 110 2.29 1.10 -23.16
CA GLY H 110 1.34 0.00 -22.97
C GLY H 110 1.40 -0.60 -21.62
N TYR H 111 1.21 -1.91 -21.57
CA TYR H 111 0.85 -2.65 -20.34
C TYR H 111 1.80 -3.84 -20.18
N PHE H 112 1.98 -4.24 -18.93
CA PHE H 112 2.92 -5.30 -18.49
C PHE H 112 2.23 -6.14 -17.44
N GLU H 113 1.02 -6.63 -17.73
CA GLU H 113 0.15 -7.29 -16.74
C GLU H 113 0.31 -8.81 -16.80
N GLU H 114 0.92 -9.37 -17.85
CA GLU H 114 0.95 -10.85 -17.97
C GLU H 114 2.39 -11.37 -18.03
N SER H 115 3.00 -11.41 -19.20
CA SER H 115 4.33 -12.03 -19.40
C SER H 115 5.33 -10.96 -19.83
N LEU H 116 6.61 -11.19 -19.61
CA LEU H 116 7.69 -10.21 -19.87
C LEU H 116 8.88 -10.96 -20.44
N ILE H 117 9.60 -10.32 -21.36
CA ILE H 117 10.96 -10.73 -21.78
C ILE H 117 11.91 -9.59 -21.47
N THR H 118 13.05 -9.90 -20.86
CA THR H 118 14.21 -9.01 -20.78
C THR H 118 15.16 -9.44 -21.88
N THR H 119 15.34 -8.61 -22.90
CA THR H 119 15.94 -9.02 -24.17
C THR H 119 17.45 -8.80 -24.14
N TYR H 120 18.11 -9.31 -25.18
CA TYR H 120 19.47 -8.86 -25.57
C TYR H 120 19.46 -7.33 -25.60
N THR H 121 20.65 -6.77 -25.46
CA THR H 121 20.90 -5.31 -25.51
C THR H 121 21.93 -5.04 -26.59
N GLY H 122 22.17 -3.78 -26.90
CA GLY H 122 23.12 -3.33 -27.93
C GLY H 122 22.50 -2.28 -28.82
N LYS H 123 23.07 -2.10 -30.00
CA LYS H 123 22.64 -1.09 -31.00
C LYS H 123 21.40 -1.63 -31.71
N LEU H 124 20.25 -0.95 -31.58
CA LEU H 124 18.98 -1.42 -32.18
C LEU H 124 19.01 -1.23 -33.71
N ALA H 125 18.99 -2.34 -34.45
CA ALA H 125 19.17 -2.36 -35.92
C ALA H 125 17.82 -2.56 -36.60
N GLY H 126 16.88 -3.25 -35.99
CA GLY H 126 15.59 -3.50 -36.64
C GLY H 126 14.59 -4.17 -35.73
N ILE H 127 13.41 -4.47 -36.27
CA ILE H 127 12.34 -5.22 -35.58
C ILE H 127 11.73 -6.23 -36.56
N LYS H 128 11.09 -7.24 -36.02
CA LYS H 128 10.51 -8.37 -36.77
C LYS H 128 9.28 -8.80 -35.99
N GLY H 129 8.26 -9.33 -36.64
CA GLY H 129 7.11 -9.91 -35.91
C GLY H 129 5.93 -10.12 -36.82
N GLY H 130 4.74 -9.99 -36.25
CA GLY H 130 3.46 -10.08 -36.97
C GLY H 130 2.48 -9.07 -36.42
N ALA H 131 1.64 -8.51 -37.29
CA ALA H 131 0.69 -7.44 -36.95
C ALA H 131 -0.53 -7.51 -37.86
N GLY H 132 -1.70 -7.23 -37.30
CA GLY H 132 -2.97 -7.03 -38.02
C GLY H 132 -3.64 -5.79 -37.49
N SER H 133 -4.74 -5.95 -36.74
CA SER H 133 -5.36 -4.89 -35.91
C SER H 133 -4.44 -4.56 -34.73
N ASP H 134 -3.68 -5.56 -34.26
CA ASP H 134 -2.80 -5.48 -33.08
C ASP H 134 -1.37 -5.84 -33.49
N ILE H 135 -0.41 -5.62 -32.60
CA ILE H 135 0.93 -6.25 -32.71
C ILE H 135 0.81 -7.66 -32.11
N ASP H 136 0.75 -8.68 -32.96
CA ASP H 136 0.62 -10.09 -32.53
C ASP H 136 1.89 -10.52 -31.83
N ARG H 137 3.04 -10.16 -32.41
CA ARG H 137 4.33 -10.58 -31.86
C ARG H 137 5.42 -9.61 -32.33
N LEU H 138 6.44 -9.45 -31.49
CA LEU H 138 7.54 -8.50 -31.72
C LEU H 138 8.85 -9.12 -31.21
N GLY H 139 9.89 -9.00 -32.03
CA GLY H 139 11.27 -9.28 -31.66
C GLY H 139 12.15 -8.13 -32.09
N LEU H 140 13.12 -7.78 -31.26
CA LEU H 140 14.09 -6.70 -31.56
C LEU H 140 15.28 -7.36 -32.25
N ILE H 141 16.02 -6.55 -33.01
CA ILE H 141 17.23 -7.01 -33.76
C ILE H 141 18.35 -6.02 -33.44
N PHE H 142 19.50 -6.53 -33.01
CA PHE H 142 20.68 -5.73 -32.59
C PHE H 142 21.85 -6.02 -33.52
N LEU H 143 22.82 -5.11 -33.63
CA LEU H 143 24.17 -5.37 -34.21
C LEU H 143 24.99 -6.27 -33.28
N LYS H 144 25.85 -7.14 -33.83
CA LYS H 144 26.73 -8.08 -33.04
C LYS H 144 27.82 -7.31 -32.27
N ASP I 5 35.12 -30.84 -11.61
CA ASP I 5 34.58 -30.93 -12.99
C ASP I 5 34.94 -29.63 -13.77
N ASN I 6 34.17 -29.30 -14.79
CA ASN I 6 34.17 -27.96 -15.45
C ASN I 6 33.02 -27.10 -14.87
N TYR I 7 32.29 -27.65 -13.91
CA TYR I 7 30.94 -27.16 -13.51
C TYR I 7 30.85 -27.02 -11.99
N ILE I 8 30.11 -26.01 -11.54
CA ILE I 8 29.69 -25.81 -10.12
C ILE I 8 28.19 -26.10 -10.05
N TYR I 9 27.80 -27.03 -9.19
CA TYR I 9 26.41 -27.45 -8.98
C TYR I 9 25.89 -26.72 -7.75
N SER I 10 24.98 -25.77 -7.96
CA SER I 10 24.27 -25.08 -6.85
C SER I 10 23.28 -26.10 -6.27
N THR I 11 22.95 -25.96 -4.99
CA THR I 11 21.98 -26.82 -4.28
C THR I 11 20.64 -26.84 -5.04
N GLU I 12 20.10 -28.03 -5.28
CA GLU I 12 18.71 -28.20 -5.75
C GLU I 12 17.78 -27.92 -4.59
N VAL I 13 16.92 -26.92 -4.68
CA VAL I 13 16.03 -26.57 -3.54
C VAL I 13 14.59 -26.95 -3.93
N GLY I 14 13.80 -27.36 -2.95
CA GLY I 14 12.41 -27.82 -3.14
C GLY I 14 12.26 -29.26 -2.67
N GLY I 15 11.31 -30.00 -3.23
CA GLY I 15 10.95 -31.36 -2.78
C GLY I 15 11.50 -32.46 -3.67
N VAL I 16 11.15 -33.72 -3.37
CA VAL I 16 11.74 -34.93 -4.02
C VAL I 16 10.85 -35.37 -5.19
N GLY I 17 9.71 -34.73 -5.41
CA GLY I 17 8.70 -35.16 -6.39
C GLY I 17 9.07 -34.86 -7.83
N GLY I 18 8.16 -35.21 -8.73
CA GLY I 18 8.27 -34.95 -10.17
C GLY I 18 9.28 -35.83 -10.88
N THR I 19 9.46 -35.59 -12.17
CA THR I 19 10.38 -36.33 -13.07
C THR I 19 11.71 -35.57 -13.13
N PRO I 20 12.84 -36.26 -12.87
CA PRO I 20 14.15 -35.60 -12.89
C PRO I 20 14.46 -35.02 -14.27
N PHE I 21 15.20 -33.90 -14.30
CA PHE I 21 15.75 -33.31 -15.53
C PHE I 21 17.18 -32.81 -15.24
N THR I 22 18.03 -32.91 -16.22
CA THR I 22 19.36 -32.27 -16.27
C THR I 22 19.53 -31.72 -17.68
N PHE I 23 19.57 -30.39 -17.83
CA PHE I 23 19.75 -29.68 -19.10
C PHE I 23 21.11 -29.00 -19.08
N MET I 24 22.06 -29.59 -19.78
CA MET I 24 23.45 -29.06 -19.96
C MET I 24 23.95 -29.48 -21.34
N GLN I 25 24.86 -28.70 -21.93
CA GLN I 25 25.46 -28.99 -23.26
C GLN I 25 26.96 -28.70 -23.13
N GLU I 26 27.82 -29.68 -23.36
CA GLU I 26 29.30 -29.50 -23.39
C GLU I 26 29.65 -28.32 -24.31
N SER I 27 30.55 -27.44 -23.85
CA SER I 27 31.04 -26.21 -24.55
C SER I 27 29.89 -25.23 -24.84
N GLY I 28 28.72 -25.43 -24.23
CA GLY I 28 27.49 -24.64 -24.43
C GLY I 28 27.12 -23.91 -23.14
N THR I 29 26.49 -22.74 -23.22
CA THR I 29 25.91 -22.04 -22.05
C THR I 29 24.48 -21.66 -22.38
N ILE I 30 23.69 -21.34 -21.37
CA ILE I 30 22.27 -20.96 -21.55
C ILE I 30 22.23 -19.57 -22.21
N THR I 31 21.51 -19.46 -23.32
CA THR I 31 21.31 -18.20 -24.05
C THR I 31 19.93 -17.62 -23.70
N SER I 32 19.03 -18.46 -23.21
CA SER I 32 17.65 -18.05 -22.91
C SER I 32 17.06 -18.97 -21.85
N ILE I 33 16.32 -18.40 -20.89
CA ILE I 33 15.61 -19.20 -19.85
C ILE I 33 14.25 -18.55 -19.61
N LYS I 34 13.22 -19.39 -19.55
CA LYS I 34 11.82 -18.97 -19.37
C LYS I 34 11.25 -19.67 -18.14
N PHE I 35 10.62 -18.91 -17.25
CA PHE I 35 9.94 -19.43 -16.05
C PHE I 35 8.46 -19.12 -16.16
N ASN I 36 7.61 -20.13 -15.99
CA ASN I 36 6.14 -20.02 -15.98
C ASN I 36 5.68 -20.23 -14.53
N TRP I 37 4.76 -19.41 -14.04
CA TRP I 37 4.23 -19.52 -12.66
C TRP I 37 2.77 -19.09 -12.60
N SER I 38 2.08 -19.43 -11.50
CA SER I 38 0.65 -19.11 -11.29
C SER I 38 0.48 -18.25 -10.05
N ASP I 39 -0.50 -17.35 -10.08
CA ASP I 39 -1.02 -16.67 -8.87
C ASP I 39 -1.88 -17.66 -8.09
N GLN I 40 -2.55 -18.60 -8.76
CA GLN I 40 -3.46 -19.56 -8.06
C GLN I 40 -2.67 -20.39 -7.04
N TYR I 41 -1.54 -20.98 -7.43
CA TYR I 41 -0.75 -21.92 -6.58
C TYR I 41 0.49 -21.22 -6.00
N LYS I 42 0.86 -20.03 -6.48
CA LYS I 42 2.07 -19.30 -6.00
C LYS I 42 3.30 -20.24 -6.14
N LEU I 43 3.38 -21.00 -7.25
CA LEU I 43 4.49 -21.94 -7.56
C LEU I 43 5.03 -21.64 -8.96
N LEU I 44 6.28 -22.00 -9.25
CA LEU I 44 6.75 -22.22 -10.64
C LEU I 44 6.15 -23.53 -11.15
N HIS I 45 5.72 -23.58 -12.40
CA HIS I 45 5.12 -24.78 -13.03
C HIS I 45 6.00 -25.33 -14.15
N HIS I 46 6.75 -24.48 -14.85
CA HIS I 46 7.39 -24.85 -16.13
C HIS I 46 8.63 -23.99 -16.37
N ILE I 47 9.67 -24.59 -16.90
CA ILE I 47 10.95 -23.94 -17.27
C ILE I 47 11.33 -24.41 -18.66
N GLU I 48 11.78 -23.48 -19.51
CA GLU I 48 12.41 -23.80 -20.82
C GLU I 48 13.77 -23.13 -20.86
N VAL I 49 14.71 -23.82 -21.49
CA VAL I 49 16.11 -23.34 -21.65
C VAL I 49 16.48 -23.53 -23.11
N LYS I 50 17.20 -22.58 -23.68
CA LYS I 50 17.94 -22.75 -24.96
C LYS I 50 19.42 -22.51 -24.67
N PHE I 51 20.27 -23.20 -25.41
CA PHE I 51 21.76 -23.13 -25.38
C PHE I 51 22.23 -22.42 -26.66
N ILE I 52 23.38 -21.77 -26.61
CA ILE I 52 24.03 -21.10 -27.77
C ILE I 52 24.14 -22.13 -28.91
N ASN I 53 23.92 -21.67 -30.14
CA ASN I 53 24.13 -22.46 -31.39
C ASN I 53 23.19 -23.68 -31.42
N ASN I 54 21.98 -23.58 -30.88
CA ASN I 54 21.04 -24.72 -30.79
C ASN I 54 19.62 -24.14 -30.67
N ALA I 55 18.78 -24.36 -31.67
CA ALA I 55 17.41 -23.80 -31.73
C ALA I 55 16.45 -24.66 -30.88
N ASN I 56 16.89 -25.84 -30.45
CA ASN I 56 16.03 -26.79 -29.68
C ASN I 56 15.77 -26.27 -28.27
N ILE I 57 14.50 -26.39 -27.86
CA ILE I 57 14.00 -25.94 -26.55
C ILE I 57 13.97 -27.16 -25.61
N TYR I 58 14.64 -27.04 -24.48
CA TYR I 58 14.65 -28.04 -23.39
C TYR I 58 13.62 -27.54 -22.36
N ALA I 59 12.54 -28.30 -22.14
CA ALA I 59 11.38 -27.89 -21.34
C ALA I 59 11.10 -28.96 -20.28
N THR I 60 10.63 -28.53 -19.12
CA THR I 60 10.19 -29.43 -18.04
C THR I 60 9.03 -28.77 -17.30
N GLY I 61 8.13 -29.58 -16.78
CA GLY I 61 6.96 -29.13 -16.02
C GLY I 61 5.76 -28.99 -16.93
N ASP I 62 4.73 -28.31 -16.45
CA ASP I 62 3.44 -28.15 -17.15
C ASP I 62 3.20 -26.65 -17.26
N PRO I 63 3.13 -26.06 -18.48
CA PRO I 63 3.03 -24.61 -18.63
C PRO I 63 1.63 -24.06 -18.38
N LYS I 64 1.09 -24.29 -17.19
CA LYS I 64 -0.31 -24.00 -16.85
C LYS I 64 -0.41 -22.69 -16.07
N GLY I 65 0.71 -22.05 -15.72
CA GLY I 65 0.67 -20.76 -15.02
C GLY I 65 0.14 -19.64 -15.92
N ASN I 66 -0.34 -18.55 -15.31
CA ASN I 66 -0.90 -17.38 -16.01
C ASN I 66 0.20 -16.35 -16.29
N HIS I 67 1.46 -16.58 -15.90
CA HIS I 67 2.57 -15.63 -16.14
C HIS I 67 3.78 -16.39 -16.68
N GLU I 68 4.58 -15.76 -17.54
CA GLU I 68 5.94 -16.26 -17.85
C GLU I 68 6.88 -15.07 -17.97
N VAL I 69 8.17 -15.28 -17.70
CA VAL I 69 9.23 -14.27 -17.96
C VAL I 69 10.36 -15.00 -18.67
N ILE I 70 10.99 -14.29 -19.58
CA ILE I 70 12.15 -14.78 -20.36
C ILE I 70 13.33 -13.85 -20.05
N LEU I 71 14.48 -14.43 -19.79
CA LEU I 71 15.75 -13.70 -19.76
C LEU I 71 16.61 -14.19 -20.93
N GLU I 72 17.05 -13.28 -21.78
CA GLU I 72 18.08 -13.57 -22.80
C GLU I 72 19.43 -13.15 -22.25
N ILE I 73 20.45 -13.97 -22.48
CA ILE I 73 21.80 -13.80 -21.89
C ILE I 73 22.80 -13.69 -23.03
N ASP I 74 23.52 -12.57 -23.15
CA ASP I 74 24.61 -12.38 -24.16
C ASP I 74 25.68 -13.43 -23.86
N ASP I 75 26.52 -13.75 -24.84
CA ASP I 75 27.58 -14.79 -24.71
C ASP I 75 28.54 -14.44 -23.57
N ASP I 76 28.88 -13.17 -23.36
CA ASP I 76 29.87 -12.75 -22.33
C ASP I 76 29.14 -12.38 -21.01
N GLU I 77 27.83 -12.57 -20.91
CA GLU I 77 27.01 -12.09 -19.77
C GLU I 77 26.92 -13.18 -18.68
N THR I 78 27.25 -12.84 -17.42
CA THR I 78 27.25 -13.78 -16.28
C THR I 78 26.07 -13.41 -15.35
N ILE I 79 25.71 -14.34 -14.48
CA ILE I 79 24.76 -14.10 -13.35
C ILE I 79 25.58 -13.61 -12.16
N ILE I 80 25.27 -12.41 -11.62
CA ILE I 80 26.01 -11.81 -10.46
C ILE I 80 25.14 -11.89 -9.21
N GLY I 81 23.87 -12.25 -9.34
CA GLY I 81 22.94 -12.34 -8.19
C GLY I 81 21.83 -13.30 -8.55
N SER I 82 21.51 -14.21 -7.66
CA SER I 82 20.58 -15.32 -7.94
C SER I 82 19.91 -15.75 -6.65
N VAL I 83 18.58 -15.64 -6.59
CA VAL I 83 17.77 -16.05 -5.42
C VAL I 83 16.67 -16.96 -5.93
N ILE I 84 16.54 -18.14 -5.33
CA ILE I 84 15.41 -19.06 -5.60
C ILE I 84 14.58 -19.13 -4.32
N GLY I 85 13.28 -18.83 -4.46
CA GLY I 85 12.25 -19.06 -3.44
C GLY I 85 11.72 -20.46 -3.54
N TYR I 86 11.53 -21.13 -2.42
CA TYR I 86 11.02 -22.52 -2.38
C TYR I 86 10.29 -22.81 -1.07
N LYS I 87 9.49 -23.86 -1.11
CA LYS I 87 8.96 -24.55 0.08
C LYS I 87 9.88 -25.74 0.34
N LYS I 88 10.38 -25.86 1.56
CA LYS I 88 11.36 -26.90 1.98
C LYS I 88 10.63 -28.19 2.32
N GLY I 89 11.40 -29.27 2.47
CA GLY I 89 10.89 -30.61 2.86
C GLY I 89 10.66 -31.50 1.66
N ASN I 90 10.34 -32.77 1.91
CA ASN I 90 10.15 -33.80 0.85
C ASN I 90 9.04 -33.38 -0.11
N ASP I 91 7.97 -32.77 0.41
CA ASP I 91 6.83 -32.32 -0.41
C ASP I 91 7.05 -30.86 -0.85
N GLY I 92 8.29 -30.39 -0.91
CA GLY I 92 8.62 -29.01 -1.32
C GLY I 92 8.38 -28.72 -2.80
N ARG I 93 8.56 -27.44 -3.17
CA ARG I 93 8.32 -26.88 -4.53
C ARG I 93 9.22 -25.66 -4.70
N CYS I 94 9.60 -25.29 -5.93
CA CYS I 94 10.13 -23.94 -6.21
C CYS I 94 8.99 -22.97 -6.45
N THR I 95 9.05 -21.82 -5.79
CA THR I 95 7.98 -20.80 -5.78
C THR I 95 8.41 -19.57 -6.59
N GLY I 96 9.71 -19.32 -6.75
CA GLY I 96 10.17 -18.05 -7.34
C GLY I 96 11.63 -18.08 -7.70
N VAL I 97 12.02 -17.22 -8.63
CA VAL I 97 13.45 -17.01 -9.01
C VAL I 97 13.65 -15.53 -9.33
N LYS I 98 14.73 -14.97 -8.84
CA LYS I 98 15.22 -13.62 -9.21
C LYS I 98 16.65 -13.80 -9.71
N LEU I 99 16.96 -13.29 -10.90
CA LEU I 99 18.33 -13.31 -11.47
C LEU I 99 18.72 -11.88 -11.83
N THR I 100 19.98 -11.50 -11.55
CA THR I 100 20.59 -10.22 -11.97
C THR I 100 21.88 -10.55 -12.72
N THR I 101 22.14 -9.89 -13.85
CA THR I 101 23.32 -10.21 -14.71
C THR I 101 24.40 -9.14 -14.60
N SER I 102 25.59 -9.46 -15.11
CA SER I 102 26.75 -8.54 -15.23
C SER I 102 26.41 -7.35 -16.12
N LYS I 103 25.32 -7.36 -16.90
CA LYS I 103 24.95 -6.21 -17.76
C LYS I 103 23.76 -5.46 -17.16
N GLY I 104 23.42 -5.72 -15.90
CA GLY I 104 22.35 -4.98 -15.20
C GLY I 104 20.95 -5.41 -15.61
N LYS I 105 20.81 -6.53 -16.32
CA LYS I 105 19.50 -7.12 -16.65
C LYS I 105 19.00 -7.89 -15.43
N SER I 106 17.69 -7.94 -15.23
CA SER I 106 17.13 -8.80 -14.17
C SER I 106 15.76 -9.37 -14.58
N ILE I 107 15.39 -10.49 -13.97
CA ILE I 107 14.00 -11.02 -14.02
C ILE I 107 13.59 -11.39 -12.61
N MET I 108 12.27 -11.39 -12.40
CA MET I 108 11.66 -11.85 -11.17
C MET I 108 10.45 -12.69 -11.58
N ALA I 109 10.41 -13.96 -11.17
CA ALA I 109 9.27 -14.84 -11.41
C ALA I 109 8.74 -15.33 -10.05
N GLY I 110 7.41 -15.29 -9.88
CA GLY I 110 6.75 -16.05 -8.81
C GLY I 110 6.90 -15.41 -7.45
N TYR I 111 7.03 -16.22 -6.40
CA TYR I 111 6.77 -15.84 -4.99
C TYR I 111 7.94 -16.28 -4.10
N PHE I 112 8.12 -15.58 -2.99
CA PHE I 112 9.27 -15.73 -2.06
C PHE I 112 8.76 -15.69 -0.62
N GLU I 113 7.78 -16.52 -0.29
CA GLU I 113 7.07 -16.42 1.02
C GLU I 113 7.66 -17.36 2.07
N GLU I 114 8.49 -18.33 1.70
CA GLU I 114 8.92 -19.33 2.73
C GLU I 114 10.45 -19.35 2.86
N SER I 115 11.14 -20.10 2.01
CA SER I 115 12.58 -20.33 2.11
C SER I 115 13.28 -19.72 0.90
N LEU I 116 14.55 -19.39 1.02
CA LEU I 116 15.35 -18.72 -0.04
C LEU I 116 16.73 -19.36 -0.07
N ILE I 117 17.31 -19.45 -1.27
CA ILE I 117 18.77 -19.67 -1.45
C ILE I 117 19.33 -18.50 -2.23
N THR I 118 20.46 -17.98 -1.78
CA THR I 118 21.33 -17.09 -2.58
C THR I 118 22.45 -17.94 -3.10
N THR I 119 22.50 -18.16 -4.41
CA THR I 119 23.33 -19.23 -5.01
C THR I 119 24.73 -18.70 -5.36
N TYR I 120 25.54 -19.64 -5.83
CA TYR I 120 26.81 -19.30 -6.47
C TYR I 120 26.48 -18.50 -7.72
N THR I 121 27.46 -17.75 -8.14
CA THR I 121 27.34 -16.85 -9.30
C THR I 121 28.31 -17.32 -10.37
N GLY I 122 28.19 -16.74 -11.56
CA GLY I 122 29.07 -17.04 -12.69
C GLY I 122 28.26 -17.23 -13.95
N LYS I 123 28.88 -17.88 -14.93
CA LYS I 123 28.30 -18.13 -16.26
C LYS I 123 27.31 -19.30 -16.15
N LEU I 124 26.03 -19.05 -16.41
CA LEU I 124 24.95 -20.07 -16.26
C LEU I 124 25.08 -21.09 -17.39
N ALA I 125 25.39 -22.35 -17.05
CA ALA I 125 25.67 -23.43 -18.02
C ALA I 125 24.45 -24.36 -18.12
N GLY I 126 23.67 -24.53 -17.07
CA GLY I 126 22.55 -25.47 -17.14
C GLY I 126 21.68 -25.43 -15.90
N ILE I 127 20.66 -26.29 -15.90
CA ILE I 127 19.75 -26.48 -14.74
C ILE I 127 19.51 -27.97 -14.53
N LYS I 128 19.14 -28.31 -13.31
CA LYS I 128 18.90 -29.68 -12.85
C LYS I 128 17.76 -29.62 -11.84
N GLY I 129 16.93 -30.66 -11.74
CA GLY I 129 15.91 -30.71 -10.69
C GLY I 129 14.88 -31.77 -10.98
N GLY I 130 13.65 -31.51 -10.55
CA GLY I 130 12.50 -32.39 -10.81
C GLY I 130 11.26 -31.54 -11.02
N ALA I 131 10.37 -32.00 -11.90
CA ALA I 131 9.16 -31.26 -12.33
C ALA I 131 8.06 -32.24 -12.74
N GLY I 132 6.82 -31.91 -12.40
CA GLY I 132 5.60 -32.66 -12.74
C GLY I 132 4.56 -31.65 -13.24
N SER I 133 3.51 -31.42 -12.46
CA SER I 133 2.59 -30.28 -12.62
C SER I 133 3.30 -28.97 -12.25
N ASP I 134 4.23 -29.06 -11.32
CA ASP I 134 4.99 -27.92 -10.73
C ASP I 134 6.48 -28.15 -10.94
N ILE I 135 7.31 -27.14 -10.65
CA ILE I 135 8.76 -27.34 -10.45
C ILE I 135 8.95 -27.78 -9.00
N ASP I 136 9.21 -29.07 -8.80
CA ASP I 136 9.41 -29.66 -7.46
C ASP I 136 10.70 -29.12 -6.87
N ARG I 137 11.75 -29.08 -7.67
CA ARG I 137 13.09 -28.66 -7.18
C ARG I 137 13.94 -28.18 -8.36
N LEU I 138 14.83 -27.23 -8.08
CA LEU I 138 15.67 -26.56 -9.10
C LEU I 138 17.04 -26.28 -8.50
N GLY I 139 18.08 -26.60 -9.27
CA GLY I 139 19.47 -26.22 -9.00
C GLY I 139 20.08 -25.63 -10.26
N LEU I 140 20.86 -24.56 -10.07
CA LEU I 140 21.54 -23.90 -11.21
C LEU I 140 22.90 -24.57 -11.35
N ILE I 141 23.45 -24.51 -12.55
CA ILE I 141 24.78 -25.07 -12.86
C ILE I 141 25.59 -23.97 -13.56
N PHE I 142 26.80 -23.71 -13.07
CA PHE I 142 27.68 -22.63 -13.57
C PHE I 142 28.97 -23.25 -14.10
N LEU I 143 29.68 -22.56 -15.02
CA LEU I 143 31.09 -22.87 -15.39
C LEU I 143 32.03 -22.54 -14.22
N LYS I 144 33.14 -23.28 -14.05
CA LYS I 144 34.16 -23.03 -12.99
C LYS I 144 34.96 -21.75 -13.27
N ASP J 5 42.15 40.47 7.55
CA ASP J 5 43.00 39.96 8.68
C ASP J 5 43.51 38.54 8.34
N ASN J 6 43.71 37.68 9.34
CA ASN J 6 43.85 36.22 9.20
C ASN J 6 42.51 35.53 9.44
N TYR J 7 41.44 36.30 9.61
CA TYR J 7 40.15 35.79 10.15
C TYR J 7 38.98 36.25 9.28
N ILE J 8 37.96 35.40 9.19
CA ILE J 8 36.64 35.71 8.56
C ILE J 8 35.61 35.73 9.68
N TYR J 9 34.92 36.84 9.83
CA TYR J 9 33.89 37.05 10.89
C TYR J 9 32.53 36.83 10.23
N SER J 10 31.86 35.75 10.61
CA SER J 10 30.47 35.47 10.21
C SER J 10 29.57 36.45 10.94
N THR J 11 28.43 36.79 10.36
CA THR J 11 27.42 37.70 10.94
C THR J 11 27.00 37.19 12.31
N GLU J 12 27.00 38.07 13.30
CA GLU J 12 26.44 37.78 14.63
C GLU J 12 24.92 37.85 14.49
N VAL J 13 24.22 36.76 14.77
CA VAL J 13 22.74 36.75 14.59
C VAL J 13 22.09 36.69 15.96
N GLY J 14 20.94 37.32 16.09
CA GLY J 14 20.20 37.46 17.34
C GLY J 14 20.00 38.91 17.71
N GLY J 15 19.88 39.22 18.99
CA GLY J 15 19.54 40.57 19.47
C GLY J 15 20.75 41.32 20.00
N VAL J 16 20.52 42.53 20.50
CA VAL J 16 21.59 43.49 20.90
C VAL J 16 21.88 43.34 22.39
N GLY J 17 21.15 42.49 23.11
CA GLY J 17 21.23 42.36 24.59
C GLY J 17 22.47 41.62 25.08
N GLY J 18 22.57 41.45 26.39
CA GLY J 18 23.64 40.70 27.07
C GLY J 18 24.99 41.40 27.03
N THR J 19 25.98 40.74 27.59
CA THR J 19 27.36 41.24 27.73
C THR J 19 28.20 40.70 26.58
N PRO J 20 28.91 41.55 25.83
CA PRO J 20 29.75 41.11 24.73
C PRO J 20 30.80 40.08 25.16
N PHE J 21 31.15 39.18 24.25
CA PHE J 21 32.30 38.24 24.38
C PHE J 21 32.98 38.10 23.01
N THR J 22 34.28 37.94 23.01
CA THR J 22 35.09 37.51 21.86
C THR J 22 36.11 36.49 22.37
N PHE J 23 36.00 35.25 21.93
CA PHE J 23 36.89 34.14 22.31
C PHE J 23 37.68 33.72 21.08
N MET J 24 38.94 34.12 21.04
CA MET J 24 39.91 33.82 19.95
C MET J 24 41.31 33.74 20.57
N GLN J 25 42.21 32.93 20.01
CA GLN J 25 43.60 32.77 20.49
C GLN J 25 44.56 32.78 19.31
N GLU J 26 45.54 33.67 19.31
CA GLU J 26 46.64 33.75 18.31
C GLU J 26 47.21 32.35 18.06
N SER J 27 47.37 31.99 16.77
CA SER J 27 47.92 30.69 16.28
C SER J 27 47.08 29.50 16.76
N GLY J 28 45.87 29.73 17.29
CA GLY J 28 45.02 28.73 17.96
C GLY J 28 43.71 28.52 17.23
N THR J 29 43.15 27.32 17.30
CA THR J 29 41.80 27.02 16.75
C THR J 29 41.01 26.30 17.83
N ILE J 30 39.69 26.25 17.67
CA ILE J 30 38.79 25.60 18.66
C ILE J 30 38.98 24.10 18.56
N THR J 31 39.25 23.45 19.68
CA THR J 31 39.43 21.98 19.80
C THR J 31 38.15 21.36 20.37
N SER J 32 37.33 22.16 21.03
CA SER J 32 36.09 21.66 21.67
C SER J 32 35.09 22.82 21.80
N ILE J 33 33.80 22.55 21.57
CA ILE J 33 32.74 23.57 21.74
C ILE J 33 31.51 22.88 22.34
N LYS J 34 30.89 23.51 23.33
CA LYS J 34 29.74 22.95 24.08
C LYS J 34 28.62 23.99 24.03
N PHE J 35 27.41 23.55 23.70
CA PHE J 35 26.20 24.40 23.67
C PHE J 35 25.20 23.86 24.67
N ASN J 36 24.68 24.74 25.52
CA ASN J 36 23.63 24.42 26.52
C ASN J 36 22.35 25.10 26.06
N TRP J 37 21.22 24.39 26.10
CA TRP J 37 19.92 24.97 25.70
C TRP J 37 18.79 24.37 26.53
N SER J 38 17.62 25.00 26.49
CA SER J 38 16.41 24.57 27.26
C SER J 38 15.26 24.25 26.30
N ASP J 39 14.44 23.27 26.68
CA ASP J 39 13.09 23.06 26.10
C ASP J 39 12.15 24.13 26.64
N GLN J 40 12.36 24.60 27.86
CA GLN J 40 11.44 25.61 28.47
C GLN J 40 11.41 26.88 27.62
N TYR J 41 12.58 27.43 27.26
CA TYR J 41 12.69 28.73 26.55
C TYR J 41 12.98 28.51 25.04
N LYS J 42 13.35 27.32 24.62
CA LYS J 42 13.71 27.02 23.21
C LYS J 42 14.82 28.00 22.77
N LEU J 43 15.79 28.28 23.64
CA LEU J 43 16.95 29.19 23.39
C LEU J 43 18.25 28.46 23.76
N LEU J 44 19.38 28.88 23.17
CA LEU J 44 20.72 28.62 23.76
C LEU J 44 20.89 29.52 24.98
N HIS J 45 21.48 29.01 26.04
CA HIS J 45 21.75 29.76 27.29
C HIS J 45 23.24 29.95 27.54
N HIS J 46 24.09 29.03 27.09
CA HIS J 46 25.50 28.97 27.54
C HIS J 46 26.34 28.28 26.48
N ILE J 47 27.55 28.78 26.26
CA ILE J 47 28.55 28.20 25.33
C ILE J 47 29.89 28.16 26.05
N GLU J 48 30.64 27.06 25.88
CA GLU J 48 32.04 26.93 26.32
C GLU J 48 32.87 26.52 25.11
N VAL J 49 34.07 27.04 25.04
CA VAL J 49 35.05 26.76 23.97
C VAL J 49 36.40 26.45 24.64
N LYS J 50 37.13 25.48 24.09
CA LYS J 50 38.56 25.27 24.41
C LYS J 50 39.36 25.41 23.12
N PHE J 51 40.58 25.91 23.23
CA PHE J 51 41.54 26.08 22.12
C PHE J 51 42.69 25.07 22.28
N ILE J 52 43.33 24.67 21.17
CA ILE J 52 44.54 23.80 21.18
C ILE J 52 45.60 24.47 22.09
N ASN J 53 46.35 23.68 22.85
CA ASN J 53 47.51 24.12 23.69
C ASN J 53 47.06 25.12 24.76
N ASN J 54 45.85 24.96 25.31
CA ASN J 54 45.27 25.90 26.29
C ASN J 54 44.22 25.15 27.10
N ALA J 55 44.48 24.97 28.40
CA ALA J 55 43.64 24.16 29.30
C ALA J 55 42.42 24.96 29.75
N ASN J 56 42.40 26.28 29.50
CA ASN J 56 41.32 27.17 29.99
C ASN J 56 40.03 26.88 29.21
N ILE J 57 38.91 26.89 29.91
CA ILE J 57 37.54 26.89 29.34
C ILE J 57 37.07 28.35 29.27
N TYR J 58 36.74 28.83 28.06
CA TYR J 58 36.13 30.16 27.82
C TYR J 58 34.62 29.94 27.71
N ALA J 59 33.88 30.48 28.67
CA ALA J 59 32.45 30.24 28.89
C ALA J 59 31.72 31.58 28.90
N THR J 60 30.50 31.59 28.41
CA THR J 60 29.63 32.78 28.43
C THR J 60 28.19 32.30 28.58
N GLY J 61 27.36 33.10 29.24
CA GLY J 61 25.93 32.78 29.42
C GLY J 61 25.72 32.11 30.75
N ASP J 62 24.55 31.52 30.94
CA ASP J 62 24.11 30.89 32.21
C ASP J 62 23.75 29.44 31.87
N PRO J 63 24.47 28.43 32.42
CA PRO J 63 24.24 27.04 32.02
C PRO J 63 23.00 26.41 32.66
N LYS J 64 21.83 26.99 32.43
CA LYS J 64 20.57 26.64 33.12
C LYS J 64 19.70 25.72 32.25
N GLY J 65 20.09 25.46 31.00
CA GLY J 65 19.32 24.57 30.10
C GLY J 65 19.36 23.12 30.57
N ASN J 66 18.40 22.31 30.13
CA ASN J 66 18.30 20.87 30.47
C ASN J 66 19.05 20.00 29.46
N HIS J 67 19.68 20.58 28.42
CA HIS J 67 20.45 19.81 27.42
C HIS J 67 21.81 20.46 27.17
N GLU J 68 22.83 19.66 26.87
CA GLU J 68 24.10 20.19 26.31
C GLU J 68 24.60 19.22 25.25
N VAL J 69 25.36 19.73 24.28
CA VAL J 69 26.08 18.89 23.29
C VAL J 69 27.50 19.41 23.18
N ILE J 70 28.45 18.50 22.99
CA ILE J 70 29.88 18.83 22.81
C ILE J 70 30.31 18.32 21.44
N LEU J 71 31.05 19.11 20.70
CA LEU J 71 31.78 18.64 19.50
C LEU J 71 33.28 18.76 19.79
N GLU J 72 34.01 17.68 19.65
CA GLU J 72 35.50 17.72 19.66
C GLU J 72 36.00 17.73 18.22
N ILE J 73 36.99 18.56 17.93
CA ILE J 73 37.46 18.87 16.55
C ILE J 73 38.94 18.51 16.46
N ASP J 74 39.30 17.57 15.58
CA ASP J 74 40.72 17.19 15.33
C ASP J 74 41.43 18.44 14.79
N ASP J 75 42.76 18.50 14.89
CA ASP J 75 43.56 19.66 14.44
C ASP J 75 43.35 19.94 12.94
N ASP J 76 43.20 18.91 12.11
CA ASP J 76 43.08 19.09 10.63
C ASP J 76 41.59 19.15 10.24
N GLU J 77 40.65 19.17 11.20
CA GLU J 77 39.19 19.05 10.92
C GLU J 77 38.56 20.44 10.75
N THR J 78 37.86 20.69 9.64
CA THR J 78 37.23 21.98 9.31
C THR J 78 35.71 21.83 9.41
N ILE J 79 35.01 22.95 9.49
CA ILE J 79 33.52 23.01 9.42
C ILE J 79 33.15 23.16 7.94
N ILE J 80 32.37 22.24 7.38
CA ILE J 80 31.94 22.26 5.95
C ILE J 80 30.46 22.69 5.85
N GLY J 81 29.75 22.72 6.97
CA GLY J 81 28.34 23.12 6.99
C GLY J 81 28.01 23.70 8.35
N SER J 82 27.34 24.84 8.39
CA SER J 82 27.06 25.56 9.64
C SER J 82 25.76 26.34 9.50
N VAL J 83 24.80 26.04 10.36
CA VAL J 83 23.51 26.77 10.43
C VAL J 83 23.29 27.24 11.87
N ILE J 84 22.98 28.51 12.04
CA ILE J 84 22.55 29.05 13.36
C ILE J 84 21.09 29.46 13.24
N GLY J 85 20.26 28.93 14.12
CA GLY J 85 18.87 29.36 14.34
C GLY J 85 18.82 30.51 15.30
N TYR J 86 17.99 31.51 15.02
CA TYR J 86 17.83 32.70 15.88
C TYR J 86 16.45 33.32 15.76
N LYS J 87 16.11 34.13 16.75
CA LYS J 87 15.00 35.10 16.69
C LYS J 87 15.63 36.44 16.32
N LYS J 88 15.10 37.08 15.28
CA LYS J 88 15.61 38.34 14.72
C LYS J 88 15.08 39.53 15.53
N GLY J 89 15.65 40.70 15.29
CA GLY J 89 15.27 41.98 15.92
C GLY J 89 16.13 42.29 17.13
N ASN J 90 15.95 43.48 17.69
CA ASN J 90 16.78 44.01 18.81
C ASN J 90 16.67 43.09 20.03
N ASP J 91 15.47 42.56 20.28
CA ASP J 91 15.22 41.65 21.41
C ASP J 91 15.43 40.19 20.97
N GLY J 92 16.24 39.94 19.94
CA GLY J 92 16.51 38.59 19.42
C GLY J 92 17.36 37.74 20.36
N ARG J 93 17.53 36.47 19.98
CA ARG J 93 18.26 35.41 20.75
C ARG J 93 18.79 34.38 19.76
N CYS J 94 19.86 33.65 20.08
CA CYS J 94 20.20 32.41 19.34
C CYS J 94 19.43 31.24 19.92
N THR J 95 18.81 30.45 19.04
CA THR J 95 17.90 29.34 19.43
C THR J 95 18.57 28.00 19.14
N GLY J 96 19.53 27.94 18.21
CA GLY J 96 20.05 26.62 17.76
C GLY J 96 21.32 26.76 16.95
N VAL J 97 22.10 25.69 16.90
CA VAL J 97 23.31 25.59 16.04
C VAL J 97 23.42 24.15 15.53
N LYS J 98 23.72 24.00 14.24
CA LYS J 98 24.02 22.72 13.60
C LYS J 98 25.39 22.89 12.93
N LEU J 99 26.35 22.02 13.22
CA LEU J 99 27.68 22.02 12.57
C LEU J 99 27.94 20.65 11.96
N THR J 100 28.53 20.61 10.77
CA THR J 100 29.01 19.39 10.10
C THR J 100 30.48 19.59 9.75
N THR J 101 31.33 18.59 9.99
CA THR J 101 32.81 18.72 9.79
C THR J 101 33.27 17.98 8.54
N SER J 102 34.51 18.25 8.13
CA SER J 102 35.22 17.56 7.03
C SER J 102 35.41 16.07 7.33
N LYS J 103 35.19 15.61 8.57
CA LYS J 103 35.34 14.16 8.89
C LYS J 103 33.95 13.53 9.08
N GLY J 104 32.88 14.22 8.68
CA GLY J 104 31.52 13.65 8.73
C GLY J 104 30.92 13.68 10.13
N LYS J 105 31.54 14.38 11.08
CA LYS J 105 30.97 14.56 12.43
C LYS J 105 29.92 15.66 12.37
N SER J 106 28.88 15.57 13.19
CA SER J 106 27.90 16.68 13.28
C SER J 106 27.34 16.80 14.71
N ILE J 107 26.89 18.01 15.04
CA ILE J 107 26.08 18.27 16.26
C ILE J 107 24.88 19.10 15.89
N MET J 108 23.84 18.96 16.68
CA MET J 108 22.62 19.77 16.57
C MET J 108 22.23 20.17 17.98
N ALA J 109 22.14 21.47 18.26
CA ALA J 109 21.69 21.99 19.56
C ALA J 109 20.48 22.87 19.32
N GLY J 110 19.45 22.73 20.15
CA GLY J 110 18.37 23.73 20.26
C GLY J 110 17.39 23.67 19.12
N TYR J 111 16.90 24.82 18.69
CA TYR J 111 15.67 24.98 17.89
C TYR J 111 15.94 25.89 16.70
N PHE J 112 15.17 25.69 15.63
CA PHE J 112 15.33 26.34 14.32
C PHE J 112 13.99 26.78 13.76
N GLU J 113 13.17 27.44 14.59
CA GLU J 113 11.73 27.66 14.27
C GLU J 113 11.51 29.04 13.65
N GLU J 114 12.48 29.95 13.67
CA GLU J 114 12.23 31.31 13.14
C GLU J 114 13.17 31.65 12.00
N SER J 115 14.37 32.13 12.29
CA SER J 115 15.33 32.64 11.29
C SER J 115 16.57 31.74 11.30
N LEU J 116 17.29 31.72 10.19
CA LEU J 116 18.48 30.85 10.00
C LEU J 116 19.54 31.64 9.27
N ILE J 117 20.81 31.38 9.60
CA ILE J 117 21.97 31.78 8.78
C ILE J 117 22.71 30.51 8.39
N THR J 118 23.09 30.40 7.12
CA THR J 118 24.07 29.43 6.62
C THR J 118 25.37 30.22 6.49
N THR J 119 26.35 29.90 7.32
CA THR J 119 27.52 30.77 7.53
C THR J 119 28.64 30.41 6.56
N TYR J 120 29.67 31.26 6.54
CA TYR J 120 31.00 30.88 6.02
C TYR J 120 31.40 29.55 6.64
N THR J 121 32.29 28.86 5.96
CA THR J 121 32.85 27.57 6.36
C THR J 121 34.37 27.71 6.42
N GLY J 122 35.03 26.70 6.95
CA GLY J 122 36.50 26.66 7.10
C GLY J 122 36.88 26.20 8.49
N LYS J 123 38.10 26.50 8.88
CA LYS J 123 38.68 26.09 10.18
C LYS J 123 38.12 27.03 11.28
N LEU J 124 37.38 26.49 12.24
CA LEU J 124 36.72 27.29 13.30
C LEU J 124 37.78 27.80 14.28
N ALA J 125 37.97 29.13 14.34
CA ALA J 125 39.04 29.79 15.12
C ALA J 125 38.45 30.40 16.39
N GLY J 126 37.20 30.85 16.38
CA GLY J 126 36.62 31.48 17.58
C GLY J 126 35.15 31.76 17.46
N ILE J 127 34.61 32.38 18.51
CA ILE J 127 33.20 32.86 18.56
C ILE J 127 33.15 34.27 19.16
N LYS J 128 32.10 34.98 18.84
CA LYS J 128 31.89 36.38 19.25
C LYS J 128 30.37 36.53 19.44
N GLY J 129 29.93 37.41 20.34
CA GLY J 129 28.50 37.70 20.47
C GLY J 129 28.19 38.43 21.74
N GLY J 130 26.99 38.17 22.27
CA GLY J 130 26.52 38.71 23.55
C GLY J 130 25.69 37.65 24.27
N ALA J 131 25.79 37.63 25.60
CA ALA J 131 25.16 36.61 26.45
C ALA J 131 24.86 37.22 27.83
N GLY J 132 23.72 36.85 28.39
CA GLY J 132 23.35 37.09 29.79
C GLY J 132 22.83 35.80 30.40
N SER J 133 21.52 35.74 30.63
CA SER J 133 20.77 34.50 30.95
C SER J 133 20.73 33.60 29.72
N ASP J 134 20.72 34.20 28.53
CA ASP J 134 20.61 33.49 27.23
C ASP J 134 21.81 33.87 26.36
N ILE J 135 21.99 33.19 25.24
CA ILE J 135 22.85 33.67 24.14
C ILE J 135 22.02 34.64 23.32
N ASP J 136 22.29 35.95 23.48
CA ASP J 136 21.57 37.02 22.76
C ASP J 136 21.94 36.96 21.28
N ARG J 137 23.22 36.78 20.99
CA ARG J 137 23.69 36.78 19.60
C ARG J 137 25.03 36.02 19.53
N LEU J 138 25.25 35.40 18.36
CA LEU J 138 26.43 34.52 18.12
C LEU J 138 26.90 34.70 16.69
N GLY J 139 28.21 34.87 16.53
CA GLY J 139 28.90 34.82 15.25
C GLY J 139 30.09 33.87 15.35
N LEU J 140 30.31 33.09 14.30
CA LEU J 140 31.47 32.18 14.23
C LEU J 140 32.62 32.94 13.59
N ILE J 141 33.84 32.50 13.86
CA ILE J 141 35.07 33.12 13.31
C ILE J 141 35.94 31.98 12.75
N PHE J 142 36.38 32.13 11.50
CA PHE J 142 37.14 31.12 10.75
C PHE J 142 38.52 31.68 10.39
N LEU J 143 39.52 30.81 10.15
CA LEU J 143 40.80 31.18 9.48
C LEU J 143 40.56 31.49 8.00
N LYS J 144 41.31 32.41 7.39
CA LYS J 144 41.23 32.77 5.94
C LYS J 144 41.79 31.63 5.08
N ASP K 5 28.50 43.87 -20.91
CA ASP K 5 29.12 44.23 -19.61
C ASP K 5 30.16 43.13 -19.24
N ASN K 6 30.45 43.01 -17.96
CA ASN K 6 31.18 41.88 -17.33
C ASN K 6 30.15 40.90 -16.71
N TYR K 7 28.87 41.07 -17.03
CA TYR K 7 27.73 40.60 -16.20
C TYR K 7 26.70 39.84 -17.04
N ILE K 8 26.08 38.83 -16.43
CA ILE K 8 24.91 38.08 -16.98
C ILE K 8 23.70 38.47 -16.13
N TYR K 9 22.66 38.98 -16.74
CA TYR K 9 21.43 39.45 -16.06
C TYR K 9 20.38 38.35 -16.20
N SER K 10 20.05 37.69 -15.10
CA SER K 10 18.95 36.71 -15.04
C SER K 10 17.64 37.49 -15.12
N THR K 11 16.59 36.87 -15.65
CA THR K 11 15.23 37.48 -15.77
C THR K 11 14.77 37.97 -14.40
N GLU K 12 14.29 39.21 -14.34
CA GLU K 12 13.55 39.73 -13.18
C GLU K 12 12.16 39.13 -13.19
N VAL K 13 11.79 38.37 -12.19
CA VAL K 13 10.45 37.69 -12.20
C VAL K 13 9.59 38.34 -11.13
N GLY K 14 8.30 38.42 -11.39
CA GLY K 14 7.31 39.06 -10.50
C GLY K 14 6.57 40.15 -11.26
N GLY K 15 6.10 41.17 -10.56
CA GLY K 15 5.25 42.24 -11.15
C GLY K 15 6.04 43.50 -11.45
N VAL K 16 5.33 44.52 -11.93
CA VAL K 16 5.94 45.80 -12.40
C VAL K 16 5.93 46.82 -11.27
N GLY K 17 5.37 46.50 -10.10
CA GLY K 17 5.15 47.43 -8.98
C GLY K 17 6.43 47.76 -8.22
N GLY K 18 6.28 48.59 -7.17
CA GLY K 18 7.37 48.97 -6.25
C GLY K 18 8.38 49.90 -6.88
N THR K 19 9.44 50.22 -6.13
CA THR K 19 10.53 51.12 -6.57
C THR K 19 11.68 50.28 -7.09
N PRO K 20 12.15 50.50 -8.33
CA PRO K 20 13.33 49.81 -8.85
C PRO K 20 14.55 49.92 -7.93
N PHE K 21 15.37 48.88 -7.89
CA PHE K 21 16.68 48.83 -7.21
C PHE K 21 17.65 48.07 -8.11
N THR K 22 18.92 48.46 -8.06
CA THR K 22 20.06 47.70 -8.64
C THR K 22 21.18 47.76 -7.59
N PHE K 23 21.59 46.61 -7.07
CA PHE K 23 22.70 46.48 -6.10
C PHE K 23 23.83 45.74 -6.83
N MET K 24 24.84 46.50 -7.23
CA MET K 24 26.10 45.98 -7.87
C MET K 24 27.24 46.90 -7.44
N GLN K 25 28.47 46.39 -7.35
CA GLN K 25 29.69 47.15 -7.00
C GLN K 25 30.82 46.65 -7.91
N GLU K 26 31.45 47.56 -8.66
CA GLU K 26 32.58 47.26 -9.59
C GLU K 26 33.63 46.42 -8.86
N SER K 27 34.10 45.33 -9.51
CA SER K 27 35.13 44.38 -9.02
C SER K 27 34.69 43.69 -7.72
N GLY K 28 33.40 43.79 -7.35
CA GLY K 28 32.83 43.26 -6.09
C GLY K 28 31.85 42.14 -6.38
N THR K 29 31.73 41.19 -5.44
CA THR K 29 30.70 40.13 -5.50
C THR K 29 29.95 40.12 -4.17
N ILE K 30 28.76 39.52 -4.16
CA ILE K 30 27.94 39.44 -2.92
C ILE K 30 28.61 38.47 -1.96
N THR K 31 28.85 38.94 -0.73
CA THR K 31 29.45 38.13 0.36
C THR K 31 28.35 37.67 1.30
N SER K 32 27.20 38.35 1.29
CA SER K 32 26.08 38.03 2.20
C SER K 32 24.76 38.51 1.58
N ILE K 33 23.72 37.70 1.70
CA ILE K 33 22.35 38.08 1.22
C ILE K 33 21.32 37.56 2.22
N LYS K 34 20.36 38.41 2.55
CA LYS K 34 19.32 38.13 3.56
C LYS K 34 17.96 38.33 2.91
N PHE K 35 17.08 37.36 3.09
CA PHE K 35 15.68 37.40 2.58
C PHE K 35 14.73 37.35 3.76
N ASN K 36 13.81 38.30 3.85
CA ASN K 36 12.74 38.39 4.86
C ASN K 36 11.42 38.03 4.18
N TRP K 37 10.61 37.20 4.80
CA TRP K 37 9.29 36.79 4.24
C TRP K 37 8.28 36.55 5.33
N SER K 38 7.00 36.47 4.97
CA SER K 38 5.88 36.25 5.93
C SER K 38 5.14 34.96 5.58
N ASP K 39 4.62 34.27 6.61
CA ASP K 39 3.61 33.21 6.44
C ASP K 39 2.26 33.87 6.13
N GLN K 40 2.00 35.07 6.62
CA GLN K 40 0.70 35.74 6.43
C GLN K 40 0.44 35.97 4.93
N TYR K 41 1.41 36.54 4.20
CA TYR K 41 1.24 36.93 2.78
C TYR K 41 1.92 35.90 1.86
N LYS K 42 2.76 35.01 2.37
CA LYS K 42 3.48 33.99 1.56
C LYS K 42 4.27 34.74 0.46
N LEU K 43 4.89 35.87 0.80
CA LEU K 43 5.70 36.73 -0.11
C LEU K 43 7.06 37.02 0.53
N LEU K 44 8.08 37.31 -0.28
CA LEU K 44 9.28 38.05 0.21
C LEU K 44 8.89 39.51 0.41
N HIS K 45 9.37 40.14 1.49
CA HIS K 45 9.09 41.56 1.82
C HIS K 45 10.36 42.41 1.71
N HIS K 46 11.54 41.85 1.97
CA HIS K 46 12.76 42.65 2.22
C HIS K 46 14.00 41.81 1.86
N ILE K 47 14.98 42.44 1.25
CA ILE K 47 16.28 41.83 0.90
C ILE K 47 17.39 42.78 1.34
N GLU K 48 18.46 42.26 1.92
CA GLU K 48 19.72 42.99 2.22
C GLU K 48 20.87 42.25 1.58
N VAL K 49 21.84 42.99 1.08
CA VAL K 49 23.05 42.45 0.41
C VAL K 49 24.26 43.18 0.99
N LYS K 50 25.37 42.47 1.21
CA LYS K 50 26.70 43.06 1.43
C LYS K 50 27.63 42.53 0.34
N PHE K 51 28.60 43.36 -0.05
CA PHE K 51 29.66 43.06 -1.05
C PHE K 51 31.00 42.92 -0.33
N ILE K 52 31.93 42.15 -0.89
CA ILE K 52 33.32 42.02 -0.36
C ILE K 52 33.94 43.42 -0.25
N ASN K 53 34.72 43.67 0.79
CA ASN K 53 35.50 44.94 0.99
C ASN K 53 34.56 46.14 1.08
N ASN K 54 33.38 45.99 1.68
CA ASN K 54 32.37 47.08 1.77
C ASN K 54 31.46 46.77 2.95
N ALA K 55 31.51 47.62 3.98
CA ALA K 55 30.78 47.42 5.26
C ALA K 55 29.33 47.87 5.10
N ASN K 56 28.98 48.55 4.01
CA ASN K 56 27.59 49.04 3.78
C ASN K 56 26.62 47.88 3.56
N ILE K 57 25.44 47.98 4.15
CA ILE K 57 24.28 47.09 3.89
C ILE K 57 23.37 47.79 2.87
N TYR K 58 23.13 47.15 1.74
CA TYR K 58 22.17 47.59 0.69
C TYR K 58 20.86 46.83 0.89
N ALA K 59 19.80 47.56 1.20
CA ALA K 59 18.49 47.02 1.63
C ALA K 59 17.38 47.56 0.75
N THR K 60 16.36 46.76 0.50
CA THR K 60 15.16 47.18 -0.25
C THR K 60 13.96 46.44 0.35
N GLY K 61 12.79 47.06 0.29
CA GLY K 61 11.53 46.48 0.78
C GLY K 61 11.28 46.89 2.22
N ASP K 62 10.35 46.21 2.88
CA ASP K 62 9.88 46.51 4.25
C ASP K 62 10.08 45.23 5.06
N PRO K 63 10.96 45.22 6.10
CA PRO K 63 11.28 44.00 6.83
C PRO K 63 10.19 43.57 7.83
N LYS K 64 8.98 43.34 7.35
CA LYS K 64 7.78 43.10 8.19
C LYS K 64 7.47 41.61 8.29
N GLY K 65 8.20 40.75 7.58
CA GLY K 65 7.98 39.29 7.65
C GLY K 65 8.40 38.72 9.00
N ASN K 66 7.88 37.55 9.36
CA ASN K 66 8.17 36.84 10.63
C ASN K 66 9.37 35.90 10.46
N HIS K 67 9.98 35.79 9.27
CA HIS K 67 11.15 34.91 9.04
C HIS K 67 12.23 35.66 8.27
N GLU K 68 13.50 35.37 8.52
CA GLU K 68 14.61 35.78 7.62
C GLU K 68 15.60 34.63 7.49
N VAL K 69 16.33 34.58 6.39
CA VAL K 69 17.46 33.64 6.19
C VAL K 69 18.62 34.45 5.63
N ILE K 70 19.82 34.10 6.03
CA ILE K 70 21.07 34.72 5.55
C ILE K 70 21.88 33.61 4.91
N LEU K 71 22.44 33.90 3.73
CA LEU K 71 23.49 33.06 3.11
C LEU K 71 24.78 33.88 3.09
N GLU K 72 25.82 33.35 3.69
CA GLU K 72 27.19 33.91 3.53
C GLU K 72 27.89 33.10 2.45
N ILE K 73 28.62 33.80 1.57
CA ILE K 73 29.26 33.19 0.38
C ILE K 73 30.76 33.44 0.48
N ASP K 74 31.57 32.38 0.53
CA ASP K 74 33.06 32.47 0.54
C ASP K 74 33.47 33.12 -0.79
N ASP K 75 34.66 33.71 -0.86
CA ASP K 75 35.16 34.45 -2.05
C ASP K 75 35.18 33.52 -3.27
N ASP K 76 35.54 32.24 -3.12
CA ASP K 76 35.67 31.30 -4.26
C ASP K 76 34.34 30.53 -4.48
N GLU K 77 33.26 30.87 -3.76
CA GLU K 77 32.01 30.08 -3.75
C GLU K 77 31.04 30.62 -4.82
N THR K 78 30.54 29.73 -5.70
CA THR K 78 29.60 30.10 -6.78
C THR K 78 28.21 29.54 -6.46
N ILE K 79 27.19 30.06 -7.14
CA ILE K 79 25.82 29.49 -7.13
C ILE K 79 25.74 28.44 -8.23
N ILE K 80 25.41 27.18 -7.90
CA ILE K 80 25.31 26.07 -8.89
C ILE K 80 23.84 25.72 -9.13
N GLY K 81 22.92 26.25 -8.34
CA GLY K 81 21.49 26.01 -8.51
C GLY K 81 20.71 27.14 -7.88
N SER K 82 19.71 27.64 -8.59
CA SER K 82 18.95 28.83 -8.15
C SER K 82 17.52 28.73 -8.66
N VAL K 83 16.55 28.77 -7.76
CA VAL K 83 15.10 28.78 -8.09
C VAL K 83 14.47 29.98 -7.41
N ILE K 84 13.76 30.81 -8.18
CA ILE K 84 12.94 31.90 -7.61
C ILE K 84 11.47 31.54 -7.86
N GLY K 85 10.69 31.52 -6.78
CA GLY K 85 9.24 31.43 -6.81
C GLY K 85 8.64 32.81 -6.94
N TYR K 86 7.61 32.96 -7.78
CA TYR K 86 6.93 34.24 -8.00
C TYR K 86 5.47 34.04 -8.42
N LYS K 87 4.70 35.09 -8.24
CA LYS K 87 3.36 35.25 -8.86
C LYS K 87 3.59 36.08 -10.13
N LYS K 88 3.11 35.59 -11.27
CA LYS K 88 3.32 36.21 -12.59
C LYS K 88 2.27 37.30 -12.81
N GLY K 89 2.47 38.11 -13.85
CA GLY K 89 1.55 39.19 -14.26
C GLY K 89 2.03 40.53 -13.72
N ASN K 90 1.38 41.61 -14.15
CA ASN K 90 1.73 43.01 -13.79
C ASN K 90 1.68 43.20 -12.27
N ASP K 91 0.70 42.58 -11.62
CA ASP K 91 0.52 42.69 -10.14
C ASP K 91 1.27 41.53 -9.46
N GLY K 92 2.30 40.97 -10.08
CA GLY K 92 3.09 39.87 -9.51
C GLY K 92 3.97 40.27 -8.33
N ARG K 93 4.61 39.27 -7.72
CA ARG K 93 5.45 39.38 -6.49
C ARG K 93 6.49 38.25 -6.53
N CYS K 94 7.63 38.40 -5.86
CA CYS K 94 8.50 37.24 -5.53
C CYS K 94 8.02 36.62 -4.23
N THR K 95 7.88 35.29 -4.24
CA THR K 95 7.32 34.51 -3.13
C THR K 95 8.43 33.72 -2.45
N GLY K 96 9.54 33.42 -3.14
CA GLY K 96 10.53 32.48 -2.58
C GLY K 96 11.83 32.49 -3.37
N VAL K 97 12.89 32.08 -2.70
CA VAL K 97 14.22 31.86 -3.36
C VAL K 97 14.88 30.66 -2.69
N LYS K 98 15.46 29.80 -3.52
CA LYS K 98 16.26 28.63 -3.08
C LYS K 98 17.59 28.76 -3.80
N LEU K 99 18.70 28.75 -3.08
CA LEU K 99 20.08 28.81 -3.66
C LEU K 99 20.88 27.61 -3.17
N THR K 100 21.68 27.01 -4.04
CA THR K 100 22.64 25.94 -3.68
C THR K 100 24.02 26.39 -4.20
N THR K 101 25.07 26.23 -3.40
CA THR K 101 26.42 26.72 -3.77
C THR K 101 27.36 25.58 -4.16
N SER K 102 28.51 25.93 -4.74
CA SER K 102 29.61 25.01 -5.09
C SER K 102 30.20 24.35 -3.83
N LYS K 103 29.89 24.83 -2.62
CA LYS K 103 30.41 24.20 -1.38
C LYS K 103 29.30 23.41 -0.68
N GLY K 104 28.18 23.16 -1.36
CA GLY K 104 27.09 22.34 -0.80
C GLY K 104 26.25 23.08 0.23
N LYS K 105 26.39 24.39 0.35
CA LYS K 105 25.52 25.22 1.22
C LYS K 105 24.20 25.46 0.48
N SER K 106 23.10 25.59 1.21
CA SER K 106 21.83 26.01 0.59
C SER K 106 20.99 26.86 1.55
N ILE K 107 20.10 27.68 0.97
CA ILE K 107 19.03 28.36 1.73
C ILE K 107 17.72 28.16 0.99
N MET K 108 16.64 28.25 1.74
CA MET K 108 15.27 28.26 1.20
C MET K 108 14.54 29.37 1.95
N ALA K 109 14.00 30.34 1.24
CA ALA K 109 13.18 31.42 1.84
C ALA K 109 11.82 31.42 1.16
N GLY K 110 10.75 31.47 1.94
CA GLY K 110 9.41 31.76 1.42
C GLY K 110 8.78 30.57 0.74
N TYR K 111 8.02 30.82 -0.32
CA TYR K 111 7.00 29.91 -0.88
C TYR K 111 7.21 29.76 -2.39
N PHE K 112 6.76 28.62 -2.90
CA PHE K 112 6.94 28.16 -4.29
C PHE K 112 5.64 27.52 -4.78
N GLU K 113 4.52 28.17 -4.51
CA GLU K 113 3.19 27.63 -4.87
C GLU K 113 2.74 28.15 -6.22
N GLU K 114 3.46 29.12 -6.78
CA GLU K 114 3.01 29.75 -8.05
C GLU K 114 3.95 29.38 -9.21
N SER K 115 4.57 30.37 -9.82
CA SER K 115 5.50 30.17 -10.96
C SER K 115 6.94 30.02 -10.43
N LEU K 116 7.85 29.51 -11.26
CA LEU K 116 9.26 29.22 -10.87
C LEU K 116 10.15 29.61 -12.04
N ILE K 117 11.34 30.11 -11.73
CA ILE K 117 12.46 30.21 -12.70
C ILE K 117 13.64 29.43 -12.13
N THR K 118 14.29 28.65 -12.96
CA THR K 118 15.63 28.07 -12.69
C THR K 118 16.62 28.93 -13.45
N THR K 119 17.45 29.67 -12.74
CA THR K 119 18.24 30.79 -13.31
C THR K 119 19.58 30.31 -13.85
N TYR K 120 20.26 31.21 -14.55
CA TYR K 120 21.71 31.10 -14.81
C TYR K 120 22.40 30.83 -13.47
N THR K 121 23.59 30.26 -13.58
CA THR K 121 24.47 29.96 -12.45
C THR K 121 25.79 30.70 -12.61
N GLY K 122 26.61 30.69 -11.57
CA GLY K 122 27.94 31.31 -11.57
C GLY K 122 28.14 32.11 -10.30
N LYS K 123 29.10 33.03 -10.34
CA LYS K 123 29.49 33.88 -9.21
C LYS K 123 28.47 35.01 -9.06
N LEU K 124 27.75 35.05 -7.93
CA LEU K 124 26.67 36.03 -7.70
C LEU K 124 27.29 37.42 -7.48
N ALA K 125 27.03 38.36 -8.38
CA ALA K 125 27.64 39.71 -8.38
C ALA K 125 26.65 40.73 -7.85
N GLY K 126 25.35 40.54 -8.06
CA GLY K 126 24.38 41.57 -7.64
C GLY K 126 22.94 41.12 -7.79
N ILE K 127 22.01 41.98 -7.43
CA ILE K 127 20.55 41.77 -7.63
C ILE K 127 19.93 43.06 -8.15
N LYS K 128 18.78 42.91 -8.77
CA LYS K 128 18.03 44.00 -9.44
C LYS K 128 16.56 43.65 -9.27
N GLY K 129 15.68 44.64 -9.21
CA GLY K 129 14.23 44.37 -9.21
C GLY K 129 13.44 45.57 -8.78
N GLY K 130 12.32 45.33 -8.14
CA GLY K 130 11.42 46.34 -7.56
C GLY K 130 10.87 45.89 -6.25
N ALA K 131 10.67 46.83 -5.32
CA ALA K 131 10.24 46.56 -3.94
C ALA K 131 9.48 47.76 -3.38
N GLY K 132 8.42 47.49 -2.61
CA GLY K 132 7.72 48.47 -1.76
C GLY K 132 7.51 47.88 -0.39
N SER K 133 6.27 47.52 -0.06
CA SER K 133 5.92 46.67 1.10
C SER K 133 6.42 45.24 0.89
N ASP K 134 6.48 44.82 -0.36
CA ASP K 134 6.87 43.44 -0.77
C ASP K 134 8.03 43.53 -1.76
N ILE K 135 8.64 42.40 -2.07
CA ILE K 135 9.53 42.28 -3.26
C ILE K 135 8.62 42.02 -4.47
N ASP K 136 8.43 43.04 -5.29
CA ASP K 136 7.58 42.97 -6.51
C ASP K 136 8.25 42.06 -7.53
N ARG K 137 9.55 42.20 -7.71
CA ARG K 137 10.29 41.43 -8.73
C ARG K 137 11.76 41.39 -8.35
N LEU K 138 12.43 40.30 -8.76
CA LEU K 138 13.84 40.02 -8.42
C LEU K 138 14.51 39.34 -9.60
N GLY K 139 15.70 39.81 -9.94
CA GLY K 139 16.62 39.15 -10.86
C GLY K 139 18.01 39.09 -10.28
N LEU K 140 18.70 38.01 -10.51
CA LEU K 140 20.08 37.80 -10.03
C LEU K 140 21.01 38.31 -11.12
N ILE K 141 22.22 38.67 -10.74
CA ILE K 141 23.29 39.15 -11.65
C ILE K 141 24.56 38.34 -11.34
N PHE K 142 25.17 37.75 -12.36
CA PHE K 142 26.37 36.89 -12.24
C PHE K 142 27.52 37.52 -13.01
N LEU K 143 28.78 37.19 -12.66
CA LEU K 143 29.98 37.48 -13.50
C LEU K 143 29.99 36.59 -14.75
N LYS K 144 30.52 37.07 -15.88
CA LYS K 144 30.61 36.29 -17.16
C LYS K 144 31.62 35.13 -17.06
N ASP L 5 23.40 18.87 -41.60
CA ASP L 5 24.57 19.85 -41.67
C ASP L 5 24.99 20.36 -40.27
N ASN L 6 24.30 21.40 -39.77
CA ASN L 6 24.61 22.00 -38.44
C ASN L 6 23.62 21.51 -37.40
N TYR L 7 22.44 20.99 -37.77
CA TYR L 7 21.27 20.93 -36.84
C TYR L 7 20.65 19.53 -36.84
N ILE L 8 20.13 19.12 -35.69
CA ILE L 8 19.30 17.89 -35.51
C ILE L 8 17.88 18.34 -35.21
N TYR L 9 16.92 17.89 -36.01
CA TYR L 9 15.50 18.27 -35.91
C TYR L 9 14.77 17.16 -35.19
N SER L 10 14.32 17.42 -33.98
CA SER L 10 13.42 16.49 -33.25
C SER L 10 12.04 16.56 -33.94
N THR L 11 11.26 15.48 -33.88
CA THR L 11 9.89 15.42 -34.44
C THR L 11 9.02 16.52 -33.85
N GLU L 12 8.30 17.24 -34.68
CA GLU L 12 7.25 18.19 -34.22
C GLU L 12 6.04 17.34 -33.79
N VAL L 13 5.64 17.45 -32.54
CA VAL L 13 4.54 16.59 -32.03
C VAL L 13 3.35 17.50 -31.73
N GLY L 14 2.14 17.00 -31.91
CA GLY L 14 0.87 17.72 -31.73
C GLY L 14 0.09 17.74 -33.03
N GLY L 15 -0.74 18.75 -33.23
CA GLY L 15 -1.65 18.85 -34.39
C GLY L 15 -1.11 19.76 -35.48
N VAL L 16 -1.92 19.94 -36.55
CA VAL L 16 -1.52 20.70 -37.77
C VAL L 16 -1.99 22.15 -37.65
N GLY L 17 -2.71 22.51 -36.57
CA GLY L 17 -3.36 23.82 -36.42
C GLY L 17 -2.39 24.95 -36.07
N GLY L 18 -2.96 26.13 -35.87
CA GLY L 18 -2.24 27.35 -35.46
C GLY L 18 -1.37 27.92 -36.58
N THR L 19 -0.61 28.96 -36.26
CA THR L 19 0.30 29.64 -37.20
C THR L 19 1.71 29.09 -37.01
N PRO L 20 2.36 28.62 -38.09
CA PRO L 20 3.73 28.10 -38.00
C PRO L 20 4.70 29.15 -37.44
N PHE L 21 5.70 28.70 -36.68
CA PHE L 21 6.80 29.52 -36.15
C PHE L 21 8.08 28.72 -36.28
N THR L 22 9.19 29.42 -36.50
CA THR L 22 10.56 28.87 -36.32
C THR L 22 11.34 29.94 -35.57
N PHE L 23 11.83 29.61 -34.38
CA PHE L 23 12.73 30.48 -33.58
C PHE L 23 14.12 29.82 -33.62
N MET L 24 15.00 30.32 -34.48
CA MET L 24 16.41 29.98 -34.63
C MET L 24 17.15 31.22 -35.07
N GLN L 25 18.41 31.33 -34.64
CA GLN L 25 19.31 32.48 -34.97
C GLN L 25 20.68 31.89 -35.30
N GLU L 26 21.20 32.20 -36.49
CA GLU L 26 22.53 31.76 -36.97
C GLU L 26 23.58 32.03 -35.87
N SER L 27 24.44 31.04 -35.61
CA SER L 27 25.55 31.05 -34.62
C SER L 27 25.02 31.26 -33.19
N GLY L 28 23.71 31.13 -32.97
CA GLY L 28 23.03 31.42 -31.69
C GLY L 28 22.43 30.17 -31.07
N THR L 29 22.30 30.12 -29.74
CA THR L 29 21.61 29.04 -29.03
C THR L 29 20.60 29.68 -28.07
N ILE L 30 19.63 28.90 -27.59
CA ILE L 30 18.60 29.41 -26.66
C ILE L 30 19.27 29.65 -25.30
N THR L 31 19.13 30.86 -24.76
CA THR L 31 19.67 31.24 -23.44
C THR L 31 18.53 31.22 -22.41
N SER L 32 17.29 31.29 -22.86
CA SER L 32 16.10 31.32 -21.98
C SER L 32 14.87 30.78 -22.71
N ILE L 33 14.04 30.01 -22.02
CA ILE L 33 12.76 29.50 -22.60
C ILE L 33 11.72 29.50 -21.49
N LYS L 34 10.53 29.99 -21.80
CA LYS L 34 9.40 30.15 -20.87
C LYS L 34 8.20 29.41 -21.46
N PHE L 35 7.56 28.59 -20.63
CA PHE L 35 6.34 27.84 -21.00
C PHE L 35 5.22 28.32 -20.10
N ASN L 36 4.08 28.64 -20.71
CA ASN L 36 2.82 28.98 -20.02
C ASN L 36 1.84 27.83 -20.26
N TRP L 37 1.13 27.40 -19.22
CA TRP L 37 0.12 26.31 -19.35
C TRP L 37 -1.02 26.52 -18.36
N SER L 38 -2.13 25.81 -18.58
CA SER L 38 -3.36 25.91 -17.72
C SER L 38 -3.66 24.55 -17.11
N ASP L 39 -4.21 24.56 -15.89
CA ASP L 39 -4.90 23.38 -15.29
C ASP L 39 -6.26 23.23 -15.97
N GLN L 40 -6.89 24.31 -16.41
CA GLN L 40 -8.26 24.21 -17.01
C GLN L 40 -8.20 23.34 -18.26
N TYR L 41 -7.26 23.57 -19.19
CA TYR L 41 -7.21 22.88 -20.50
C TYR L 41 -6.14 21.79 -20.50
N LYS L 42 -5.23 21.76 -19.52
CA LYS L 42 -4.13 20.78 -19.45
C LYS L 42 -3.33 20.86 -20.77
N LEU L 43 -3.09 22.07 -21.29
CA LEU L 43 -2.32 22.34 -22.54
C LEU L 43 -1.23 23.38 -22.27
N LEU L 44 -0.16 23.38 -23.07
CA LEU L 44 0.71 24.57 -23.20
C LEU L 44 -0.06 25.60 -24.05
N HIS L 45 0.02 26.87 -23.67
CA HIS L 45 -0.66 27.97 -24.41
C HIS L 45 0.36 28.91 -25.08
N HIS L 46 1.55 29.06 -24.50
CA HIS L 46 2.47 30.16 -24.89
C HIS L 46 3.90 29.76 -24.58
N ILE L 47 4.80 30.12 -25.49
CA ILE L 47 6.26 29.90 -25.34
C ILE L 47 6.95 31.21 -25.69
N GLU L 48 7.96 31.59 -24.91
CA GLU L 48 8.89 32.70 -25.20
C GLU L 48 10.31 32.15 -25.16
N VAL L 49 11.14 32.62 -26.06
CA VAL L 49 12.55 32.19 -26.22
C VAL L 49 13.41 33.45 -26.33
N LYS L 50 14.59 33.45 -25.71
CA LYS L 50 15.67 34.42 -25.99
C LYS L 50 16.89 33.63 -26.45
N PHE L 51 17.69 34.23 -27.32
CA PHE L 51 18.98 33.70 -27.83
C PHE L 51 20.13 34.51 -27.26
N ILE L 52 21.33 33.90 -27.17
CA ILE L 52 22.57 34.60 -26.73
C ILE L 52 22.78 35.81 -27.64
N ASN L 53 23.24 36.93 -27.08
CA ASN L 53 23.66 38.16 -27.83
C ASN L 53 22.48 38.74 -28.59
N ASN L 54 21.26 38.67 -28.05
CA ASN L 54 20.02 39.14 -28.73
C ASN L 54 19.00 39.46 -27.63
N ALA L 55 18.63 40.73 -27.51
CA ALA L 55 17.73 41.26 -26.47
C ALA L 55 16.28 40.99 -26.85
N ASN L 56 16.00 40.57 -28.09
CA ASN L 56 14.61 40.33 -28.55
C ASN L 56 14.01 39.09 -27.85
N ILE L 57 12.74 39.19 -27.45
CA ILE L 57 11.93 38.05 -26.96
C ILE L 57 11.09 37.55 -28.15
N TYR L 58 11.24 36.29 -28.51
CA TYR L 58 10.44 35.59 -29.54
C TYR L 58 9.34 34.82 -28.83
N ALA L 59 8.09 35.16 -29.11
CA ALA L 59 6.89 34.65 -28.41
C ALA L 59 5.91 34.07 -29.43
N THR L 60 5.19 33.03 -29.04
CA THR L 60 4.12 32.44 -29.87
C THR L 60 3.05 31.93 -28.89
N GLY L 61 1.80 31.93 -29.33
CA GLY L 61 0.67 31.45 -28.55
C GLY L 61 0.02 32.60 -27.76
N ASP L 62 -0.83 32.26 -26.82
CA ASP L 62 -1.64 33.20 -26.00
C ASP L 62 -1.33 32.91 -24.53
N PRO L 63 -0.73 33.85 -23.77
CA PRO L 63 -0.27 33.58 -22.40
C PRO L 63 -1.42 33.59 -21.38
N LYS L 64 -2.41 32.71 -21.55
CA LYS L 64 -3.66 32.75 -20.76
C LYS L 64 -3.63 31.72 -19.60
N GLY L 65 -2.62 30.88 -19.54
CA GLY L 65 -2.52 29.82 -18.52
C GLY L 65 -2.26 30.41 -17.13
N ASN L 66 -2.58 29.64 -16.07
CA ASN L 66 -2.38 30.05 -14.65
C ASN L 66 -0.97 29.67 -14.15
N HIS L 67 -0.11 29.04 -14.96
CA HIS L 67 1.26 28.67 -14.56
C HIS L 67 2.26 29.09 -15.63
N GLU L 68 3.48 29.47 -15.23
CA GLU L 68 4.62 29.57 -16.17
C GLU L 68 5.87 29.02 -15.49
N VAL L 69 6.81 28.54 -16.28
CA VAL L 69 8.17 28.17 -15.79
C VAL L 69 9.17 28.75 -16.79
N ILE L 70 10.31 29.19 -16.27
CA ILE L 70 11.43 29.71 -17.09
C ILE L 70 12.62 28.83 -16.80
N LEU L 71 13.31 28.40 -17.85
CA LEU L 71 14.65 27.78 -17.73
C LEU L 71 15.64 28.74 -18.37
N GLU L 72 16.64 29.17 -17.60
CA GLU L 72 17.82 29.88 -18.14
C GLU L 72 18.92 28.85 -18.33
N ILE L 73 19.62 28.96 -19.46
CA ILE L 73 20.64 27.96 -19.91
C ILE L 73 21.98 28.68 -20.03
N ASP L 74 22.97 28.29 -19.24
CA ASP L 74 24.37 28.84 -19.34
C ASP L 74 24.88 28.51 -20.75
N ASP L 75 25.87 29.24 -21.24
CA ASP L 75 26.43 29.05 -22.61
C ASP L 75 26.94 27.62 -22.80
N ASP L 76 27.55 27.01 -21.79
CA ASP L 76 28.15 25.65 -21.91
C ASP L 76 27.14 24.57 -21.46
N GLU L 77 25.88 24.94 -21.18
CA GLU L 77 24.86 24.01 -20.61
C GLU L 77 24.06 23.34 -21.75
N THR L 78 23.98 22.01 -21.73
CA THR L 78 23.26 21.20 -22.75
C THR L 78 22.01 20.61 -22.11
N ILE L 79 21.07 20.15 -22.94
CA ILE L 79 19.91 19.33 -22.51
C ILE L 79 20.34 17.86 -22.54
N ILE L 80 20.24 17.15 -21.41
CA ILE L 80 20.62 15.71 -21.31
C ILE L 80 19.37 14.84 -21.23
N GLY L 81 18.20 15.44 -21.00
CA GLY L 81 16.93 14.69 -20.95
C GLY L 81 15.79 15.59 -21.38
N SER L 82 14.90 15.08 -22.25
CA SER L 82 13.86 15.91 -22.87
C SER L 82 12.65 15.05 -23.21
N VAL L 83 11.49 15.41 -22.64
CA VAL L 83 10.20 14.76 -22.94
C VAL L 83 9.20 15.84 -23.30
N ILE L 84 8.46 15.67 -24.40
CA ILE L 84 7.29 16.50 -24.72
C ILE L 84 6.04 15.63 -24.63
N GLY L 85 5.08 16.07 -23.85
CA GLY L 85 3.73 15.51 -23.80
C GLY L 85 2.85 16.17 -24.84
N TYR L 86 2.02 15.39 -25.52
CA TYR L 86 1.10 15.91 -26.58
C TYR L 86 -0.14 15.02 -26.73
N LYS L 87 -1.15 15.62 -27.34
CA LYS L 87 -2.32 14.90 -27.91
C LYS L 87 -2.02 14.73 -29.39
N LYS L 88 -2.12 13.49 -29.88
CA LYS L 88 -1.76 13.12 -31.27
C LYS L 88 -2.96 13.40 -32.18
N GLY L 89 -2.74 13.34 -33.49
CA GLY L 89 -3.76 13.54 -34.54
C GLY L 89 -3.74 14.97 -35.06
N ASN L 90 -4.48 15.23 -36.13
CA ASN L 90 -4.53 16.53 -36.84
C ASN L 90 -4.99 17.63 -35.89
N ASP L 91 -5.94 17.33 -35.01
CA ASP L 91 -6.46 18.30 -34.02
C ASP L 91 -5.64 18.24 -32.71
N GLY L 92 -4.40 17.74 -32.76
CA GLY L 92 -3.54 17.58 -31.57
C GLY L 92 -3.05 18.91 -30.98
N ARG L 93 -2.34 18.81 -29.86
CA ARG L 93 -1.83 19.96 -29.04
C ARG L 93 -0.60 19.49 -28.28
N CYS L 94 0.32 20.38 -27.90
CA CYS L 94 1.35 20.07 -26.87
C CYS L 94 0.78 20.33 -25.50
N THR L 95 0.96 19.37 -24.60
CA THR L 95 0.37 19.37 -23.25
C THR L 95 1.47 19.62 -22.20
N GLY L 96 2.73 19.33 -22.49
CA GLY L 96 3.78 19.37 -21.47
C GLY L 96 5.17 19.31 -22.06
N VAL L 97 6.13 19.80 -21.30
CA VAL L 97 7.58 19.66 -21.61
C VAL L 97 8.34 19.47 -20.29
N LYS L 98 9.27 18.52 -20.30
CA LYS L 98 10.20 18.28 -19.17
C LYS L 98 11.61 18.35 -19.77
N LEU L 99 12.46 19.22 -19.24
CA LEU L 99 13.88 19.32 -19.66
C LEU L 99 14.76 19.13 -18.43
N THR L 100 15.87 18.39 -18.59
CA THR L 100 16.95 18.26 -17.60
C THR L 100 18.25 18.67 -18.28
N THR L 101 19.09 19.46 -17.61
CA THR L 101 20.35 19.99 -18.21
C THR L 101 21.58 19.28 -17.66
N SER L 102 22.71 19.49 -18.34
CA SER L 102 24.04 18.99 -17.92
C SER L 102 24.47 19.58 -16.57
N LYS L 103 23.80 20.62 -16.06
CA LYS L 103 24.16 21.24 -14.76
C LYS L 103 23.13 20.85 -13.70
N GLY L 104 22.28 19.85 -13.96
CA GLY L 104 21.32 19.33 -12.98
C GLY L 104 20.12 20.26 -12.78
N LYS L 105 19.90 21.22 -13.67
CA LYS L 105 18.69 22.06 -13.66
C LYS L 105 17.57 21.27 -14.33
N SER L 106 16.34 21.47 -13.92
CA SER L 106 15.19 20.87 -14.64
C SER L 106 13.96 21.77 -14.54
N ILE L 107 13.09 21.65 -15.52
CA ILE L 107 11.74 22.25 -15.49
C ILE L 107 10.78 21.16 -15.93
N MET L 108 9.58 21.30 -15.44
CA MET L 108 8.41 20.47 -15.80
C MET L 108 7.26 21.45 -16.01
N ALA L 109 6.71 21.48 -17.20
CA ALA L 109 5.56 22.35 -17.52
C ALA L 109 4.44 21.45 -18.03
N GLY L 110 3.26 21.63 -17.49
CA GLY L 110 2.02 21.06 -18.06
C GLY L 110 1.84 19.62 -17.72
N TYR L 111 1.31 18.86 -18.68
CA TYR L 111 0.69 17.53 -18.45
C TYR L 111 1.24 16.53 -19.45
N PHE L 112 1.21 15.26 -19.04
CA PHE L 112 1.80 14.11 -19.75
C PHE L 112 0.82 12.93 -19.70
N GLU L 113 -0.45 13.16 -20.00
CA GLU L 113 -1.52 12.16 -19.83
C GLU L 113 -1.80 11.40 -21.12
N GLU L 114 -1.28 11.78 -22.28
CA GLU L 114 -1.65 11.04 -23.52
C GLU L 114 -0.42 10.44 -24.20
N SER L 115 0.25 11.21 -25.05
CA SER L 115 1.37 10.74 -25.88
C SER L 115 2.64 11.46 -25.41
N LEU L 116 3.79 10.84 -25.63
CA LEU L 116 5.09 11.36 -25.18
C LEU L 116 6.10 11.13 -26.28
N ILE L 117 7.04 12.05 -26.42
CA ILE L 117 8.29 11.82 -27.18
C ILE L 117 9.45 12.04 -26.22
N THR L 118 10.40 11.11 -26.25
CA THR L 118 11.74 11.30 -25.64
C THR L 118 12.66 11.66 -26.78
N THR L 119 13.14 12.90 -26.79
CA THR L 119 13.74 13.51 -27.99
C THR L 119 15.25 13.26 -27.98
N TYR L 120 15.86 13.61 -29.10
CA TYR L 120 17.31 13.88 -29.18
C TYR L 120 17.68 14.84 -28.06
N THR L 121 18.94 14.83 -27.68
CA THR L 121 19.53 15.68 -26.62
C THR L 121 20.72 16.40 -27.24
N GLY L 122 21.30 17.34 -26.51
CA GLY L 122 22.42 18.18 -26.98
C GLY L 122 22.17 19.63 -26.63
N LYS L 123 22.89 20.52 -27.30
CA LYS L 123 22.80 21.99 -27.12
C LYS L 123 21.54 22.49 -27.84
N LEU L 124 20.58 23.06 -27.09
CA LEU L 124 19.30 23.51 -27.65
C LEU L 124 19.55 24.78 -28.48
N ALA L 125 19.30 24.70 -29.80
CA ALA L 125 19.54 25.83 -30.73
C ALA L 125 18.22 26.57 -31.01
N GLY L 126 17.10 25.87 -31.02
CA GLY L 126 15.85 26.52 -31.44
C GLY L 126 14.66 25.63 -31.26
N ILE L 127 13.50 26.20 -31.58
CA ILE L 127 12.19 25.49 -31.56
C ILE L 127 11.42 25.87 -32.82
N LYS L 128 10.46 25.02 -33.17
CA LYS L 128 9.66 25.14 -34.40
C LYS L 128 8.29 24.57 -34.03
N GLY L 129 7.23 25.02 -34.68
CA GLY L 129 5.92 24.39 -34.50
C GLY L 129 4.82 25.24 -35.02
N GLY L 130 3.66 25.14 -34.37
CA GLY L 130 2.48 25.95 -34.66
C GLY L 130 1.76 26.32 -33.37
N ALA L 131 1.17 27.52 -33.34
CA ALA L 131 0.50 28.07 -32.14
C ALA L 131 -0.61 29.02 -32.53
N GLY L 132 -1.72 29.00 -31.77
CA GLY L 132 -2.77 30.03 -31.80
C GLY L 132 -3.16 30.42 -30.40
N SER L 133 -4.30 29.98 -29.89
CA SER L 133 -4.69 30.04 -28.47
C SER L 133 -3.81 29.10 -27.64
N ASP L 134 -3.39 28.00 -28.26
CA ASP L 134 -2.62 26.91 -27.62
C ASP L 134 -1.32 26.70 -28.41
N ILE L 135 -0.41 25.91 -27.86
CA ILE L 135 0.72 25.35 -28.68
C ILE L 135 0.20 24.10 -29.39
N ASP L 136 -0.07 24.21 -30.68
CA ASP L 136 -0.60 23.10 -31.51
C ASP L 136 0.45 22.01 -31.64
N ARG L 137 1.70 22.41 -31.89
CA ARG L 137 2.78 21.44 -32.11
C ARG L 137 4.12 22.11 -31.81
N LEU L 138 5.09 21.28 -31.39
CA LEU L 138 6.42 21.71 -30.96
C LEU L 138 7.46 20.68 -31.39
N GLY L 139 8.54 21.16 -31.98
CA GLY L 139 9.77 20.37 -32.24
C GLY L 139 10.99 21.14 -31.78
N LEU L 140 11.92 20.43 -31.17
CA LEU L 140 13.17 21.01 -30.64
C LEU L 140 14.21 20.91 -31.74
N ILE L 141 15.21 21.78 -31.71
CA ILE L 141 16.32 21.83 -32.68
C ILE L 141 17.63 21.91 -31.88
N PHE L 142 18.56 20.99 -32.15
CA PHE L 142 19.85 20.89 -31.42
C PHE L 142 21.01 21.13 -32.40
N LEU L 143 22.17 21.55 -31.91
CA LEU L 143 23.44 21.56 -32.70
C LEU L 143 23.94 20.12 -32.88
N LYS L 144 24.59 19.78 -34.01
CA LYS L 144 25.17 18.43 -34.30
C LYS L 144 26.37 18.12 -33.39
N ASP M 5 50.96 12.05 25.41
CA ASP M 5 51.17 10.59 25.34
C ASP M 5 51.29 10.16 23.87
N ASN M 6 50.96 8.89 23.56
CA ASN M 6 50.71 8.37 22.20
C ASN M 6 49.20 8.35 21.92
N TYR M 7 48.42 9.04 22.75
CA TYR M 7 46.98 8.85 22.98
C TYR M 7 46.25 10.19 22.93
N ILE M 8 45.01 10.16 22.42
CA ILE M 8 44.03 11.29 22.46
C ILE M 8 42.93 10.88 23.44
N TYR M 9 42.71 11.70 24.47
CA TYR M 9 41.70 11.46 25.52
C TYR M 9 40.47 12.28 25.16
N SER M 10 39.38 11.59 24.80
CA SER M 10 38.06 12.24 24.61
C SER M 10 37.53 12.61 26.00
N THR M 11 36.71 13.66 26.09
CA THR M 11 36.04 14.10 27.32
C THR M 11 35.27 12.93 27.95
N GLU M 12 35.46 12.73 29.25
CA GLU M 12 34.64 11.82 30.06
C GLU M 12 33.31 12.51 30.31
N VAL M 13 32.20 11.94 29.86
CA VAL M 13 30.88 12.61 30.03
C VAL M 13 30.06 11.80 31.02
N GLY M 14 29.22 12.50 31.79
CA GLY M 14 28.37 11.91 32.85
C GLY M 14 28.69 12.55 34.18
N GLY M 15 28.50 11.83 35.28
CA GLY M 15 28.65 12.35 36.64
C GLY M 15 29.97 11.97 37.28
N VAL M 16 30.16 12.37 38.54
CA VAL M 16 31.43 12.20 39.30
C VAL M 16 31.38 10.91 40.11
N GLY M 17 30.25 10.18 40.10
CA GLY M 17 30.04 9.00 40.96
C GLY M 17 30.78 7.75 40.52
N GLY M 18 30.56 6.66 41.24
CA GLY M 18 31.10 5.31 40.96
C GLY M 18 32.59 5.21 41.22
N THR M 19 33.16 4.06 40.90
CA THR M 19 34.59 3.74 41.08
C THR M 19 35.33 4.00 39.77
N PRO M 20 36.40 4.79 39.77
CA PRO M 20 37.19 5.05 38.57
C PRO M 20 37.70 3.77 37.92
N PHE M 21 37.80 3.77 36.60
CA PHE M 21 38.45 2.69 35.80
C PHE M 21 39.24 3.35 34.68
N THR M 22 40.35 2.73 34.31
CA THR M 22 41.11 3.01 33.07
C THR M 22 41.46 1.65 32.48
N PHE M 23 40.97 1.36 31.27
CA PHE M 23 41.30 0.14 30.50
C PHE M 23 42.13 0.58 29.30
N MET M 24 43.44 0.36 29.38
CA MET M 24 44.44 0.58 28.30
C MET M 24 45.53 -0.46 28.44
N GLN M 25 46.16 -0.86 27.36
CA GLN M 25 47.29 -1.85 27.32
C GLN M 25 48.32 -1.32 26.32
N GLU M 26 49.56 -1.16 26.77
CA GLU M 26 50.72 -0.71 25.94
C GLU M 26 50.76 -1.51 24.63
N SER M 27 50.92 -0.81 23.50
CA SER M 27 51.01 -1.36 22.11
C SER M 27 49.73 -2.11 21.73
N GLY M 28 48.64 -1.97 22.50
CA GLY M 28 47.38 -2.73 22.33
C GLY M 28 46.22 -1.82 21.95
N THR M 29 45.26 -2.34 21.21
CA THR M 29 44.01 -1.62 20.87
C THR M 29 42.83 -2.53 21.23
N ILE M 30 41.65 -1.94 21.35
CA ILE M 30 40.42 -2.69 21.70
C ILE M 30 40.03 -3.54 20.49
N THR M 31 39.86 -4.84 20.71
CA THR M 31 39.44 -5.82 19.69
C THR M 31 37.95 -6.14 19.88
N SER M 32 37.41 -5.87 21.05
CA SER M 32 35.99 -6.17 21.36
C SER M 32 35.49 -5.25 22.47
N ILE M 33 34.26 -4.76 22.36
CA ILE M 33 33.64 -3.91 23.41
C ILE M 33 32.16 -4.28 23.49
N LYS M 34 31.67 -4.43 24.71
CA LYS M 34 30.28 -4.86 25.02
C LYS M 34 29.65 -3.82 25.94
N PHE M 35 28.46 -3.36 25.60
CA PHE M 35 27.67 -2.40 26.40
C PHE M 35 26.40 -3.08 26.84
N ASN M 36 26.11 -3.01 28.14
CA ASN M 36 24.85 -3.51 28.75
C ASN M 36 24.03 -2.28 29.17
N TRP M 37 22.73 -2.29 28.89
CA TRP M 37 21.84 -1.18 29.28
C TRP M 37 20.43 -1.69 29.60
N SER M 38 19.62 -0.87 30.24
CA SER M 38 18.23 -1.22 30.64
C SER M 38 17.24 -0.26 29.99
N ASP M 39 16.05 -0.77 29.67
CA ASP M 39 14.85 0.06 29.37
C ASP M 39 14.31 0.62 30.68
N GLN M 40 14.46 -0.08 31.79
CA GLN M 40 13.91 0.40 33.09
C GLN M 40 14.53 1.75 33.47
N TYR M 41 15.85 1.88 33.42
CA TYR M 41 16.58 3.08 33.89
C TYR M 41 17.02 3.95 32.71
N LYS M 42 16.98 3.44 31.47
CA LYS M 42 17.45 4.19 30.27
C LYS M 42 18.91 4.62 30.50
N LEU M 43 19.74 3.76 31.11
CA LEU M 43 21.18 4.00 31.40
C LEU M 43 22.02 2.86 30.86
N LEU M 44 23.31 3.09 30.57
CA LEU M 44 24.32 2.02 30.51
C LEU M 44 24.62 1.57 31.94
N HIS M 45 24.77 0.26 32.16
CA HIS M 45 25.08 -0.31 33.49
C HIS M 45 26.47 -0.94 33.52
N HIS M 46 26.97 -1.46 32.39
CA HIS M 46 28.15 -2.35 32.38
C HIS M 46 28.84 -2.27 31.02
N ILE M 47 30.17 -2.29 31.04
CA ILE M 47 31.01 -2.31 29.82
C ILE M 47 32.09 -3.38 30.03
N GLU M 48 32.36 -4.18 28.99
CA GLU M 48 33.49 -5.12 28.94
C GLU M 48 34.31 -4.81 27.69
N VAL M 49 35.62 -4.92 27.81
CA VAL M 49 36.59 -4.63 26.73
C VAL M 49 37.58 -5.80 26.67
N LYS M 50 38.00 -6.21 25.48
CA LYS M 50 39.17 -7.07 25.24
C LYS M 50 40.14 -6.32 24.36
N PHE M 51 41.44 -6.55 24.54
CA PHE M 51 42.56 -5.99 23.74
C PHE M 51 43.18 -7.09 22.88
N ILE M 52 43.78 -6.73 21.74
CA ILE M 52 44.53 -7.67 20.86
C ILE M 52 45.59 -8.37 21.71
N ASN M 53 45.83 -9.66 21.46
CA ASN M 53 46.93 -10.46 22.09
C ASN M 53 46.74 -10.53 23.62
N ASN M 54 45.49 -10.60 24.10
CA ASN M 54 45.19 -10.59 25.55
C ASN M 54 43.80 -11.23 25.74
N ALA M 55 43.76 -12.38 26.40
CA ALA M 55 42.53 -13.19 26.58
C ALA M 55 41.71 -12.63 27.74
N ASN M 56 42.26 -11.70 28.54
CA ASN M 56 41.53 -11.14 29.71
C ASN M 56 40.36 -10.27 29.26
N ILE M 57 39.23 -10.38 29.96
CA ILE M 57 38.08 -9.47 29.84
C ILE M 57 38.17 -8.41 30.95
N TYR M 58 38.23 -7.14 30.59
CA TYR M 58 38.21 -5.98 31.51
C TYR M 58 36.78 -5.45 31.58
N ALA M 59 36.18 -5.52 32.75
CA ALA M 59 34.75 -5.24 32.99
C ALA M 59 34.59 -4.18 34.08
N THR M 60 33.56 -3.35 33.96
CA THR M 60 33.21 -2.35 34.99
C THR M 60 31.70 -2.20 35.00
N GLY M 61 31.13 -1.90 36.16
CA GLY M 61 29.68 -1.69 36.33
C GLY M 61 29.00 -2.99 36.75
N ASP M 62 27.69 -3.03 36.67
CA ASP M 62 26.82 -4.15 37.12
C ASP M 62 25.99 -4.58 35.91
N PRO M 63 26.15 -5.82 35.38
CA PRO M 63 25.48 -6.23 34.15
C PRO M 63 23.99 -6.57 34.35
N LYS M 64 23.21 -5.63 34.82
CA LYS M 64 21.81 -5.87 35.25
C LYS M 64 20.81 -5.45 34.17
N GLY M 65 21.26 -4.85 33.09
CA GLY M 65 20.38 -4.40 31.99
C GLY M 65 19.78 -5.58 31.23
N ASN M 66 18.67 -5.36 30.52
CA ASN M 66 17.95 -6.36 29.71
C ASN M 66 18.50 -6.41 28.26
N HIS M 67 19.46 -5.57 27.89
CA HIS M 67 20.04 -5.56 26.52
C HIS M 67 21.57 -5.53 26.60
N GLU M 68 22.24 -6.16 25.64
CA GLU M 68 23.69 -5.92 25.43
C GLU M 68 23.96 -5.88 23.93
N VAL M 69 25.02 -5.17 23.53
CA VAL M 69 25.54 -5.19 22.14
C VAL M 69 27.03 -5.38 22.22
N ILE M 70 27.57 -6.12 21.26
CA ILE M 70 29.04 -6.34 21.16
C ILE M 70 29.47 -5.81 19.81
N LEU M 71 30.56 -5.06 19.78
CA LEU M 71 31.26 -4.73 18.54
C LEU M 71 32.61 -5.42 18.56
N GLU M 72 32.89 -6.24 17.56
CA GLU M 72 34.25 -6.78 17.31
C GLU M 72 34.91 -5.89 16.27
N ILE M 73 36.18 -5.57 16.48
CA ILE M 73 36.94 -4.59 15.66
C ILE M 73 38.13 -5.31 15.06
N ASP M 74 38.20 -5.38 13.72
CA ASP M 74 39.35 -5.97 12.98
C ASP M 74 40.58 -5.13 13.34
N ASP M 75 41.79 -5.68 13.19
CA ASP M 75 43.06 -5.00 13.58
C ASP M 75 43.22 -3.68 12.82
N ASP M 76 42.81 -3.61 11.54
CA ASP M 76 42.98 -2.39 10.72
C ASP M 76 41.72 -1.49 10.78
N GLU M 77 40.75 -1.80 11.63
CA GLU M 77 39.42 -1.11 11.67
C GLU M 77 39.46 0.06 12.68
N THR M 78 39.08 1.25 12.24
CA THR M 78 39.06 2.49 13.09
C THR M 78 37.60 2.88 13.34
N ILE M 79 37.38 3.74 14.33
CA ILE M 79 36.09 4.42 14.58
C ILE M 79 36.06 5.70 13.76
N ILE M 80 35.07 5.86 12.86
CA ILE M 80 34.94 7.07 12.00
C ILE M 80 33.79 7.94 12.50
N GLY M 81 32.95 7.44 13.42
CA GLY M 81 31.86 8.23 14.00
C GLY M 81 31.53 7.72 15.37
N SER M 82 31.32 8.63 16.33
CA SER M 82 31.20 8.24 17.76
C SER M 82 30.36 9.27 18.50
N VAL M 83 29.25 8.82 19.09
CA VAL M 83 28.35 9.68 19.90
C VAL M 83 28.12 8.97 21.23
N ILE M 84 28.29 9.68 22.34
CA ILE M 84 27.90 9.19 23.68
C ILE M 84 26.75 10.06 24.17
N GLY M 85 25.65 9.42 24.53
CA GLY M 85 24.52 10.02 25.24
C GLY M 85 24.77 9.99 26.74
N TYR M 86 24.45 11.08 27.44
CA TYR M 86 24.64 11.17 28.91
C TYR M 86 23.65 12.14 29.53
N LYS M 87 23.48 11.99 30.85
CA LYS M 87 22.85 12.99 31.73
C LYS M 87 24.00 13.79 32.34
N LYS M 88 23.93 15.11 32.22
CA LYS M 88 25.01 16.04 32.66
C LYS M 88 24.86 16.32 34.16
N GLY M 89 25.88 16.94 34.75
CA GLY M 89 25.90 17.33 36.17
C GLY M 89 26.60 16.30 37.04
N ASN M 90 26.83 16.64 38.31
CA ASN M 90 27.61 15.79 39.27
C ASN M 90 26.96 14.42 39.42
N ASP M 91 25.63 14.38 39.44
CA ASP M 91 24.87 13.12 39.59
C ASP M 91 24.54 12.56 38.18
N GLY M 92 25.33 12.87 37.16
CA GLY M 92 25.13 12.39 35.79
C GLY M 92 25.43 10.91 35.60
N ARG M 93 25.15 10.41 34.39
CA ARG M 93 25.26 8.98 33.97
C ARG M 93 25.51 8.93 32.47
N CYS M 94 26.12 7.88 31.94
CA CYS M 94 26.07 7.58 30.49
C CYS M 94 24.81 6.79 30.18
N THR M 95 24.09 7.22 29.14
CA THR M 95 22.77 6.68 28.76
C THR M 95 22.91 5.87 27.46
N GLY M 96 23.92 6.15 26.62
CA GLY M 96 23.97 5.54 25.29
C GLY M 96 25.32 5.72 24.62
N VAL M 97 25.61 4.85 23.66
CA VAL M 97 26.81 4.98 22.78
C VAL M 97 26.42 4.50 21.38
N LYS M 98 26.85 5.25 20.38
CA LYS M 98 26.72 4.87 18.95
C LYS M 98 28.13 4.93 18.37
N LEU M 99 28.60 3.85 17.76
CA LEU M 99 29.91 3.80 17.06
C LEU M 99 29.69 3.36 15.62
N THR M 100 30.40 3.98 14.68
CA THR M 100 30.46 3.56 13.26
C THR M 100 31.94 3.36 12.90
N THR M 101 32.27 2.28 12.20
CA THR M 101 33.68 1.93 11.89
C THR M 101 34.02 2.20 10.42
N SER M 102 35.32 2.18 10.12
CA SER M 102 35.87 2.31 8.74
C SER M 102 35.41 1.14 7.86
N LYS M 103 34.84 0.06 8.42
CA LYS M 103 34.36 -1.08 7.59
C LYS M 103 32.83 -1.06 7.52
N GLY M 104 32.19 0.03 7.91
CA GLY M 104 30.73 0.18 7.78
C GLY M 104 29.97 -0.59 8.84
N LYS M 105 30.64 -1.06 9.89
CA LYS M 105 29.97 -1.70 11.04
C LYS M 105 29.45 -0.60 11.96
N SER M 106 28.33 -0.83 12.63
CA SER M 106 27.86 0.13 13.65
C SER M 106 27.15 -0.60 14.77
N ILE M 107 27.17 0.00 15.95
CA ILE M 107 26.36 -0.44 17.11
C ILE M 107 25.69 0.79 17.68
N MET M 108 24.54 0.54 18.30
CA MET M 108 23.77 1.56 19.03
C MET M 108 23.35 0.90 20.34
N ALA M 109 23.77 1.46 21.46
CA ALA M 109 23.36 0.96 22.79
C ALA M 109 22.66 2.09 23.53
N GLY M 110 21.51 1.80 24.12
CA GLY M 110 20.90 2.69 25.12
C GLY M 110 20.19 3.86 24.50
N TYR M 111 20.25 5.00 25.17
CA TYR M 111 19.32 6.15 24.98
C TYR M 111 20.11 7.44 24.81
N PHE M 112 19.51 8.40 24.12
CA PHE M 112 20.11 9.67 23.70
C PHE M 112 19.10 10.80 23.92
N GLU M 113 18.48 10.87 25.09
CA GLU M 113 17.33 11.77 25.33
C GLU M 113 17.79 13.10 25.96
N GLU M 114 19.01 13.22 26.47
CA GLU M 114 19.40 14.46 27.17
C GLU M 114 20.60 15.14 26.48
N SER M 115 21.81 14.73 26.80
CA SER M 115 23.03 15.42 26.32
C SER M 115 23.82 14.47 25.43
N LEU M 116 24.65 15.00 24.53
CA LEU M 116 25.41 14.20 23.54
C LEU M 116 26.80 14.78 23.41
N ILE M 117 27.79 13.93 23.19
CA ILE M 117 29.13 14.33 22.70
C ILE M 117 29.37 13.61 21.39
N THR M 118 29.84 14.34 20.38
CA THR M 118 30.45 13.76 19.17
C THR M 118 31.95 13.83 19.37
N THR M 119 32.59 12.69 19.51
CA THR M 119 33.97 12.59 20.04
C THR M 119 34.99 12.67 18.91
N TYR M 120 36.23 12.60 19.36
CA TYR M 120 37.35 12.35 18.44
C TYR M 120 37.17 10.95 17.87
N THR M 121 37.78 10.77 16.73
CA THR M 121 37.71 9.50 15.98
C THR M 121 39.13 8.99 15.80
N GLY M 122 39.29 7.77 15.30
CA GLY M 122 40.58 7.10 15.09
C GLY M 122 40.52 5.68 15.60
N LYS M 123 41.68 5.10 15.84
CA LYS M 123 41.84 3.70 16.31
C LYS M 123 41.56 3.68 17.82
N LEU M 124 40.51 2.96 18.24
CA LEU M 124 40.08 2.92 19.66
C LEU M 124 41.09 2.12 20.48
N ALA M 125 41.77 2.78 21.42
CA ALA M 125 42.87 2.18 22.22
C ALA M 125 42.37 1.82 23.61
N GLY M 126 41.41 2.54 24.17
CA GLY M 126 40.96 2.26 25.54
C GLY M 126 39.76 3.08 25.94
N ILE M 127 39.31 2.87 27.18
CA ILE M 127 38.21 3.64 27.80
C ILE M 127 38.61 3.99 29.24
N LYS M 128 37.97 5.02 29.77
CA LYS M 128 38.24 5.57 31.11
C LYS M 128 36.90 6.07 31.63
N GLY M 129 36.68 6.06 32.94
CA GLY M 129 35.48 6.69 33.51
C GLY M 129 35.25 6.26 34.93
N GLY M 130 33.98 6.19 35.31
CA GLY M 130 33.54 5.72 36.63
C GLY M 130 32.27 4.90 36.50
N ALA M 131 32.12 3.88 37.34
CA ALA M 131 31.01 2.92 37.29
C ALA M 131 30.73 2.35 38.68
N GLY M 132 29.45 2.14 38.99
CA GLY M 132 28.97 1.39 40.17
C GLY M 132 27.89 0.43 39.74
N SER M 133 26.64 0.73 40.09
CA SER M 133 25.43 0.07 39.55
C SER M 133 25.25 0.45 38.08
N ASP M 134 25.68 1.67 37.71
CA ASP M 134 25.53 2.28 36.38
C ASP M 134 26.91 2.66 35.86
N ILE M 135 26.99 3.04 34.58
CA ILE M 135 28.16 3.79 34.05
C ILE M 135 27.94 5.26 34.38
N ASP M 136 28.66 5.78 35.38
CA ASP M 136 28.54 7.18 35.82
C ASP M 136 29.10 8.09 34.74
N ARG M 137 30.24 7.73 34.17
CA ARG M 137 30.91 8.57 33.16
C ARG M 137 31.83 7.71 32.31
N LEU M 138 32.00 8.12 31.05
CA LEU M 138 32.78 7.38 30.04
C LEU M 138 33.52 8.37 29.13
N GLY M 139 34.79 8.09 28.90
CA GLY M 139 35.62 8.75 27.89
C GLY M 139 36.34 7.72 27.05
N LEU M 140 36.42 7.97 25.75
CA LEU M 140 37.12 7.07 24.81
C LEU M 140 38.56 7.54 24.73
N ILE M 141 39.45 6.62 24.35
CA ILE M 141 40.90 6.89 24.17
C ILE M 141 41.31 6.34 22.81
N PHE M 142 41.95 7.17 21.99
CA PHE M 142 42.37 6.83 20.60
C PHE M 142 43.90 6.90 20.50
N LEU M 143 44.51 6.20 19.54
CA LEU M 143 45.94 6.42 19.14
C LEU M 143 46.08 7.75 18.39
N LYS M 144 47.22 8.45 18.51
CA LYS M 144 47.48 9.75 17.81
C LYS M 144 47.63 9.58 16.30
N ASP N 5 47.79 -19.43 15.80
CA ASP N 5 46.45 -19.68 15.22
C ASP N 5 46.47 -19.31 13.73
N ASN N 6 45.73 -20.04 12.88
CA ASN N 6 45.37 -19.63 11.49
C ASN N 6 43.99 -18.92 11.50
N TYR N 7 43.37 -18.78 12.68
CA TYR N 7 41.92 -18.56 12.81
C TYR N 7 41.62 -17.41 13.78
N ILE N 8 40.56 -16.66 13.50
CA ILE N 8 39.98 -15.62 14.39
C ILE N 8 38.63 -16.16 14.88
N TYR N 9 38.46 -16.24 16.19
CA TYR N 9 37.25 -16.77 16.85
C TYR N 9 36.39 -15.57 17.25
N SER N 10 35.25 -15.43 16.61
CA SER N 10 34.21 -14.44 17.03
C SER N 10 33.58 -14.98 18.33
N THR N 11 33.08 -14.09 19.18
CA THR N 11 32.39 -14.47 20.44
C THR N 11 31.23 -15.41 20.14
N GLU N 12 31.12 -16.50 20.89
CA GLU N 12 29.91 -17.37 20.86
C GLU N 12 28.83 -16.64 21.64
N VAL N 13 27.71 -16.32 21.03
CA VAL N 13 26.65 -15.54 21.72
C VAL N 13 25.46 -16.46 21.91
N GLY N 14 24.71 -16.27 23.00
CA GLY N 14 23.54 -17.07 23.39
C GLY N 14 23.79 -17.73 24.75
N GLY N 15 23.18 -18.87 25.00
CA GLY N 15 23.21 -19.55 26.32
C GLY N 15 24.19 -20.72 26.37
N VAL N 16 24.23 -21.39 27.51
CA VAL N 16 25.22 -22.49 27.80
C VAL N 16 24.59 -23.85 27.45
N GLY N 17 23.33 -23.89 27.02
CA GLY N 17 22.57 -25.13 26.82
C GLY N 17 22.95 -25.87 25.54
N GLY N 18 22.25 -26.98 25.30
CA GLY N 18 22.38 -27.83 24.11
C GLY N 18 23.69 -28.60 24.09
N THR N 19 23.96 -29.28 22.99
CA THR N 19 25.16 -30.11 22.79
C THR N 19 26.19 -29.30 22.01
N PRO N 20 27.42 -29.15 22.50
CA PRO N 20 28.46 -28.41 21.78
C PRO N 20 28.72 -28.99 20.39
N PHE N 21 29.07 -28.12 19.44
CA PHE N 21 29.51 -28.50 18.07
C PHE N 21 30.66 -27.59 17.69
N THR N 22 31.58 -28.12 16.90
CA THR N 22 32.62 -27.34 16.18
C THR N 22 32.65 -27.89 14.76
N PHE N 23 32.35 -27.05 13.77
CA PHE N 23 32.44 -27.41 12.33
C PHE N 23 33.60 -26.59 11.76
N MET N 24 34.76 -27.22 11.58
CA MET N 24 35.96 -26.68 10.92
C MET N 24 36.66 -27.85 10.22
N GLN N 25 37.34 -27.58 9.11
CA GLN N 25 38.08 -28.59 8.31
C GLN N 25 39.40 -27.95 7.88
N GLU N 26 40.52 -28.59 8.22
CA GLU N 26 41.88 -28.15 7.86
C GLU N 26 41.93 -27.80 6.36
N SER N 27 42.54 -26.65 6.03
CA SER N 27 42.73 -26.10 4.66
C SER N 27 41.40 -25.85 3.96
N GLY N 28 40.26 -25.87 4.69
CA GLY N 28 38.90 -25.77 4.14
C GLY N 28 38.19 -24.52 4.60
N THR N 29 37.25 -24.01 3.80
CA THR N 29 36.37 -22.89 4.18
C THR N 29 34.94 -23.30 3.88
N ILE N 30 33.98 -22.60 4.48
CA ILE N 30 32.54 -22.91 4.29
C ILE N 30 32.14 -22.50 2.87
N THR N 31 31.56 -23.42 2.11
CA THR N 31 31.07 -23.20 0.73
C THR N 31 29.55 -23.00 0.77
N SER N 32 28.89 -23.47 1.83
CA SER N 32 27.42 -23.38 1.96
C SER N 32 27.04 -23.38 3.42
N ILE N 33 26.07 -22.54 3.80
CA ILE N 33 25.53 -22.51 5.19
C ILE N 33 24.02 -22.30 5.10
N LYS N 34 23.28 -23.08 5.88
CA LYS N 34 21.80 -23.08 5.92
C LYS N 34 21.36 -22.81 7.35
N PHE N 35 20.47 -21.85 7.53
CA PHE N 35 19.87 -21.52 8.84
C PHE N 35 18.38 -21.81 8.74
N ASN N 36 17.87 -22.58 9.69
CA ASN N 36 16.42 -22.86 9.87
C ASN N 36 15.94 -22.06 11.09
N TRP N 37 14.80 -21.40 10.98
CA TRP N 37 14.21 -20.63 12.11
C TRP N 37 12.69 -20.68 12.08
N SER N 38 12.05 -20.28 13.18
CA SER N 38 10.57 -20.29 13.32
C SER N 38 10.07 -18.86 13.59
N ASP N 39 8.90 -18.53 13.07
CA ASP N 39 8.10 -17.35 13.51
C ASP N 39 7.49 -17.69 14.88
N GLN N 40 7.17 -18.95 15.15
CA GLN N 40 6.52 -19.34 16.43
C GLN N 40 7.41 -18.95 17.61
N TYR N 41 8.69 -19.32 17.59
CA TYR N 41 9.63 -19.15 18.74
C TYR N 41 10.57 -17.96 18.50
N LYS N 42 10.63 -17.42 17.27
CA LYS N 42 11.52 -16.28 16.95
C LYS N 42 12.98 -16.70 17.31
N LEU N 43 13.36 -17.96 17.05
CA LEU N 43 14.70 -18.53 17.33
C LEU N 43 15.26 -19.17 16.05
N LEU N 44 16.59 -19.27 15.94
CA LEU N 44 17.22 -20.28 15.04
C LEU N 44 17.08 -21.66 15.70
N HIS N 45 16.79 -22.69 14.93
CA HIS N 45 16.62 -24.09 15.41
C HIS N 45 17.71 -25.02 14.90
N HIS N 46 18.25 -24.78 13.71
CA HIS N 46 19.08 -25.78 12.98
C HIS N 46 20.03 -25.07 12.01
N ILE N 47 21.24 -25.55 11.92
CA ILE N 47 22.30 -25.05 11.00
C ILE N 47 22.91 -26.24 10.28
N GLU N 48 23.13 -26.12 8.98
CA GLU N 48 23.93 -27.07 8.17
C GLU N 48 25.03 -26.29 7.46
N VAL N 49 26.20 -26.90 7.36
CA VAL N 49 27.40 -26.33 6.74
C VAL N 49 27.98 -27.38 5.78
N LYS N 50 28.47 -26.96 4.61
CA LYS N 50 29.37 -27.75 3.75
C LYS N 50 30.67 -26.98 3.59
N PHE N 51 31.77 -27.71 3.45
CA PHE N 51 33.13 -27.17 3.21
C PHE N 51 33.55 -27.49 1.77
N ILE N 52 34.45 -26.69 1.19
CA ILE N 52 35.05 -26.94 -0.15
C ILE N 52 35.67 -28.34 -0.12
N ASN N 53 35.57 -29.10 -1.22
CA ASN N 53 36.25 -30.42 -1.41
C ASN N 53 35.77 -31.44 -0.36
N ASN N 54 34.49 -31.39 0.02
CA ASN N 54 33.94 -32.28 1.08
C ASN N 54 32.43 -32.37 0.86
N ALA N 55 31.95 -33.56 0.53
CA ALA N 55 30.55 -33.82 0.16
C ALA N 55 29.71 -33.98 1.44
N ASN N 56 30.33 -34.08 2.61
CA ASN N 56 29.59 -34.28 3.90
C ASN N 56 28.81 -33.01 4.26
N ILE N 57 27.58 -33.19 4.75
CA ILE N 57 26.78 -32.10 5.38
C ILE N 57 26.97 -32.22 6.90
N TYR N 58 27.44 -31.15 7.53
CA TYR N 58 27.58 -31.01 8.99
C TYR N 58 26.35 -30.24 9.50
N ALA N 59 25.56 -30.87 10.33
CA ALA N 59 24.24 -30.39 10.81
C ALA N 59 24.20 -30.40 12.34
N THR N 60 23.49 -29.46 12.94
CA THR N 60 23.26 -29.40 14.40
C THR N 60 21.88 -28.78 14.61
N GLY N 61 21.22 -29.15 15.70
CA GLY N 61 19.90 -28.61 16.07
C GLY N 61 18.78 -29.45 15.52
N ASP N 62 17.56 -28.93 15.53
CA ASP N 62 16.33 -29.64 15.13
C ASP N 62 15.67 -28.80 14.05
N PRO N 63 15.54 -29.29 12.80
CA PRO N 63 15.03 -28.49 11.70
C PRO N 63 13.50 -28.31 11.72
N LYS N 64 12.97 -27.75 12.79
CA LYS N 64 11.51 -27.69 13.05
C LYS N 64 10.96 -26.30 12.69
N GLY N 65 11.80 -25.34 12.31
CA GLY N 65 11.33 -24.02 11.88
C GLY N 65 10.57 -24.06 10.57
N ASN N 66 9.75 -23.04 10.30
CA ASN N 66 8.93 -22.91 9.07
C ASN N 66 9.71 -22.16 7.98
N HIS N 67 10.94 -21.69 8.23
CA HIS N 67 11.75 -20.98 7.22
C HIS N 67 13.18 -21.56 7.19
N GLU N 68 13.81 -21.55 6.03
CA GLU N 68 15.27 -21.75 5.95
C GLU N 68 15.83 -20.79 4.89
N VAL N 69 17.10 -20.42 5.04
CA VAL N 69 17.85 -19.67 4.00
C VAL N 69 19.19 -20.37 3.84
N ILE N 70 19.64 -20.40 2.61
CA ILE N 70 20.96 -20.96 2.23
C ILE N 70 21.78 -19.82 1.64
N LEU N 71 23.02 -19.68 2.08
CA LEU N 71 24.02 -18.84 1.41
C LEU N 71 25.09 -19.77 0.83
N GLU N 72 25.30 -19.70 -0.47
CA GLU N 72 26.43 -20.34 -1.16
C GLU N 72 27.51 -19.28 -1.33
N ILE N 73 28.75 -19.66 -1.06
CA ILE N 73 29.92 -18.73 -0.97
C ILE N 73 30.94 -19.19 -2.01
N ASP N 74 31.24 -18.34 -3.00
CA ASP N 74 32.29 -18.63 -4.03
C ASP N 74 33.62 -18.75 -3.28
N ASP N 75 34.60 -19.41 -3.86
CA ASP N 75 35.92 -19.69 -3.20
C ASP N 75 36.61 -18.38 -2.79
N ASP N 76 36.51 -17.32 -3.60
CA ASP N 76 37.19 -16.02 -3.35
C ASP N 76 36.26 -15.07 -2.58
N GLU N 77 35.08 -15.50 -2.13
CA GLU N 77 34.05 -14.62 -1.53
C GLU N 77 34.21 -14.58 0.00
N THR N 78 34.30 -13.37 0.57
CA THR N 78 34.49 -13.16 2.03
C THR N 78 33.19 -12.57 2.61
N ILE N 79 33.06 -12.62 3.94
CA ILE N 79 31.99 -11.93 4.70
C ILE N 79 32.49 -10.53 5.04
N ILE N 80 31.78 -9.48 4.61
CA ILE N 80 32.16 -8.05 4.88
C ILE N 80 31.25 -7.46 5.95
N GLY N 81 30.17 -8.12 6.31
CA GLY N 81 29.23 -7.66 7.35
C GLY N 81 28.53 -8.83 7.97
N SER N 82 28.45 -8.86 9.28
CA SER N 82 27.91 -10.02 10.03
C SER N 82 27.28 -9.56 11.34
N VAL N 83 25.99 -9.83 11.51
CA VAL N 83 25.24 -9.53 12.76
C VAL N 83 24.57 -10.81 13.22
N ILE N 84 24.77 -11.17 14.50
CA ILE N 84 23.99 -12.26 15.14
C ILE N 84 23.10 -11.62 16.19
N GLY N 85 21.79 -11.89 16.09
CA GLY N 85 20.80 -11.61 17.15
C GLY N 85 20.74 -12.75 18.13
N TYR N 86 20.65 -12.43 19.42
CA TYR N 86 20.58 -13.46 20.48
C TYR N 86 19.86 -12.93 21.71
N LYS N 87 19.41 -13.87 22.53
CA LYS N 87 18.99 -13.64 23.93
C LYS N 87 20.20 -13.98 24.80
N LYS N 88 20.60 -13.06 25.68
CA LYS N 88 21.80 -13.18 26.52
C LYS N 88 21.48 -13.99 27.77
N GLY N 89 22.53 -14.40 28.49
CA GLY N 89 22.47 -15.12 29.78
C GLY N 89 22.60 -16.61 29.57
N ASN N 90 22.67 -17.36 30.67
CA ASN N 90 22.88 -18.83 30.70
C ASN N 90 21.78 -19.54 29.90
N ASP N 91 20.53 -19.05 30.02
CA ASP N 91 19.39 -19.66 29.29
C ASP N 91 19.18 -18.97 27.93
N GLY N 92 20.23 -18.36 27.38
CA GLY N 92 20.15 -17.65 26.08
C GLY N 92 19.97 -18.55 24.87
N ARG N 93 19.74 -17.92 23.72
CA ARG N 93 19.48 -18.59 22.43
C ARG N 93 19.91 -17.67 21.29
N CYS N 94 20.23 -18.23 20.14
CA CYS N 94 20.53 -17.45 18.93
C CYS N 94 19.19 -17.21 18.24
N THR N 95 18.88 -15.96 17.88
CA THR N 95 17.56 -15.61 17.32
C THR N 95 17.63 -15.18 15.85
N GLY N 96 18.81 -14.81 15.37
CA GLY N 96 18.93 -14.30 13.99
C GLY N 96 20.37 -14.21 13.54
N VAL N 97 20.55 -14.24 12.22
CA VAL N 97 21.88 -14.00 11.59
C VAL N 97 21.64 -13.22 10.29
N LYS N 98 22.45 -12.19 10.08
CA LYS N 98 22.50 -11.42 8.82
C LYS N 98 23.97 -11.49 8.36
N LEU N 99 24.19 -11.93 7.13
CA LEU N 99 25.54 -11.94 6.51
C LEU N 99 25.48 -11.16 5.20
N THR N 100 26.51 -10.36 4.91
CA THR N 100 26.72 -9.67 3.63
C THR N 100 28.10 -10.05 3.12
N THR N 101 28.24 -10.37 1.83
CA THR N 101 29.52 -10.85 1.25
C THR N 101 30.21 -9.77 0.41
N SER N 102 31.47 -10.01 0.06
CA SER N 102 32.30 -9.18 -0.85
C SER N 102 31.69 -9.15 -2.25
N LYS N 103 30.72 -10.01 -2.60
CA LYS N 103 30.08 -10.00 -3.93
C LYS N 103 28.68 -9.42 -3.85
N GLY N 104 28.32 -8.79 -2.73
CA GLY N 104 27.00 -8.12 -2.58
C GLY N 104 25.87 -9.10 -2.36
N LYS N 105 26.17 -10.36 -2.03
CA LYS N 105 25.13 -11.34 -1.63
C LYS N 105 24.80 -11.08 -0.15
N SER N 106 23.56 -11.32 0.25
CA SER N 106 23.21 -11.26 1.68
C SER N 106 22.11 -12.25 2.01
N ILE N 107 22.07 -12.66 3.27
CA ILE N 107 20.97 -13.45 3.84
C ILE N 107 20.60 -12.80 5.16
N MET N 108 19.34 -12.98 5.50
CA MET N 108 18.76 -12.57 6.79
C MET N 108 17.92 -13.74 7.26
N ALA N 109 18.25 -14.30 8.41
CA ALA N 109 17.47 -15.37 9.04
C ALA N 109 17.01 -14.87 10.41
N GLY N 110 15.72 -15.04 10.68
CA GLY N 110 15.21 -14.94 12.06
C GLY N 110 15.08 -13.48 12.54
N TYR N 111 15.35 -13.24 13.81
CA TYR N 111 14.87 -12.06 14.57
C TYR N 111 16.02 -11.41 15.35
N PHE N 112 15.90 -10.12 15.62
CA PHE N 112 16.98 -9.27 16.17
C PHE N 112 16.45 -8.36 17.29
N GLU N 113 15.66 -8.89 18.21
CA GLU N 113 14.83 -8.06 19.12
C GLU N 113 15.50 -7.84 20.47
N GLU N 114 16.58 -8.53 20.82
CA GLU N 114 17.16 -8.34 22.17
C GLU N 114 18.61 -7.85 22.09
N SER N 115 19.56 -8.76 21.91
CA SER N 115 21.00 -8.43 21.92
C SER N 115 21.56 -8.70 20.52
N LEU N 116 22.66 -8.03 20.18
CA LEU N 116 23.28 -8.11 18.83
C LEU N 116 24.78 -8.16 19.01
N ILE N 117 25.46 -8.89 18.15
CA ILE N 117 26.93 -8.77 17.95
C ILE N 117 27.16 -8.41 16.48
N THR N 118 28.02 -7.42 16.25
CA THR N 118 28.61 -7.15 14.92
C THR N 118 29.99 -7.76 14.97
N THR N 119 30.23 -8.82 14.21
CA THR N 119 31.39 -9.70 14.39
C THR N 119 32.58 -9.20 13.55
N TYR N 120 33.66 -9.96 13.70
CA TYR N 120 34.86 -9.86 12.86
C TYR N 120 34.42 -10.30 11.47
N THR N 121 35.12 -9.80 10.49
CA THR N 121 34.84 -10.08 9.07
C THR N 121 36.02 -10.85 8.49
N GLY N 122 35.86 -11.35 7.27
CA GLY N 122 36.90 -12.09 6.55
C GLY N 122 36.33 -13.33 5.92
N LYS N 123 37.22 -14.28 5.60
CA LYS N 123 36.85 -15.55 4.93
C LYS N 123 36.27 -16.50 5.99
N LEU N 124 35.01 -16.89 5.85
CA LEU N 124 34.33 -17.75 6.85
C LEU N 124 34.88 -19.17 6.76
N ALA N 125 35.54 -19.63 7.83
CA ALA N 125 36.24 -20.95 7.87
C ALA N 125 35.39 -21.97 8.62
N GLY N 126 34.61 -21.55 9.61
CA GLY N 126 33.85 -22.51 10.42
C GLY N 126 32.88 -21.85 11.37
N ILE N 127 32.14 -22.68 12.09
CA ILE N 127 31.23 -22.23 13.18
C ILE N 127 31.40 -23.15 14.38
N LYS N 128 30.99 -22.66 15.54
CA LYS N 128 31.11 -23.36 16.83
C LYS N 128 29.89 -22.92 17.65
N GLY N 129 29.42 -23.76 18.56
CA GLY N 129 28.39 -23.33 19.49
C GLY N 129 27.76 -24.50 20.20
N GLY N 130 26.47 -24.37 20.52
CA GLY N 130 25.67 -25.42 21.14
C GLY N 130 24.27 -25.40 20.59
N ALA N 131 23.65 -26.58 20.49
CA ALA N 131 22.34 -26.75 19.84
C ALA N 131 21.63 -27.98 20.42
N GLY N 132 20.31 -27.86 20.61
CA GLY N 132 19.40 -28.96 20.96
C GLY N 132 18.17 -28.88 20.10
N SER N 133 17.02 -28.48 20.65
CA SER N 133 15.81 -28.08 19.91
C SER N 133 16.07 -26.76 19.17
N ASP N 134 16.92 -25.92 19.75
CA ASP N 134 17.23 -24.56 19.24
C ASP N 134 18.74 -24.45 19.03
N ILE N 135 19.18 -23.36 18.40
CA ILE N 135 20.61 -22.94 18.46
C ILE N 135 20.76 -22.15 19.77
N ASP N 136 21.41 -22.78 20.76
CA ASP N 136 21.64 -22.17 22.08
C ASP N 136 22.64 -21.04 21.91
N ARG N 137 23.72 -21.27 21.16
CA ARG N 137 24.80 -20.29 21.01
C ARG N 137 25.56 -20.56 19.70
N LEU N 138 26.09 -19.49 19.13
CA LEU N 138 26.79 -19.52 17.83
C LEU N 138 27.97 -18.55 17.86
N GLY N 139 29.13 -19.03 17.40
CA GLY N 139 30.32 -18.20 17.10
C GLY N 139 30.84 -18.51 15.72
N LEU N 140 31.22 -17.49 14.98
CA LEU N 140 31.78 -17.63 13.63
C LEU N 140 33.30 -17.75 13.77
N ILE N 141 33.93 -18.37 12.78
CA ILE N 141 35.40 -18.57 12.75
C ILE N 141 35.89 -18.14 11.38
N PHE N 142 36.89 -17.26 11.33
CA PHE N 142 37.45 -16.66 10.08
C PHE N 142 38.92 -17.05 9.95
N LEU N 143 39.45 -17.07 8.72
CA LEU N 143 40.94 -17.13 8.45
C LEU N 143 41.60 -15.81 8.86
N LYS N 144 42.85 -15.84 9.35
CA LYS N 144 43.62 -14.63 9.77
C LYS N 144 43.99 -13.72 8.58
C1 MAN O . -3.49 35.24 -3.00
C2 MAN O . -3.99 35.57 -1.62
C3 MAN O . -4.11 34.27 -0.80
C4 MAN O . -4.98 33.30 -1.51
C5 MAN O . -4.20 32.94 -2.76
C6 MAN O . -4.97 31.97 -3.63
O1 MAN O . -2.19 34.90 -2.91
O2 MAN O . -5.17 36.26 -1.80
O3 MAN O . -4.67 34.51 0.37
O4 MAN O . -5.23 32.16 -0.70
O5 MAN O . -4.06 34.10 -3.53
O6 MAN O . -6.29 32.35 -3.70
C1 MAN O . -5.63 36.98 -0.69
C2 MAN O . -6.63 37.97 -1.09
C3 MAN O . -6.00 39.02 -1.94
C4 MAN O . -4.94 39.65 -1.16
C5 MAN O . -4.01 38.60 -0.65
C6 MAN O . -3.09 39.19 0.39
O2 MAN O . -7.11 38.57 0.01
O3 MAN O . -7.00 40.01 -2.20
O4 MAN O . -4.24 40.51 -2.01
O5 MAN O . -4.65 37.64 0.07
O6 MAN O . -1.76 39.01 -0.06
C1 MAN O . -8.45 38.29 0.13
C2 MAN O . -9.02 39.03 1.29
C3 MAN O . -8.72 38.34 2.60
C4 MAN O . -9.04 36.86 2.54
C5 MAN O . -8.31 36.26 1.37
C6 MAN O . -8.68 34.80 1.21
O2 MAN O . -10.37 39.07 1.13
O3 MAN O . -9.48 38.95 3.62
O4 MAN O . -8.55 36.31 3.69
O5 MAN O . -8.70 36.91 0.21
O6 MAN O . -10.03 34.60 1.03
C1 MAN O . -10.81 40.35 1.03
C2 MAN O . -12.28 40.29 1.20
C3 MAN O . -13.08 40.17 -0.12
C4 MAN O . -12.40 40.71 -1.28
C5 MAN O . -11.05 40.22 -1.26
C6 MAN O . -10.45 40.57 -2.60
O2 MAN O . -12.65 41.43 1.91
O3 MAN O . -14.30 40.87 -0.08
O4 MAN O . -13.04 40.16 -2.41
O5 MAN O . -10.43 40.97 -0.23
O6 MAN O . -10.44 42.00 -2.67
C1 MAN P . 11.37 16.24 22.42
C2 MAN P . 11.09 17.12 23.59
C3 MAN P . 12.39 17.46 24.21
C4 MAN P . 13.05 16.19 24.54
C5 MAN P . 13.34 15.55 23.28
C6 MAN P . 14.39 14.46 23.45
O1 MAN P . 12.03 17.04 21.53
O2 MAN P . 10.31 16.43 24.45
O3 MAN P . 12.15 18.08 25.39
O4 MAN P . 14.21 16.46 25.16
O5 MAN P . 12.11 15.12 22.77
O6 MAN P . 14.09 13.62 24.55
C1 MAN P . 9.43 17.35 25.00
C2 MAN P . 8.94 16.80 26.29
C3 MAN P . 8.16 15.49 25.96
C4 MAN P . 7.05 15.77 25.00
C5 MAN P . 7.61 16.44 23.76
C6 MAN P . 6.48 16.82 22.83
O2 MAN P . 8.15 17.78 26.91
O3 MAN P . 7.67 14.90 27.08
O4 MAN P . 6.42 14.56 24.63
O5 MAN P . 8.35 17.60 24.10
O6 MAN P . 5.65 17.69 23.49
C1 MAN P . 7.98 17.66 28.27
C2 MAN P . 7.07 18.77 28.77
C3 MAN P . 7.76 20.12 28.70
C4 MAN P . 9.11 19.99 29.32
C5 MAN P . 9.81 18.94 28.59
C6 MAN P . 11.30 19.01 28.96
O2 MAN P . 6.72 18.47 30.03
O3 MAN P . 7.07 21.13 29.35
O4 MAN P . 9.80 21.17 29.12
O5 MAN P . 9.18 17.72 28.88
O6 MAN P . 11.62 18.00 29.85
C1 MAN P . 5.41 18.80 30.26
C2 MAN P . 5.12 18.53 31.71
C3 MAN P . 5.11 17.09 31.98
C4 MAN P . 4.14 16.41 31.09
C5 MAN P . 4.49 16.72 29.65
C6 MAN P . 3.51 16.03 28.69
O2 MAN P . 3.87 19.05 31.99
O3 MAN P . 4.69 16.90 33.26
O4 MAN P . 4.24 15.07 31.32
O5 MAN P . 4.48 18.11 29.47
O6 MAN P . 2.25 16.55 28.84
C1 MAN Q . -6.34 -42.70 -20.76
C2 MAN Q . -7.08 -43.95 -21.25
C3 MAN Q . -6.32 -44.58 -22.35
C4 MAN Q . -6.24 -43.54 -23.39
C5 MAN Q . -5.37 -42.46 -22.82
C6 MAN Q . -5.02 -41.48 -23.94
O1 MAN Q . -5.17 -43.09 -20.12
O2 MAN Q . -8.36 -43.62 -21.75
O3 MAN Q . -7.01 -45.75 -22.82
O4 MAN Q . -5.58 -44.09 -24.48
O5 MAN Q . -6.05 -41.80 -21.81
O6 MAN Q . -4.63 -40.23 -23.39
C1 MAN Q . -9.31 -44.46 -21.14
C2 MAN Q . -10.63 -44.35 -21.87
C3 MAN Q . -11.11 -42.91 -21.76
C4 MAN Q . -11.06 -42.41 -20.32
C5 MAN Q . -9.72 -42.70 -19.70
C6 MAN Q . -9.73 -42.33 -18.23
O2 MAN Q . -11.54 -45.29 -21.31
O3 MAN Q . -12.41 -42.82 -22.25
O4 MAN Q . -11.30 -41.02 -20.27
O5 MAN Q . -9.50 -44.07 -19.79
O6 MAN Q . -10.85 -42.89 -17.62
C1 MAN Q . -12.65 -45.57 -22.06
C2 MAN Q . -13.46 -46.65 -21.33
C3 MAN Q . -12.68 -47.91 -21.28
C4 MAN Q . -12.33 -48.28 -22.70
C5 MAN Q . -11.42 -47.22 -23.22
C6 MAN Q . -10.86 -47.67 -24.58
O2 MAN Q . -14.67 -46.95 -21.94
O3 MAN Q . -13.47 -48.90 -20.66
O4 MAN Q . -11.61 -49.50 -22.71
O5 MAN Q . -12.13 -46.00 -23.28
O6 MAN Q . -11.07 -46.70 -25.60
C1 MAN Q . -15.83 -46.77 -21.16
C2 MAN Q . -17.03 -47.00 -22.04
C3 MAN Q . -17.40 -45.79 -22.86
C4 MAN Q . -17.41 -44.57 -22.01
C5 MAN Q . -16.10 -44.43 -21.37
C6 MAN Q . -16.06 -43.20 -20.50
O2 MAN Q . -18.10 -47.35 -21.28
O3 MAN Q . -18.65 -45.95 -23.46
O4 MAN Q . -17.60 -43.51 -22.84
O5 MAN Q . -15.88 -45.50 -20.54
O6 MAN Q . -16.78 -43.31 -19.35
C1 MAN R . -15.41 -15.64 -40.98
C2 MAN R . -16.50 -14.60 -41.16
C3 MAN R . -16.60 -13.69 -39.91
C4 MAN R . -16.83 -14.47 -38.56
C5 MAN R . -15.94 -15.69 -38.47
C6 MAN R . -16.49 -16.57 -37.30
O1 MAN R . -14.04 -15.13 -40.87
O2 MAN R . -17.79 -15.36 -41.33
O3 MAN R . -17.81 -12.87 -40.09
O4 MAN R . -16.58 -13.67 -37.38
O5 MAN R . -15.87 -16.40 -39.77
O6 MAN R . -17.89 -16.96 -37.49
C1 MAN R . -18.97 -14.65 -41.84
C2 MAN R . -20.13 -15.55 -42.26
C3 MAN R . -19.67 -16.45 -43.43
C4 MAN R . -19.28 -15.60 -44.58
C5 MAN R . -18.08 -14.83 -44.10
C6 MAN R . -17.48 -13.98 -45.22
O2 MAN R . -21.26 -14.75 -42.70
O3 MAN R . -20.70 -17.25 -43.93
O4 MAN R . -18.99 -16.43 -45.69
O5 MAN R . -18.52 -13.94 -42.99
O6 MAN R . -16.18 -14.50 -45.40
C1 MAN R . -22.58 -15.27 -42.20
C2 MAN R . -23.78 -14.58 -42.79
C3 MAN R . -23.75 -13.09 -42.35
C4 MAN R . -23.61 -12.90 -40.79
C5 MAN R . -22.43 -13.62 -40.36
C6 MAN R . -22.26 -13.56 -38.79
O2 MAN R . -25.01 -15.28 -42.46
O3 MAN R . -24.91 -12.39 -42.79
O4 MAN R . -23.45 -11.49 -40.48
O5 MAN R . -22.60 -15.05 -40.77
O6 MAN R . -23.38 -14.19 -38.19
C1 MAN S . -12.45 18.66 -32.77
C2 MAN S . -13.16 19.91 -32.21
C3 MAN S . -13.31 19.78 -30.75
C4 MAN S . -14.04 18.51 -30.45
C5 MAN S . -13.18 17.34 -30.92
C6 MAN S . -13.87 16.02 -30.66
O1 MAN S . -11.14 18.65 -32.38
O2 MAN S . -14.42 20.09 -32.86
O3 MAN S . -13.99 20.84 -30.30
O4 MAN S . -14.22 18.40 -29.11
O5 MAN S . -12.94 17.42 -32.28
O6 MAN S . -15.16 16.05 -31.07
C1 MAN S . -15.22 21.31 -32.67
C2 MAN S . -16.53 21.17 -33.49
C3 MAN S . -16.15 21.02 -34.92
C4 MAN S . -15.31 22.20 -35.31
C5 MAN S . -14.16 22.32 -34.38
C6 MAN S . -13.22 23.38 -34.88
O2 MAN S . -17.34 22.23 -33.33
O3 MAN S . -17.24 21.01 -35.69
O4 MAN S . -14.80 21.98 -36.60
O5 MAN S . -14.63 22.54 -33.07
O6 MAN S . -12.54 24.00 -33.80
C1 MAN S . -18.74 21.82 -33.19
C2 MAN S . -19.75 22.96 -33.05
C3 MAN S . -19.63 23.62 -31.70
C4 MAN S . -19.70 22.60 -30.59
C5 MAN S . -18.74 21.47 -30.86
C6 MAN S . -18.91 20.35 -29.82
O2 MAN S . -20.99 22.37 -33.11
O3 MAN S . -20.64 24.59 -31.47
O4 MAN S . -19.43 23.25 -29.41
O5 MAN S . -18.98 20.94 -32.13
O6 MAN S . -20.21 19.86 -29.73
C1 MAN S . -21.93 22.86 -34.02
C2 MAN S . -23.14 21.93 -34.17
C3 MAN S . -22.79 20.65 -34.96
C4 MAN S . -22.13 20.97 -36.20
C5 MAN S . -20.97 21.88 -35.89
C6 MAN S . -20.29 22.38 -37.17
O2 MAN S . -24.03 22.66 -34.86
O3 MAN S . -23.89 19.86 -35.28
O4 MAN S . -21.68 19.73 -36.73
O5 MAN S . -21.40 23.05 -35.31
O6 MAN S . -20.78 21.76 -38.32
C1 MAN T . 3.19 -45.00 12.22
C2 MAN T . 2.05 -45.83 11.77
C3 MAN T . 1.16 -44.95 10.87
C4 MAN T . 0.74 -43.62 11.59
C5 MAN T . 1.98 -42.96 12.13
C6 MAN T . 1.61 -41.69 12.91
O1 MAN T . 3.85 -44.51 11.11
O2 MAN T . 1.39 -46.23 12.92
O3 MAN T . 0.04 -45.68 10.47
O4 MAN T . 0.06 -42.74 10.73
O5 MAN T . 2.64 -43.90 12.94
O6 MAN T . 0.55 -41.91 13.81
C1 MAN T . 0.51 -47.36 12.80
C2 MAN T . -0.07 -47.70 14.14
C3 MAN T . 0.97 -48.33 15.08
C4 MAN T . 2.00 -49.21 14.39
C5 MAN T . 2.34 -48.68 13.06
C6 MAN T . 3.33 -49.60 12.38
O2 MAN T . -1.17 -48.58 13.98
O3 MAN T . 0.31 -49.08 16.10
O4 MAN T . 3.20 -49.17 15.18
O5 MAN T . 1.15 -48.47 12.34
O6 MAN T . 2.64 -50.47 11.50
C1 MAN T . -2.10 -48.29 14.99
C2 MAN T . -3.15 -49.39 15.02
C3 MAN T . -4.02 -49.35 13.78
C4 MAN T . -4.48 -47.95 13.49
C5 MAN T . -3.27 -47.03 13.47
C6 MAN T . -3.65 -45.60 13.15
O2 MAN T . -3.98 -49.33 16.18
O3 MAN T . -5.14 -50.16 13.94
O4 MAN T . -5.04 -48.00 12.22
O5 MAN T . -2.68 -47.03 14.71
O6 MAN T . -4.83 -45.23 13.79
C1 MAN U . 13.30 -15.65 30.61
C2 MAN U . 13.65 -16.80 31.50
C3 MAN U . 14.58 -17.61 30.68
C4 MAN U . 13.74 -18.10 29.53
C5 MAN U . 13.27 -16.95 28.72
C6 MAN U . 12.24 -17.45 27.71
O1 MAN U . 14.47 -15.05 30.10
O2 MAN U . 12.46 -17.55 31.76
O3 MAN U . 15.12 -18.66 31.46
O4 MAN U . 14.45 -18.79 28.67
O5 MAN U . 12.55 -16.12 29.55
O6 MAN U . 12.78 -17.25 26.40
C1 MAN U . 11.56 -17.01 32.72
C2 MAN U . 10.77 -18.14 33.27
C3 MAN U . 9.82 -18.58 32.20
C4 MAN U . 9.00 -17.42 31.73
C5 MAN U . 9.99 -16.51 31.14
C6 MAN U . 9.24 -15.40 30.45
O2 MAN U . 10.12 -17.64 34.38
O3 MAN U . 9.01 -19.63 32.68
O4 MAN U . 8.07 -17.78 30.71
O5 MAN U . 10.68 -16.03 32.20
O6 MAN U . 8.43 -14.71 31.39
C1 MAN U . 9.51 -18.62 35.12
C2 MAN U . 9.15 -18.00 36.39
C3 MAN U . 10.39 -17.60 37.15
C4 MAN U . 11.40 -18.74 37.18
C5 MAN U . 11.61 -19.28 35.82
C6 MAN U . 12.46 -20.53 35.90
O2 MAN U . 8.39 -18.94 37.09
O3 MAN U . 10.05 -17.26 38.48
O4 MAN U . 12.64 -18.29 37.67
O5 MAN U . 10.36 -19.71 35.36
O6 MAN U . 12.04 -21.33 37.00
C1 MAN U . 7.20 -18.37 37.56
C2 MAN U . 6.58 -19.38 38.48
C3 MAN U . 6.10 -20.62 37.74
C4 MAN U . 5.25 -20.21 36.61
C5 MAN U . 6.04 -19.24 35.76
C6 MAN U . 5.19 -18.74 34.63
O2 MAN U . 5.56 -18.79 39.19
O3 MAN U . 5.37 -21.47 38.62
O4 MAN U . 4.92 -21.31 35.86
O5 MAN U . 6.35 -18.12 36.49
O6 MAN U . 4.12 -17.98 35.08
C1 MAN V . -12.30 -7.90 -29.50
C2 MAN V . -12.45 -7.11 -30.86
C3 MAN V . -13.91 -6.75 -31.30
C4 MAN V . -14.76 -7.99 -31.36
C5 MAN V . -14.68 -8.41 -29.85
C6 MAN V . -15.56 -9.57 -29.51
O1 MAN V . -12.28 -7.09 -28.29
O2 MAN V . -11.94 -8.02 -31.83
O3 MAN V . -13.89 -6.10 -32.54
O4 MAN V . -16.11 -7.69 -31.82
O5 MAN V . -13.33 -8.86 -29.42
O6 MAN V . -15.68 -9.55 -28.08
C1 MAN V . -11.10 -7.48 -32.83
C2 MAN V . -10.18 -8.64 -33.15
C3 MAN V . -9.24 -8.85 -31.88
C4 MAN V . -8.36 -7.59 -31.60
C5 MAN V . -9.35 -6.43 -31.32
C6 MAN V . -8.64 -5.13 -31.07
O2 MAN V . -9.51 -8.25 -34.36
O3 MAN V . -8.45 -10.00 -32.00
O4 MAN V . -7.47 -7.80 -30.43
O5 MAN V . -10.27 -6.28 -32.47
O6 MAN V . -7.80 -4.93 -32.19
C1 MAN V . -8.84 -9.31 -35.06
C2 MAN V . -8.53 -8.84 -36.43
C3 MAN V . -9.83 -8.66 -37.24
C4 MAN V . -10.72 -9.94 -37.18
C5 MAN V . -10.95 -10.34 -35.75
C6 MAN V . -11.70 -11.69 -35.58
O2 MAN V . -7.65 -9.80 -37.11
O3 MAN V . -9.46 -8.38 -38.61
O4 MAN V . -11.98 -9.67 -37.84
O5 MAN V . -9.65 -10.52 -35.13
O6 MAN V . -12.16 -11.84 -34.20
C1 MAN V . -6.42 -9.25 -37.77
C2 MAN V . -5.69 -10.36 -38.48
C3 MAN V . -5.24 -11.43 -37.45
C4 MAN V . -4.35 -10.78 -36.34
C5 MAN V . -5.23 -9.73 -35.61
C6 MAN V . -4.51 -9.03 -34.45
O2 MAN V . -4.51 -9.87 -39.19
O3 MAN V . -4.43 -12.36 -38.11
O4 MAN V . -3.77 -11.79 -35.49
O5 MAN V . -5.63 -8.73 -36.65
O6 MAN V . -3.29 -8.42 -34.89
C1 MAN W . -4.86 -28.85 -7.29
C2 MAN W . -4.61 -30.30 -7.12
C3 MAN W . -5.52 -30.80 -6.07
C4 MAN W . -5.18 -30.09 -4.82
C5 MAN W . -5.41 -28.62 -5.03
C6 MAN W . -4.98 -27.82 -3.79
O1 MAN W . -6.19 -28.57 -7.55
O2 MAN W . -3.34 -30.42 -6.69
O3 MAN W . -5.31 -32.13 -5.86
O4 MAN W . -6.01 -30.58 -3.85
O5 MAN W . -4.65 -28.20 -6.11
O6 MAN W . -4.01 -26.77 -4.01
C1 MAN W . -2.58 -30.82 -7.79
C2 MAN W . -1.40 -31.57 -7.32
C3 MAN W . -0.51 -30.59 -6.54
C4 MAN W . -0.14 -29.42 -7.40
C5 MAN W . -1.39 -28.74 -7.85
C6 MAN W . -1.02 -27.62 -8.82
O2 MAN W . -0.77 -32.10 -8.44
O3 MAN W . 0.61 -31.23 -6.14
O4 MAN W . 0.64 -28.53 -6.68
O5 MAN W . -2.16 -29.68 -8.53
O6 MAN W . -0.22 -28.10 -9.84
C1 MAN W . 0.03 -33.21 -8.23
C2 MAN W . 0.51 -33.66 -9.54
C3 MAN W . -0.63 -34.24 -10.35
C4 MAN W . -1.28 -35.31 -9.58
C5 MAN W . -1.75 -34.73 -8.29
C6 MAN W . -2.32 -35.86 -7.47
O2 MAN W . 1.51 -34.59 -9.35
O3 MAN W . -0.21 -34.80 -11.52
O4 MAN W . -2.35 -35.79 -10.33
O5 MAN W . -0.64 -34.22 -7.58
O6 MAN W . -2.55 -35.40 -6.15
C1 MAN W . 2.55 -34.40 -10.26
C2 MAN W . 3.56 -35.48 -10.10
C3 MAN W . 4.30 -35.37 -8.81
C4 MAN W . 4.86 -33.97 -8.62
C5 MAN W . 3.76 -32.97 -8.81
C6 MAN W . 4.31 -31.51 -8.64
O2 MAN W . 4.46 -35.42 -11.11
O3 MAN W . 5.31 -36.27 -8.77
O4 MAN W . 5.35 -33.86 -7.31
O5 MAN W . 3.19 -33.16 -10.07
O6 MAN W . 5.11 -31.22 -9.73
C1 MAN X . 11.24 33.83 32.14
C2 MAN X . 11.94 35.12 32.64
C3 MAN X . 11.00 36.08 33.20
C4 MAN X . 9.99 36.35 32.13
C5 MAN X . 9.31 35.04 31.75
C6 MAN X . 8.24 35.32 30.71
O1 MAN X . 10.50 33.10 33.08
O2 MAN X . 12.50 35.74 31.55
O3 MAN X . 11.67 37.31 33.49
O4 MAN X . 9.05 37.28 32.59
O5 MAN X . 10.29 34.16 31.24
O6 MAN X . 8.10 34.22 29.80
C1 MAN X . 13.82 35.93 31.86
C2 MAN X . 14.35 37.04 31.01
C3 MAN X . 14.29 36.59 29.53
C4 MAN X . 14.90 35.20 29.33
C5 MAN X . 14.27 34.25 30.25
C6 MAN X . 15.08 33.00 30.03
O2 MAN X . 15.64 37.33 31.50
O3 MAN X . 14.97 37.48 28.73
O4 MAN X . 14.74 34.69 28.04
O5 MAN X . 14.47 34.71 31.58
O6 MAN X . 16.36 33.30 30.40
C1 MAN X . 16.20 38.56 31.19
C2 MAN X . 17.56 38.61 31.73
C3 MAN X . 17.50 38.52 33.23
C4 MAN X . 16.67 39.65 33.71
C5 MAN X . 15.34 39.42 33.17
C6 MAN X . 14.35 40.38 33.83
O2 MAN X . 18.14 39.82 31.35
O3 MAN X . 18.78 38.66 33.83
O4 MAN X . 16.64 39.60 35.10
O5 MAN X . 15.43 39.56 31.79
O6 MAN X . 13.89 41.37 32.90
C1 MAN X . 19.51 39.53 30.88
C2 MAN X . 20.18 40.75 30.31
C3 MAN X . 19.64 41.05 28.94
C4 MAN X . 19.80 39.88 28.04
C5 MAN X . 19.11 38.74 28.68
C6 MAN X . 19.28 37.52 27.80
O2 MAN X . 21.53 40.46 30.13
O3 MAN X . 20.30 42.12 28.36
O4 MAN X . 19.17 40.24 26.84
O5 MAN X . 19.62 38.46 29.94
O6 MAN X . 20.58 37.11 27.76
C1 MAN Y . -3.13 43.64 3.11
C2 MAN Y . -3.10 45.00 2.52
C3 MAN Y . -4.55 45.44 2.19
C4 MAN Y . -5.29 44.39 1.45
C5 MAN Y . -5.17 43.12 2.25
C6 MAN Y . -6.17 42.03 1.75
O1 MAN Y . -3.75 43.71 4.38
O2 MAN Y . -2.38 44.88 1.38
O3 MAN Y . -4.59 46.64 1.37
O4 MAN Y . -6.69 44.77 1.36
O5 MAN Y . -3.81 42.76 2.21
O6 MAN Y . -6.92 42.46 0.61
C1 MAN Y . -1.14 45.52 1.44
C2 MAN Y . -0.81 45.82 0.03
C3 MAN Y . -0.48 44.46 -0.62
C4 MAN Y . 0.68 43.75 0.10
C5 MAN Y . 0.25 43.52 1.50
C6 MAN Y . 1.42 43.03 2.32
O2 MAN Y . 0.25 46.66 0.08
O3 MAN Y . -0.14 44.62 -1.96
O4 MAN Y . 0.97 42.54 -0.55
O5 MAN Y . -0.09 44.73 2.06
O6 MAN Y . 2.48 43.85 2.08
C1 MAN Y . 0.51 47.41 -1.07
C2 MAN Y . 1.47 48.49 -0.67
C3 MAN Y . 0.80 49.42 0.30
C4 MAN Y . -0.41 49.99 -0.38
C5 MAN Y . -1.30 48.87 -0.66
C6 MAN Y . -2.64 49.40 -1.16
O2 MAN Y . 1.87 49.21 -1.81
O3 MAN Y . 1.70 50.46 0.60
O4 MAN Y . -1.08 50.84 0.48
O5 MAN Y . -0.68 47.95 -1.56
O6 MAN Y . -2.54 49.77 -2.52
C1 MAN Y . 3.29 49.23 -1.99
C2 MAN Y . 3.66 50.00 -3.25
C3 MAN Y . 3.41 49.21 -4.49
C4 MAN Y . 4.10 47.89 -4.35
C5 MAN Y . 3.51 47.19 -3.13
C6 MAN Y . 4.20 45.86 -2.94
O2 MAN Y . 4.98 50.35 -3.20
O3 MAN Y . 3.94 49.90 -5.58
O4 MAN Y . 3.91 47.16 -5.52
O5 MAN Y . 3.79 47.93 -2.01
O6 MAN Y . 5.58 46.04 -2.96
C1 MAN Z . -11.15 27.22 -26.86
C2 MAN Z . -10.73 26.67 -28.22
C3 MAN Z . -9.85 25.46 -28.03
C4 MAN Z . -8.71 25.80 -27.16
C5 MAN Z . -9.24 26.27 -25.81
C6 MAN Z . -8.07 26.62 -24.89
O1 MAN Z . -12.01 26.33 -26.28
O2 MAN Z . -10.16 27.70 -29.06
O3 MAN Z . -9.41 25.01 -29.26
O4 MAN Z . -7.90 24.69 -27.01
O5 MAN Z . -10.05 27.38 -25.97
O6 MAN Z . -7.19 27.50 -25.46
C1 MAN Z . -9.75 27.41 -30.44
C2 MAN Z . -9.03 28.62 -31.02
C3 MAN Z . -9.97 29.76 -30.95
C4 MAN Z . -11.27 29.38 -31.65
C5 MAN Z . -11.78 28.05 -31.22
C6 MAN Z . -12.91 27.61 -32.12
O2 MAN Z . -8.56 28.37 -32.35
O3 MAN Z . -9.41 30.75 -31.64
O4 MAN Z . -12.31 30.33 -31.34
O5 MAN Z . -10.78 27.08 -31.35
O6 MAN Z . -13.59 26.59 -31.46
C1 MAN Z . -7.22 28.96 -32.59
C2 MAN Z . -6.69 28.88 -34.00
C3 MAN Z . -6.38 27.44 -34.40
C4 MAN Z . -5.48 26.79 -33.37
C5 MAN Z . -6.08 27.01 -32.03
C6 MAN Z . -5.16 26.45 -30.98
O2 MAN Z . -5.48 29.53 -34.01
O3 MAN Z . -5.77 27.35 -35.67
O4 MAN Z . -5.46 25.45 -33.66
O5 MAN Z . -6.29 28.37 -31.78
O6 MAN Z . -3.93 27.09 -31.01
C1 MAN Z . -5.34 30.36 -35.08
C2 MAN Z . -4.17 31.32 -34.94
C3 MAN Z . -4.40 32.20 -33.72
C4 MAN Z . -5.74 32.87 -33.79
C5 MAN Z . -6.77 31.84 -33.99
C6 MAN Z . -8.17 32.50 -34.03
O2 MAN Z . -4.14 32.09 -36.06
O3 MAN Z . -3.46 33.18 -33.71
O4 MAN Z . -6.00 33.51 -32.59
O5 MAN Z . -6.48 31.21 -35.21
O6 MAN Z . -8.57 32.80 -35.36
C1 MAN AA . 16.36 2.36 41.99
C2 MAN AA . 17.33 2.72 43.04
C3 MAN AA . 16.64 3.44 44.24
C4 MAN AA . 15.68 4.47 43.74
C5 MAN AA . 14.73 3.74 42.85
C6 MAN AA . 13.47 4.57 42.56
O1 MAN AA . 15.61 1.27 42.44
O2 MAN AA . 18.30 3.51 42.47
O3 MAN AA . 17.60 4.00 45.13
O4 MAN AA . 15.00 5.12 44.83
O5 MAN AA . 15.44 3.42 41.69
O6 MAN AA . 12.84 4.12 41.35
C1 MAN AA . 19.46 2.76 42.48
C2 MAN AA . 20.58 3.71 42.56
C3 MAN AA . 20.62 4.52 41.30
C4 MAN AA . 20.74 3.57 40.09
C5 MAN AA . 19.60 2.58 40.10
C6 MAN AA . 19.83 1.58 38.98
O2 MAN AA . 21.73 3.00 42.74
O3 MAN AA . 21.74 5.33 41.35
O4 MAN AA . 20.74 4.26 38.87
O5 MAN AA . 19.53 1.92 41.34
O6 MAN AA . 21.17 1.26 38.89
C1 MAN AA . 22.73 3.70 43.44
C2 MAN AA . 23.89 2.76 43.75
C3 MAN AA . 23.59 1.96 44.99
C4 MAN AA . 23.14 2.91 46.06
C5 MAN AA . 21.89 3.52 45.59
C6 MAN AA . 21.10 4.11 46.76
O2 MAN AA . 25.01 3.53 43.95
O3 MAN AA . 24.71 1.28 45.47
O4 MAN AA . 22.87 2.19 47.21
O5 MAN AA . 22.24 4.42 44.60
O6 MAN AA . 21.24 5.51 46.83
C1 MAN AA . 26.12 3.03 43.32
C2 MAN AA . 27.35 3.76 43.84
C3 MAN AA . 27.45 5.15 43.24
C4 MAN AA . 27.30 5.16 41.74
C5 MAN AA . 26.03 4.46 41.35
C6 MAN AA . 25.93 4.37 39.82
O2 MAN AA . 28.52 3.02 43.61
O3 MAN AA . 28.64 5.71 43.56
O4 MAN AA . 27.18 6.50 41.40
O5 MAN AA . 26.00 3.16 41.92
O6 MAN AA . 27.05 3.74 39.26
C1 MAN BA . 7.18 -25.89 23.81
C2 MAN BA . 8.03 -26.20 24.97
C3 MAN BA . 7.20 -25.85 26.18
C4 MAN BA . 7.00 -24.32 26.20
C5 MAN BA . 6.58 -23.77 24.83
C6 MAN BA . 7.08 -22.33 24.66
O1 MAN BA . 5.87 -26.50 23.92
O2 MAN BA . 9.22 -25.37 24.88
O3 MAN BA . 7.83 -26.31 27.41
O4 MAN BA . 5.98 -23.97 27.16
O5 MAN BA . 7.05 -24.48 23.70
O6 MAN BA . 8.42 -22.32 24.32
C1 MAN BA . 10.30 -26.14 24.35
C2 MAN BA . 11.55 -25.98 25.14
C3 MAN BA . 12.14 -24.61 24.88
C4 MAN BA . 12.44 -24.44 23.47
C5 MAN BA . 11.18 -24.59 22.75
C6 MAN BA . 11.50 -24.42 21.27
O2 MAN BA . 12.40 -26.98 24.66
O3 MAN BA . 13.33 -24.50 25.50
O4 MAN BA . 12.89 -23.14 23.25
O5 MAN BA . 10.61 -25.86 23.03
O6 MAN BA . 12.28 -25.48 20.79
C1 MAN BA . 13.61 -27.21 25.39
C2 MAN BA . 14.34 -28.44 24.81
C3 MAN BA . 13.52 -29.64 25.01
C4 MAN BA . 13.17 -29.74 26.48
C5 MAN BA . 12.40 -28.52 26.80
C6 MAN BA . 11.92 -28.56 28.21
O2 MAN BA . 15.52 -28.63 25.45
O3 MAN BA . 14.19 -30.78 24.56
O4 MAN BA . 12.36 -30.85 26.70
O5 MAN BA . 13.28 -27.43 26.73
O6 MAN BA . 13.05 -28.76 29.03
C1 MAN BA . 16.59 -28.97 24.53
C2 MAN BA . 17.87 -29.36 25.29
C3 MAN BA . 18.46 -28.16 26.01
C4 MAN BA . 18.57 -26.97 25.05
C5 MAN BA . 17.25 -26.77 24.33
C6 MAN BA . 17.42 -25.75 23.22
O2 MAN BA . 18.81 -29.89 24.43
O3 MAN BA . 19.72 -28.45 26.47
O4 MAN BA . 18.95 -25.84 25.75
O5 MAN BA . 16.89 -27.92 23.66
O6 MAN BA . 18.49 -26.14 22.43
C1 EDO CA . -28.10 -1.52 -30.89
O1 EDO CA . -26.96 -2.14 -31.45
C2 EDO CA . -27.95 -0.05 -30.91
O2 EDO CA . -26.59 0.28 -30.80
C1 EDO DA . -16.61 -43.15 2.81
O1 EDO DA . -15.56 -43.40 1.86
C2 EDO DA . -16.20 -43.46 4.19
O2 EDO DA . -14.78 -43.50 4.39
C1 EDO EA . -6.23 -27.57 28.90
O1 EDO EA . -5.07 -26.91 28.40
C2 EDO EA . -6.86 -28.52 27.95
O2 EDO EA . -5.90 -29.09 27.09
C1 EDO FA . 3.54 13.71 -34.14
O1 EDO FA . 2.37 14.31 -33.52
C2 EDO FA . 3.45 12.24 -34.47
O2 EDO FA . 2.16 11.73 -34.19
C1 EDO GA . 20.03 22.45 -7.92
O1 EDO GA . 19.43 23.25 -8.95
C2 EDO GA . 21.37 21.94 -8.32
O2 EDO GA . 21.69 22.43 -9.62
C1 EDO HA . 9.70 23.90 -5.71
O1 EDO HA . 9.89 24.08 -4.31
C2 EDO HA . 10.98 23.82 -6.48
O2 EDO HA . 12.12 23.83 -5.64
C1 EDO IA . 29.63 17.32 31.39
O1 EDO IA . 29.94 18.50 30.78
C2 EDO IA . 30.60 16.32 30.97
O2 EDO IA . 30.28 15.09 31.58
#